data_5IP6
# 
_entry.id   5IP6 
# 
_audit_conform.dict_name       mmcif_pdbx.dic 
_audit_conform.dict_version    5.383 
_audit_conform.dict_location   http://mmcif.pdb.org/dictionaries/ascii/mmcif_pdbx.dic 
# 
loop_
_database_2.database_id 
_database_2.database_code 
_database_2.pdbx_database_accession 
_database_2.pdbx_DOI 
PDB   5IP6         pdb_00005ip6 10.2210/pdb5ip6/pdb 
WWPDB D_1000219215 ?            ?                   
# 
loop_
_pdbx_audit_revision_history.ordinal 
_pdbx_audit_revision_history.data_content_type 
_pdbx_audit_revision_history.major_revision 
_pdbx_audit_revision_history.minor_revision 
_pdbx_audit_revision_history.revision_date 
1 'Structure model' 1 0 2017-03-29 
2 'Structure model' 1 1 2017-05-31 
3 'Structure model' 1 2 2017-09-13 
4 'Structure model' 1 3 2024-01-10 
# 
_pdbx_audit_revision_details.ordinal             1 
_pdbx_audit_revision_details.revision_ordinal    1 
_pdbx_audit_revision_details.data_content_type   'Structure model' 
_pdbx_audit_revision_details.provider            repository 
_pdbx_audit_revision_details.type                'Initial release' 
_pdbx_audit_revision_details.description         ? 
_pdbx_audit_revision_details.details             ? 
# 
loop_
_pdbx_audit_revision_group.ordinal 
_pdbx_audit_revision_group.revision_ordinal 
_pdbx_audit_revision_group.data_content_type 
_pdbx_audit_revision_group.group 
1 2 'Structure model' 'Database references'        
2 3 'Structure model' 'Author supporting evidence' 
3 4 'Structure model' 'Data collection'            
4 4 'Structure model' 'Database references'        
5 4 'Structure model' 'Refinement description'     
# 
loop_
_pdbx_audit_revision_category.ordinal 
_pdbx_audit_revision_category.revision_ordinal 
_pdbx_audit_revision_category.data_content_type 
_pdbx_audit_revision_category.category 
1 3 'Structure model' pdbx_audit_support            
2 4 'Structure model' chem_comp_atom                
3 4 'Structure model' chem_comp_bond                
4 4 'Structure model' database_2                    
5 4 'Structure model' pdbx_initial_refinement_model 
# 
loop_
_pdbx_audit_revision_item.ordinal 
_pdbx_audit_revision_item.revision_ordinal 
_pdbx_audit_revision_item.data_content_type 
_pdbx_audit_revision_item.item 
1 3 'Structure model' '_pdbx_audit_support.funding_organization' 
2 4 'Structure model' '_database_2.pdbx_DOI'                     
3 4 'Structure model' '_database_2.pdbx_database_accession'      
# 
_pdbx_database_status.status_code                     REL 
_pdbx_database_status.status_code_sf                  REL 
_pdbx_database_status.status_code_mr                  ? 
_pdbx_database_status.entry_id                        5IP6 
_pdbx_database_status.recvd_initial_deposition_date   2016-03-09 
_pdbx_database_status.SG_entry                        N 
_pdbx_database_status.deposit_site                    RCSB 
_pdbx_database_status.process_site                    PDBE 
_pdbx_database_status.status_code_cs                  ? 
_pdbx_database_status.methods_development_category    ? 
_pdbx_database_status.pdb_format_compatible           Y 
_pdbx_database_status.status_code_nmr_data            ? 
# 
loop_
_audit_author.name 
_audit_author.pdbx_ordinal 
'Blaszczyk, M.'   1 
'Surade, S.'      2 
'Nikiforov, P.O.' 3 
'Abell, C.'       4 
'Blundell, T.L.'  5 
# 
_citation.abstract                  ? 
_citation.abstract_id_CAS           ? 
_citation.book_id_ISBN              ? 
_citation.book_publisher            ? 
_citation.book_publisher_city       ? 
_citation.book_title                ? 
_citation.coordinate_linkage        ? 
_citation.country                   US 
_citation.database_id_Medline       ? 
_citation.details                   ? 
_citation.id                        primary 
_citation.journal_abbrev            'ACS Chem. Biol.' 
_citation.journal_id_ASTM           ? 
_citation.journal_id_CSD            ? 
_citation.journal_id_ISSN           1554-8937 
_citation.journal_full              ? 
_citation.journal_issue             ? 
_citation.journal_volume            12 
_citation.language                  ? 
_citation.page_first                1390 
_citation.page_last                 1396 
_citation.title                     
;Fragment-Sized EthR Inhibitors Exhibit Exceptionally Strong Ethionamide Boosting Effect in Whole-Cell Mycobacterium tuberculosis Assays.
;
_citation.year                      2017 
_citation.database_id_CSD           ? 
_citation.pdbx_database_id_DOI      10.1021/acschembio.7b00091 
_citation.pdbx_database_id_PubMed   28314097 
_citation.unpublished_flag          ? 
# 
loop_
_citation_author.citation_id 
_citation_author.name 
_citation_author.ordinal 
_citation_author.identifier_ORCID 
primary 'Nikiforov, P.O.' 1  ? 
primary 'Blaszczyk, M.'   2  ? 
primary 'Surade, S.'      3  ? 
primary 'Boshoff, H.I.'   4  ? 
primary 'Sajid, A.'       5  ? 
primary 'Delorme, V.'     6  ? 
primary 'Deboosere, N.'   7  ? 
primary 'Brodin, P.'      8  ? 
primary 'Baulard, A.R.'   9  ? 
primary 'Barry, C.E.'     10 ? 
primary 'Blundell, T.L.'  11 ? 
primary 'Abell, C.'       12 ? 
# 
loop_
_entity.id 
_entity.type 
_entity.src_method 
_entity.pdbx_description 
_entity.formula_weight 
_entity.pdbx_number_of_molecules 
_entity.pdbx_ec 
_entity.pdbx_mutation 
_entity.pdbx_fragment 
_entity.details 
1 polymer     man 'TetR-family transcriptional regulatory repressor protein' 23781.705 1  ? ? ? ? 
2 non-polymer syn 'N-{[(3S)-oxolan-3-yl]methyl}pyrrolidine-1-carboxamide'    198.262   1  ? ? ? ? 
3 water       nat water                                                      18.015    32 ? ? ? ? 
# 
_entity_poly.entity_id                      1 
_entity_poly.type                           'polypeptide(L)' 
_entity_poly.nstd_linkage                   no 
_entity_poly.nstd_monomer                   no 
_entity_poly.pdbx_seq_one_letter_code       
;MTTSAASQASLPRGRRTARPSGDDRELAILATAENLLEDRPLADISVDDLAKGAGISRPTFYFYFPSKEAVLLTLLDRVV
NQADMALQTLAENPADTDRENMWRTGINVFFETFGSHKAVTRAGQAARATSVEVAELWSTFMQKWIAYTAAVIDAERDRG
AAPRTLPAHELATALNLMNERTLFASFAGEQPSVPEARVLDTLVHIWVTSIYGENR
;
_entity_poly.pdbx_seq_one_letter_code_can   
;MTTSAASQASLPRGRRTARPSGDDRELAILATAENLLEDRPLADISVDDLAKGAGISRPTFYFYFPSKEAVLLTLLDRVV
NQADMALQTLAENPADTDRENMWRTGINVFFETFGSHKAVTRAGQAARATSVEVAELWSTFMQKWIAYTAAVIDAERDRG
AAPRTLPAHELATALNLMNERTLFASFAGEQPSVPEARVLDTLVHIWVTSIYGENR
;
_entity_poly.pdbx_strand_id                 A 
_entity_poly.pdbx_target_identifier         ? 
# 
loop_
_pdbx_entity_nonpoly.entity_id 
_pdbx_entity_nonpoly.name 
_pdbx_entity_nonpoly.comp_id 
2 'N-{[(3S)-oxolan-3-yl]methyl}pyrrolidine-1-carboxamide' 6C9 
3 water                                                   HOH 
# 
loop_
_entity_poly_seq.entity_id 
_entity_poly_seq.num 
_entity_poly_seq.mon_id 
_entity_poly_seq.hetero 
1 1   MET n 
1 2   THR n 
1 3   THR n 
1 4   SER n 
1 5   ALA n 
1 6   ALA n 
1 7   SER n 
1 8   GLN n 
1 9   ALA n 
1 10  SER n 
1 11  LEU n 
1 12  PRO n 
1 13  ARG n 
1 14  GLY n 
1 15  ARG n 
1 16  ARG n 
1 17  THR n 
1 18  ALA n 
1 19  ARG n 
1 20  PRO n 
1 21  SER n 
1 22  GLY n 
1 23  ASP n 
1 24  ASP n 
1 25  ARG n 
1 26  GLU n 
1 27  LEU n 
1 28  ALA n 
1 29  ILE n 
1 30  LEU n 
1 31  ALA n 
1 32  THR n 
1 33  ALA n 
1 34  GLU n 
1 35  ASN n 
1 36  LEU n 
1 37  LEU n 
1 38  GLU n 
1 39  ASP n 
1 40  ARG n 
1 41  PRO n 
1 42  LEU n 
1 43  ALA n 
1 44  ASP n 
1 45  ILE n 
1 46  SER n 
1 47  VAL n 
1 48  ASP n 
1 49  ASP n 
1 50  LEU n 
1 51  ALA n 
1 52  LYS n 
1 53  GLY n 
1 54  ALA n 
1 55  GLY n 
1 56  ILE n 
1 57  SER n 
1 58  ARG n 
1 59  PRO n 
1 60  THR n 
1 61  PHE n 
1 62  TYR n 
1 63  PHE n 
1 64  TYR n 
1 65  PHE n 
1 66  PRO n 
1 67  SER n 
1 68  LYS n 
1 69  GLU n 
1 70  ALA n 
1 71  VAL n 
1 72  LEU n 
1 73  LEU n 
1 74  THR n 
1 75  LEU n 
1 76  LEU n 
1 77  ASP n 
1 78  ARG n 
1 79  VAL n 
1 80  VAL n 
1 81  ASN n 
1 82  GLN n 
1 83  ALA n 
1 84  ASP n 
1 85  MET n 
1 86  ALA n 
1 87  LEU n 
1 88  GLN n 
1 89  THR n 
1 90  LEU n 
1 91  ALA n 
1 92  GLU n 
1 93  ASN n 
1 94  PRO n 
1 95  ALA n 
1 96  ASP n 
1 97  THR n 
1 98  ASP n 
1 99  ARG n 
1 100 GLU n 
1 101 ASN n 
1 102 MET n 
1 103 TRP n 
1 104 ARG n 
1 105 THR n 
1 106 GLY n 
1 107 ILE n 
1 108 ASN n 
1 109 VAL n 
1 110 PHE n 
1 111 PHE n 
1 112 GLU n 
1 113 THR n 
1 114 PHE n 
1 115 GLY n 
1 116 SER n 
1 117 HIS n 
1 118 LYS n 
1 119 ALA n 
1 120 VAL n 
1 121 THR n 
1 122 ARG n 
1 123 ALA n 
1 124 GLY n 
1 125 GLN n 
1 126 ALA n 
1 127 ALA n 
1 128 ARG n 
1 129 ALA n 
1 130 THR n 
1 131 SER n 
1 132 VAL n 
1 133 GLU n 
1 134 VAL n 
1 135 ALA n 
1 136 GLU n 
1 137 LEU n 
1 138 TRP n 
1 139 SER n 
1 140 THR n 
1 141 PHE n 
1 142 MET n 
1 143 GLN n 
1 144 LYS n 
1 145 TRP n 
1 146 ILE n 
1 147 ALA n 
1 148 TYR n 
1 149 THR n 
1 150 ALA n 
1 151 ALA n 
1 152 VAL n 
1 153 ILE n 
1 154 ASP n 
1 155 ALA n 
1 156 GLU n 
1 157 ARG n 
1 158 ASP n 
1 159 ARG n 
1 160 GLY n 
1 161 ALA n 
1 162 ALA n 
1 163 PRO n 
1 164 ARG n 
1 165 THR n 
1 166 LEU n 
1 167 PRO n 
1 168 ALA n 
1 169 HIS n 
1 170 GLU n 
1 171 LEU n 
1 172 ALA n 
1 173 THR n 
1 174 ALA n 
1 175 LEU n 
1 176 ASN n 
1 177 LEU n 
1 178 MET n 
1 179 ASN n 
1 180 GLU n 
1 181 ARG n 
1 182 THR n 
1 183 LEU n 
1 184 PHE n 
1 185 ALA n 
1 186 SER n 
1 187 PHE n 
1 188 ALA n 
1 189 GLY n 
1 190 GLU n 
1 191 GLN n 
1 192 PRO n 
1 193 SER n 
1 194 VAL n 
1 195 PRO n 
1 196 GLU n 
1 197 ALA n 
1 198 ARG n 
1 199 VAL n 
1 200 LEU n 
1 201 ASP n 
1 202 THR n 
1 203 LEU n 
1 204 VAL n 
1 205 HIS n 
1 206 ILE n 
1 207 TRP n 
1 208 VAL n 
1 209 THR n 
1 210 SER n 
1 211 ILE n 
1 212 TYR n 
1 213 GLY n 
1 214 GLU n 
1 215 ASN n 
1 216 ARG n 
# 
_entity_src_gen.entity_id                          1 
_entity_src_gen.pdbx_src_id                        1 
_entity_src_gen.pdbx_alt_source_flag               sample 
_entity_src_gen.pdbx_seq_type                      'Biological sequence' 
_entity_src_gen.pdbx_beg_seq_num                   1 
_entity_src_gen.pdbx_end_seq_num                   216 
_entity_src_gen.gene_src_common_name               ? 
_entity_src_gen.gene_src_genus                     ? 
_entity_src_gen.pdbx_gene_src_gene                 'ethR, MRA_3895' 
_entity_src_gen.gene_src_species                   ? 
_entity_src_gen.gene_src_strain                    ? 
_entity_src_gen.gene_src_tissue                    ? 
_entity_src_gen.gene_src_tissue_fraction           ? 
_entity_src_gen.gene_src_details                   ? 
_entity_src_gen.pdbx_gene_src_fragment             ? 
_entity_src_gen.pdbx_gene_src_scientific_name      'Mycobacterium tuberculosis (strain ATCC 25177 / H37Ra)' 
_entity_src_gen.pdbx_gene_src_ncbi_taxonomy_id     419947 
_entity_src_gen.pdbx_gene_src_variant              ? 
_entity_src_gen.pdbx_gene_src_cell_line            ? 
_entity_src_gen.pdbx_gene_src_atcc                 ? 
_entity_src_gen.pdbx_gene_src_organ                ? 
_entity_src_gen.pdbx_gene_src_organelle            ? 
_entity_src_gen.pdbx_gene_src_cell                 ? 
_entity_src_gen.pdbx_gene_src_cellular_location    ? 
_entity_src_gen.host_org_common_name               ? 
_entity_src_gen.pdbx_host_org_scientific_name      'Escherichia coli' 
_entity_src_gen.pdbx_host_org_ncbi_taxonomy_id     562 
_entity_src_gen.host_org_genus                     ? 
_entity_src_gen.pdbx_host_org_gene                 ? 
_entity_src_gen.pdbx_host_org_organ                ? 
_entity_src_gen.host_org_species                   ? 
_entity_src_gen.pdbx_host_org_tissue               ? 
_entity_src_gen.pdbx_host_org_tissue_fraction      ? 
_entity_src_gen.pdbx_host_org_strain               ? 
_entity_src_gen.pdbx_host_org_variant              ? 
_entity_src_gen.pdbx_host_org_cell_line            ? 
_entity_src_gen.pdbx_host_org_atcc                 ? 
_entity_src_gen.pdbx_host_org_culture_collection   ? 
_entity_src_gen.pdbx_host_org_cell                 ? 
_entity_src_gen.pdbx_host_org_organelle            ? 
_entity_src_gen.pdbx_host_org_cellular_location    ? 
_entity_src_gen.pdbx_host_org_vector_type          ? 
_entity_src_gen.pdbx_host_org_vector               ? 
_entity_src_gen.host_org_details                   ? 
_entity_src_gen.expression_system_id               ? 
_entity_src_gen.plasmid_name                       ? 
_entity_src_gen.plasmid_details                    ? 
_entity_src_gen.pdbx_description                   ? 
# 
loop_
_chem_comp.id 
_chem_comp.type 
_chem_comp.mon_nstd_flag 
_chem_comp.name 
_chem_comp.pdbx_synonyms 
_chem_comp.formula 
_chem_comp.formula_weight 
6C9 non-polymer         . 'N-{[(3S)-oxolan-3-yl]methyl}pyrrolidine-1-carboxamide' ? 'C10 H18 N2 O2'  198.262 
ALA 'L-peptide linking' y ALANINE                                                 ? 'C3 H7 N O2'     89.093  
ARG 'L-peptide linking' y ARGININE                                                ? 'C6 H15 N4 O2 1' 175.209 
ASN 'L-peptide linking' y ASPARAGINE                                              ? 'C4 H8 N2 O3'    132.118 
ASP 'L-peptide linking' y 'ASPARTIC ACID'                                         ? 'C4 H7 N O4'     133.103 
GLN 'L-peptide linking' y GLUTAMINE                                               ? 'C5 H10 N2 O3'   146.144 
GLU 'L-peptide linking' y 'GLUTAMIC ACID'                                         ? 'C5 H9 N O4'     147.129 
GLY 'peptide linking'   y GLYCINE                                                 ? 'C2 H5 N O2'     75.067  
HIS 'L-peptide linking' y HISTIDINE                                               ? 'C6 H10 N3 O2 1' 156.162 
HOH non-polymer         . WATER                                                   ? 'H2 O'           18.015  
ILE 'L-peptide linking' y ISOLEUCINE                                              ? 'C6 H13 N O2'    131.173 
LEU 'L-peptide linking' y LEUCINE                                                 ? 'C6 H13 N O2'    131.173 
LYS 'L-peptide linking' y LYSINE                                                  ? 'C6 H15 N2 O2 1' 147.195 
MET 'L-peptide linking' y METHIONINE                                              ? 'C5 H11 N O2 S'  149.211 
PHE 'L-peptide linking' y PHENYLALANINE                                           ? 'C9 H11 N O2'    165.189 
PRO 'L-peptide linking' y PROLINE                                                 ? 'C5 H9 N O2'     115.130 
SER 'L-peptide linking' y SERINE                                                  ? 'C3 H7 N O3'     105.093 
THR 'L-peptide linking' y THREONINE                                               ? 'C4 H9 N O3'     119.119 
TRP 'L-peptide linking' y TRYPTOPHAN                                              ? 'C11 H12 N2 O2'  204.225 
TYR 'L-peptide linking' y TYROSINE                                                ? 'C9 H11 N O3'    181.189 
VAL 'L-peptide linking' y VALINE                                                  ? 'C5 H11 N O2'    117.146 
# 
loop_
_pdbx_poly_seq_scheme.asym_id 
_pdbx_poly_seq_scheme.entity_id 
_pdbx_poly_seq_scheme.seq_id 
_pdbx_poly_seq_scheme.mon_id 
_pdbx_poly_seq_scheme.ndb_seq_num 
_pdbx_poly_seq_scheme.pdb_seq_num 
_pdbx_poly_seq_scheme.auth_seq_num 
_pdbx_poly_seq_scheme.pdb_mon_id 
_pdbx_poly_seq_scheme.auth_mon_id 
_pdbx_poly_seq_scheme.pdb_strand_id 
_pdbx_poly_seq_scheme.pdb_ins_code 
_pdbx_poly_seq_scheme.hetero 
A 1 1   MET 1   1   ?   ?   ?   A . n 
A 1 2   THR 2   2   ?   ?   ?   A . n 
A 1 3   THR 3   3   ?   ?   ?   A . n 
A 1 4   SER 4   4   ?   ?   ?   A . n 
A 1 5   ALA 5   5   ?   ?   ?   A . n 
A 1 6   ALA 6   6   ?   ?   ?   A . n 
A 1 7   SER 7   7   ?   ?   ?   A . n 
A 1 8   GLN 8   8   ?   ?   ?   A . n 
A 1 9   ALA 9   9   ?   ?   ?   A . n 
A 1 10  SER 10  10  ?   ?   ?   A . n 
A 1 11  LEU 11  11  ?   ?   ?   A . n 
A 1 12  PRO 12  12  ?   ?   ?   A . n 
A 1 13  ARG 13  13  ?   ?   ?   A . n 
A 1 14  GLY 14  14  ?   ?   ?   A . n 
A 1 15  ARG 15  15  ?   ?   ?   A . n 
A 1 16  ARG 16  16  ?   ?   ?   A . n 
A 1 17  THR 17  17  ?   ?   ?   A . n 
A 1 18  ALA 18  18  ?   ?   ?   A . n 
A 1 19  ARG 19  19  ?   ?   ?   A . n 
A 1 20  PRO 20  20  ?   ?   ?   A . n 
A 1 21  SER 21  21  ?   ?   ?   A . n 
A 1 22  GLY 22  22  22  GLY GLY A . n 
A 1 23  ASP 23  23  23  ASP ASP A . n 
A 1 24  ASP 24  24  24  ASP ASP A . n 
A 1 25  ARG 25  25  25  ARG ARG A . n 
A 1 26  GLU 26  26  26  GLU GLU A . n 
A 1 27  LEU 27  27  27  LEU LEU A . n 
A 1 28  ALA 28  28  28  ALA ALA A . n 
A 1 29  ILE 29  29  29  ILE ILE A . n 
A 1 30  LEU 30  30  30  LEU LEU A . n 
A 1 31  ALA 31  31  31  ALA ALA A . n 
A 1 32  THR 32  32  32  THR THR A . n 
A 1 33  ALA 33  33  33  ALA ALA A . n 
A 1 34  GLU 34  34  34  GLU GLU A . n 
A 1 35  ASN 35  35  35  ASN ASN A . n 
A 1 36  LEU 36  36  36  LEU LEU A . n 
A 1 37  LEU 37  37  37  LEU LEU A . n 
A 1 38  GLU 38  38  38  GLU GLU A . n 
A 1 39  ASP 39  39  39  ASP ASP A . n 
A 1 40  ARG 40  40  40  ARG ARG A . n 
A 1 41  PRO 41  41  41  PRO PRO A . n 
A 1 42  LEU 42  42  42  LEU LEU A . n 
A 1 43  ALA 43  43  43  ALA ALA A . n 
A 1 44  ASP 44  44  44  ASP ASP A . n 
A 1 45  ILE 45  45  45  ILE ILE A . n 
A 1 46  SER 46  46  46  SER SER A . n 
A 1 47  VAL 47  47  47  VAL VAL A . n 
A 1 48  ASP 48  48  48  ASP ASP A . n 
A 1 49  ASP 49  49  49  ASP ASP A . n 
A 1 50  LEU 50  50  50  LEU LEU A . n 
A 1 51  ALA 51  51  51  ALA ALA A . n 
A 1 52  LYS 52  52  52  LYS LYS A . n 
A 1 53  GLY 53  53  53  GLY GLY A . n 
A 1 54  ALA 54  54  54  ALA ALA A . n 
A 1 55  GLY 55  55  55  GLY GLY A . n 
A 1 56  ILE 56  56  56  ILE ILE A . n 
A 1 57  SER 57  57  57  SER SER A . n 
A 1 58  ARG 58  58  58  ARG ARG A . n 
A 1 59  PRO 59  59  59  PRO PRO A . n 
A 1 60  THR 60  60  60  THR THR A . n 
A 1 61  PHE 61  61  61  PHE PHE A . n 
A 1 62  TYR 62  62  62  TYR TYR A . n 
A 1 63  PHE 63  63  63  PHE PHE A . n 
A 1 64  TYR 64  64  64  TYR TYR A . n 
A 1 65  PHE 65  65  65  PHE PHE A . n 
A 1 66  PRO 66  66  66  PRO PRO A . n 
A 1 67  SER 67  67  67  SER SER A . n 
A 1 68  LYS 68  68  68  LYS LYS A . n 
A 1 69  GLU 69  69  69  GLU GLU A . n 
A 1 70  ALA 70  70  70  ALA ALA A . n 
A 1 71  VAL 71  71  71  VAL VAL A . n 
A 1 72  LEU 72  72  72  LEU LEU A . n 
A 1 73  LEU 73  73  73  LEU LEU A . n 
A 1 74  THR 74  74  74  THR THR A . n 
A 1 75  LEU 75  75  75  LEU LEU A . n 
A 1 76  LEU 76  76  76  LEU LEU A . n 
A 1 77  ASP 77  77  77  ASP ASP A . n 
A 1 78  ARG 78  78  78  ARG ARG A . n 
A 1 79  VAL 79  79  79  VAL VAL A . n 
A 1 80  VAL 80  80  80  VAL VAL A . n 
A 1 81  ASN 81  81  81  ASN ASN A . n 
A 1 82  GLN 82  82  82  GLN GLN A . n 
A 1 83  ALA 83  83  83  ALA ALA A . n 
A 1 84  ASP 84  84  84  ASP ASP A . n 
A 1 85  MET 85  85  85  MET MET A . n 
A 1 86  ALA 86  86  86  ALA ALA A . n 
A 1 87  LEU 87  87  87  LEU LEU A . n 
A 1 88  GLN 88  88  88  GLN GLN A . n 
A 1 89  THR 89  89  89  THR THR A . n 
A 1 90  LEU 90  90  90  LEU LEU A . n 
A 1 91  ALA 91  91  91  ALA ALA A . n 
A 1 92  GLU 92  92  92  GLU GLU A . n 
A 1 93  ASN 93  93  93  ASN ASN A . n 
A 1 94  PRO 94  94  94  PRO PRO A . n 
A 1 95  ALA 95  95  95  ALA ALA A . n 
A 1 96  ASP 96  96  96  ASP ASP A . n 
A 1 97  THR 97  97  97  THR THR A . n 
A 1 98  ASP 98  98  98  ASP ASP A . n 
A 1 99  ARG 99  99  99  ARG ARG A . n 
A 1 100 GLU 100 100 100 GLU GLU A . n 
A 1 101 ASN 101 101 101 ASN ASN A . n 
A 1 102 MET 102 102 102 MET MET A . n 
A 1 103 TRP 103 103 103 TRP TRP A . n 
A 1 104 ARG 104 104 104 ARG ARG A . n 
A 1 105 THR 105 105 105 THR THR A . n 
A 1 106 GLY 106 106 106 GLY GLY A . n 
A 1 107 ILE 107 107 107 ILE ILE A . n 
A 1 108 ASN 108 108 108 ASN ASN A . n 
A 1 109 VAL 109 109 109 VAL VAL A . n 
A 1 110 PHE 110 110 110 PHE PHE A . n 
A 1 111 PHE 111 111 111 PHE PHE A . n 
A 1 112 GLU 112 112 112 GLU GLU A . n 
A 1 113 THR 113 113 113 THR THR A . n 
A 1 114 PHE 114 114 114 PHE PHE A . n 
A 1 115 GLY 115 115 115 GLY GLY A . n 
A 1 116 SER 116 116 116 SER SER A . n 
A 1 117 HIS 117 117 117 HIS HIS A . n 
A 1 118 LYS 118 118 118 LYS LYS A . n 
A 1 119 ALA 119 119 119 ALA ALA A . n 
A 1 120 VAL 120 120 120 VAL VAL A . n 
A 1 121 THR 121 121 121 THR THR A . n 
A 1 122 ARG 122 122 122 ARG ARG A . n 
A 1 123 ALA 123 123 123 ALA ALA A . n 
A 1 124 GLY 124 124 124 GLY GLY A . n 
A 1 125 GLN 125 125 125 GLN GLN A . n 
A 1 126 ALA 126 126 126 ALA ALA A . n 
A 1 127 ALA 127 127 127 ALA ALA A . n 
A 1 128 ARG 128 128 128 ARG ARG A . n 
A 1 129 ALA 129 129 129 ALA ALA A . n 
A 1 130 THR 130 130 130 THR THR A . n 
A 1 131 SER 131 131 131 SER SER A . n 
A 1 132 VAL 132 132 132 VAL VAL A . n 
A 1 133 GLU 133 133 133 GLU GLU A . n 
A 1 134 VAL 134 134 134 VAL VAL A . n 
A 1 135 ALA 135 135 135 ALA ALA A . n 
A 1 136 GLU 136 136 136 GLU GLU A . n 
A 1 137 LEU 137 137 137 LEU LEU A . n 
A 1 138 TRP 138 138 138 TRP TRP A . n 
A 1 139 SER 139 139 139 SER SER A . n 
A 1 140 THR 140 140 140 THR THR A . n 
A 1 141 PHE 141 141 141 PHE PHE A . n 
A 1 142 MET 142 142 142 MET MET A . n 
A 1 143 GLN 143 143 143 GLN GLN A . n 
A 1 144 LYS 144 144 144 LYS LYS A . n 
A 1 145 TRP 145 145 145 TRP TRP A . n 
A 1 146 ILE 146 146 146 ILE ILE A . n 
A 1 147 ALA 147 147 147 ALA ALA A . n 
A 1 148 TYR 148 148 148 TYR TYR A . n 
A 1 149 THR 149 149 149 THR THR A . n 
A 1 150 ALA 150 150 150 ALA ALA A . n 
A 1 151 ALA 151 151 151 ALA ALA A . n 
A 1 152 VAL 152 152 152 VAL VAL A . n 
A 1 153 ILE 153 153 153 ILE ILE A . n 
A 1 154 ASP 154 154 154 ASP ASP A . n 
A 1 155 ALA 155 155 155 ALA ALA A . n 
A 1 156 GLU 156 156 156 GLU GLU A . n 
A 1 157 ARG 157 157 157 ARG ARG A . n 
A 1 158 ASP 158 158 158 ASP ASP A . n 
A 1 159 ARG 159 159 159 ARG ARG A . n 
A 1 160 GLY 160 160 160 GLY GLY A . n 
A 1 161 ALA 161 161 161 ALA ALA A . n 
A 1 162 ALA 162 162 162 ALA ALA A . n 
A 1 163 PRO 163 163 163 PRO PRO A . n 
A 1 164 ARG 164 164 164 ARG ARG A . n 
A 1 165 THR 165 165 165 THR THR A . n 
A 1 166 LEU 166 166 166 LEU LEU A . n 
A 1 167 PRO 167 167 167 PRO PRO A . n 
A 1 168 ALA 168 168 168 ALA ALA A . n 
A 1 169 HIS 169 169 169 HIS HIS A . n 
A 1 170 GLU 170 170 170 GLU GLU A . n 
A 1 171 LEU 171 171 171 LEU LEU A . n 
A 1 172 ALA 172 172 172 ALA ALA A . n 
A 1 173 THR 173 173 173 THR THR A . n 
A 1 174 ALA 174 174 174 ALA ALA A . n 
A 1 175 LEU 175 175 175 LEU LEU A . n 
A 1 176 ASN 176 176 176 ASN ASN A . n 
A 1 177 LEU 177 177 177 LEU LEU A . n 
A 1 178 MET 178 178 178 MET MET A . n 
A 1 179 ASN 179 179 179 ASN ASN A . n 
A 1 180 GLU 180 180 180 GLU GLU A . n 
A 1 181 ARG 181 181 181 ARG ARG A . n 
A 1 182 THR 182 182 182 THR THR A . n 
A 1 183 LEU 183 183 183 LEU LEU A . n 
A 1 184 PHE 184 184 184 PHE PHE A . n 
A 1 185 ALA 185 185 185 ALA ALA A . n 
A 1 186 SER 186 186 186 SER SER A . n 
A 1 187 PHE 187 187 187 PHE PHE A . n 
A 1 188 ALA 188 188 188 ALA ALA A . n 
A 1 189 GLY 189 189 189 GLY GLY A . n 
A 1 190 GLU 190 190 190 GLU GLU A . n 
A 1 191 GLN 191 191 191 GLN GLN A . n 
A 1 192 PRO 192 192 192 PRO PRO A . n 
A 1 193 SER 193 193 193 SER SER A . n 
A 1 194 VAL 194 194 194 VAL VAL A . n 
A 1 195 PRO 195 195 195 PRO PRO A . n 
A 1 196 GLU 196 196 196 GLU GLU A . n 
A 1 197 ALA 197 197 197 ALA ALA A . n 
A 1 198 ARG 198 198 198 ARG ARG A . n 
A 1 199 VAL 199 199 199 VAL VAL A . n 
A 1 200 LEU 200 200 200 LEU LEU A . n 
A 1 201 ASP 201 201 201 ASP ASP A . n 
A 1 202 THR 202 202 202 THR THR A . n 
A 1 203 LEU 203 203 203 LEU LEU A . n 
A 1 204 VAL 204 204 204 VAL VAL A . n 
A 1 205 HIS 205 205 205 HIS HIS A . n 
A 1 206 ILE 206 206 206 ILE ILE A . n 
A 1 207 TRP 207 207 207 TRP TRP A . n 
A 1 208 VAL 208 208 208 VAL VAL A . n 
A 1 209 THR 209 209 209 THR THR A . n 
A 1 210 SER 210 210 210 SER SER A . n 
A 1 211 ILE 211 211 211 ILE ILE A . n 
A 1 212 TYR 212 212 212 TYR TYR A . n 
A 1 213 GLY 213 213 213 GLY GLY A . n 
A 1 214 GLU 214 214 214 GLU GLU A . n 
A 1 215 ASN 215 215 ?   ?   ?   A . n 
A 1 216 ARG 216 216 ?   ?   ?   A . n 
# 
loop_
_pdbx_nonpoly_scheme.asym_id 
_pdbx_nonpoly_scheme.entity_id 
_pdbx_nonpoly_scheme.mon_id 
_pdbx_nonpoly_scheme.ndb_seq_num 
_pdbx_nonpoly_scheme.pdb_seq_num 
_pdbx_nonpoly_scheme.auth_seq_num 
_pdbx_nonpoly_scheme.pdb_mon_id 
_pdbx_nonpoly_scheme.auth_mon_id 
_pdbx_nonpoly_scheme.pdb_strand_id 
_pdbx_nonpoly_scheme.pdb_ins_code 
B 2 6C9 1  301 1  6C9 p98 A . 
C 3 HOH 1  401 14 HOH HOH A . 
C 3 HOH 2  402 10 HOH HOH A . 
C 3 HOH 3  403 6  HOH HOH A . 
C 3 HOH 4  404 9  HOH HOH A . 
C 3 HOH 5  405 30 HOH HOH A . 
C 3 HOH 6  406 16 HOH HOH A . 
C 3 HOH 7  407 15 HOH HOH A . 
C 3 HOH 8  408 24 HOH HOH A . 
C 3 HOH 9  409 17 HOH HOH A . 
C 3 HOH 10 410 18 HOH HOH A . 
C 3 HOH 11 411 29 HOH HOH A . 
C 3 HOH 12 412 1  HOH HOH A . 
C 3 HOH 13 413 31 HOH HOH A . 
C 3 HOH 14 414 12 HOH HOH A . 
C 3 HOH 15 415 27 HOH HOH A . 
C 3 HOH 16 416 4  HOH HOH A . 
C 3 HOH 17 417 7  HOH HOH A . 
C 3 HOH 18 418 21 HOH HOH A . 
C 3 HOH 19 419 11 HOH HOH A . 
C 3 HOH 20 420 19 HOH HOH A . 
C 3 HOH 21 421 3  HOH HOH A . 
C 3 HOH 22 422 5  HOH HOH A . 
C 3 HOH 23 423 2  HOH HOH A . 
C 3 HOH 24 424 28 HOH HOH A . 
C 3 HOH 25 425 20 HOH HOH A . 
C 3 HOH 26 426 13 HOH HOH A . 
C 3 HOH 27 427 8  HOH HOH A . 
C 3 HOH 28 428 22 HOH HOH A . 
C 3 HOH 29 429 23 HOH HOH A . 
C 3 HOH 30 430 25 HOH HOH A . 
C 3 HOH 31 431 32 HOH HOH A . 
C 3 HOH 32 432 26 HOH HOH A . 
# 
loop_
_pdbx_unobs_or_zero_occ_atoms.id 
_pdbx_unobs_or_zero_occ_atoms.PDB_model_num 
_pdbx_unobs_or_zero_occ_atoms.polymer_flag 
_pdbx_unobs_or_zero_occ_atoms.occupancy_flag 
_pdbx_unobs_or_zero_occ_atoms.auth_asym_id 
_pdbx_unobs_or_zero_occ_atoms.auth_comp_id 
_pdbx_unobs_or_zero_occ_atoms.auth_seq_id 
_pdbx_unobs_or_zero_occ_atoms.PDB_ins_code 
_pdbx_unobs_or_zero_occ_atoms.auth_atom_id 
_pdbx_unobs_or_zero_occ_atoms.label_alt_id 
_pdbx_unobs_or_zero_occ_atoms.label_asym_id 
_pdbx_unobs_or_zero_occ_atoms.label_comp_id 
_pdbx_unobs_or_zero_occ_atoms.label_seq_id 
_pdbx_unobs_or_zero_occ_atoms.label_atom_id 
1  1 Y 1 A ASP 23  ? CG  ? A ASP 23  CG  
2  1 Y 1 A ASP 23  ? OD1 ? A ASP 23  OD1 
3  1 Y 1 A ASP 23  ? OD2 ? A ASP 23  OD2 
4  1 Y 1 A ARG 25  ? CD  ? A ARG 25  CD  
5  1 Y 1 A ARG 25  ? NE  ? A ARG 25  NE  
6  1 Y 1 A ARG 25  ? CZ  ? A ARG 25  CZ  
7  1 Y 1 A ARG 25  ? NH1 ? A ARG 25  NH1 
8  1 Y 1 A ARG 25  ? NH2 ? A ARG 25  NH2 
9  1 Y 1 A LYS 52  ? CG  ? A LYS 52  CG  
10 1 Y 1 A LYS 52  ? CD  ? A LYS 52  CD  
11 1 Y 1 A LYS 52  ? CE  ? A LYS 52  CE  
12 1 Y 1 A LYS 52  ? NZ  ? A LYS 52  NZ  
13 1 Y 1 A GLU 214 ? CD  ? A GLU 214 CD  
14 1 Y 1 A GLU 214 ? OE1 ? A GLU 214 OE1 
15 1 Y 1 A GLU 214 ? OE2 ? A GLU 214 OE2 
# 
loop_
_software.citation_id 
_software.classification 
_software.compiler_name 
_software.compiler_version 
_software.contact_author 
_software.contact_author_email 
_software.date 
_software.description 
_software.dependencies 
_software.hardware 
_software.language 
_software.location 
_software.mods 
_software.name 
_software.os 
_software.os_version 
_software.type 
_software.version 
_software.pdbx_ordinal 
? 'data scaling'    ? ? ? ? ? ? ? ? ? ? ? Aimless     ? ? ? 0.1.27   1 
? phasing           ? ? ? ? ? ? ? ? ? ? ? PHASER      ? ? ? .        2 
? refinement        ? ? ? ? ? ? ? ? ? ? ? REFMAC      ? ? ? 5.6.0117 3 
? 'data extraction' ? ? ? ? ? ? ? ? ? ? ? PDB_EXTRACT ? ? ? 3.20     4 
? 'data reduction'  ? ? ? ? ? ? ? ? ? ? ? xia2        ? ? ? .        5 
# 
_cell.angle_alpha                  90.000 
_cell.angle_alpha_esd              ? 
_cell.angle_beta                   90.000 
_cell.angle_beta_esd               ? 
_cell.angle_gamma                  90.000 
_cell.angle_gamma_esd              ? 
_cell.entry_id                     5IP6 
_cell.details                      ? 
_cell.formula_units_Z              ? 
_cell.length_a                     120.810 
_cell.length_a_esd                 ? 
_cell.length_b                     120.810 
_cell.length_b_esd                 ? 
_cell.length_c                     33.736 
_cell.length_c_esd                 ? 
_cell.volume                       ? 
_cell.volume_esd                   ? 
_cell.Z_PDB                        8 
_cell.reciprocal_angle_alpha       ? 
_cell.reciprocal_angle_beta        ? 
_cell.reciprocal_angle_gamma       ? 
_cell.reciprocal_angle_alpha_esd   ? 
_cell.reciprocal_angle_beta_esd    ? 
_cell.reciprocal_angle_gamma_esd   ? 
_cell.reciprocal_length_a          ? 
_cell.reciprocal_length_b          ? 
_cell.reciprocal_length_c          ? 
_cell.reciprocal_length_a_esd      ? 
_cell.reciprocal_length_b_esd      ? 
_cell.reciprocal_length_c_esd      ? 
_cell.pdbx_unique_axis             ? 
# 
_symmetry.entry_id                         5IP6 
_symmetry.cell_setting                     ? 
_symmetry.Int_Tables_number                92 
_symmetry.space_group_name_Hall            ? 
_symmetry.space_group_name_H-M             'P 41 21 2' 
_symmetry.pdbx_full_space_group_name_H-M   ? 
# 
_exptl.absorpt_coefficient_mu     ? 
_exptl.absorpt_correction_T_max   ? 
_exptl.absorpt_correction_T_min   ? 
_exptl.absorpt_correction_type    ? 
_exptl.absorpt_process_details    ? 
_exptl.entry_id                   5IP6 
_exptl.crystals_number            1 
_exptl.details                    ? 
_exptl.method                     'X-RAY DIFFRACTION' 
_exptl.method_details             ? 
# 
_exptl_crystal.colour                      ? 
_exptl_crystal.density_diffrn              ? 
_exptl_crystal.density_Matthews            2.59 
_exptl_crystal.density_method              ? 
_exptl_crystal.density_percent_sol         52.47 
_exptl_crystal.description                 ? 
_exptl_crystal.F_000                       ? 
_exptl_crystal.id                          1 
_exptl_crystal.preparation                 ? 
_exptl_crystal.size_max                    ? 
_exptl_crystal.size_mid                    ? 
_exptl_crystal.size_min                    ? 
_exptl_crystal.size_rad                    ? 
_exptl_crystal.colour_lustre               ? 
_exptl_crystal.colour_modifier             ? 
_exptl_crystal.colour_primary              ? 
_exptl_crystal.density_meas                ? 
_exptl_crystal.density_meas_esd            ? 
_exptl_crystal.density_meas_gt             ? 
_exptl_crystal.density_meas_lt             ? 
_exptl_crystal.density_meas_temp           ? 
_exptl_crystal.density_meas_temp_esd       ? 
_exptl_crystal.density_meas_temp_gt        ? 
_exptl_crystal.density_meas_temp_lt        ? 
_exptl_crystal.pdbx_crystal_image_url      ? 
_exptl_crystal.pdbx_crystal_image_format   ? 
_exptl_crystal.pdbx_mosaicity              ? 
_exptl_crystal.pdbx_mosaicity_esd          ? 
# 
_exptl_crystal_grow.apparatus       ? 
_exptl_crystal_grow.atmosphere      ? 
_exptl_crystal_grow.crystal_id      1 
_exptl_crystal_grow.details         ? 
_exptl_crystal_grow.method          'VAPOR DIFFUSION, SITTING DROP' 
_exptl_crystal_grow.method_ref      ? 
_exptl_crystal_grow.pH              6.5 
_exptl_crystal_grow.pressure        ? 
_exptl_crystal_grow.pressure_esd    ? 
_exptl_crystal_grow.seeding         ? 
_exptl_crystal_grow.seeding_ref     ? 
_exptl_crystal_grow.temp            298 
_exptl_crystal_grow.temp_details    ? 
_exptl_crystal_grow.temp_esd        ? 
_exptl_crystal_grow.time            ? 
_exptl_crystal_grow.pdbx_details    'Ammonium sulphate, Glycerol, MES' 
_exptl_crystal_grow.pdbx_pH_range   '6.3 - 6.5' 
# 
_diffrn.ambient_environment    ? 
_diffrn.ambient_temp           100 
_diffrn.ambient_temp_details   ? 
_diffrn.ambient_temp_esd       ? 
_diffrn.crystal_id             1 
_diffrn.crystal_support        ? 
_diffrn.crystal_treatment      ? 
_diffrn.details                ? 
_diffrn.id                     1 
_diffrn.ambient_pressure       ? 
_diffrn.ambient_pressure_esd   ? 
_diffrn.ambient_pressure_gt    ? 
_diffrn.ambient_pressure_lt    ? 
_diffrn.ambient_temp_gt        ? 
_diffrn.ambient_temp_lt        ? 
# 
_diffrn_detector.details                      ? 
_diffrn_detector.detector                     CCD 
_diffrn_detector.diffrn_id                    1 
_diffrn_detector.type                         'ADSC QUANTUM 315' 
_diffrn_detector.area_resol_mean              ? 
_diffrn_detector.dtime                        ? 
_diffrn_detector.pdbx_frames_total            ? 
_diffrn_detector.pdbx_collection_time_total   ? 
_diffrn_detector.pdbx_collection_date         2013-02-09 
# 
_diffrn_radiation.collimation                      ? 
_diffrn_radiation.diffrn_id                        1 
_diffrn_radiation.filter_edge                      ? 
_diffrn_radiation.inhomogeneity                    ? 
_diffrn_radiation.monochromator                    ? 
_diffrn_radiation.polarisn_norm                    ? 
_diffrn_radiation.polarisn_ratio                   ? 
_diffrn_radiation.probe                            ? 
_diffrn_radiation.type                             ? 
_diffrn_radiation.xray_symbol                      ? 
_diffrn_radiation.wavelength_id                    1 
_diffrn_radiation.pdbx_monochromatic_or_laue_m_l   M 
_diffrn_radiation.pdbx_wavelength_list             ? 
_diffrn_radiation.pdbx_wavelength                  ? 
_diffrn_radiation.pdbx_diffrn_protocol             'SINGLE WAVELENGTH' 
_diffrn_radiation.pdbx_analyzer                    ? 
_diffrn_radiation.pdbx_scattering_type             x-ray 
# 
_diffrn_radiation_wavelength.id           1 
_diffrn_radiation_wavelength.wavelength   0.9830 
_diffrn_radiation_wavelength.wt           1.0 
# 
_diffrn_source.current                     ? 
_diffrn_source.details                     ? 
_diffrn_source.diffrn_id                   1 
_diffrn_source.power                       ? 
_diffrn_source.size                        ? 
_diffrn_source.source                      SYNCHROTRON 
_diffrn_source.target                      ? 
_diffrn_source.type                        'DIAMOND BEAMLINE I03' 
_diffrn_source.voltage                     ? 
_diffrn_source.take-off_angle              ? 
_diffrn_source.pdbx_wavelength_list        0.9830 
_diffrn_source.pdbx_wavelength             ? 
_diffrn_source.pdbx_synchrotron_beamline   I03 
_diffrn_source.pdbx_synchrotron_site       Diamond 
# 
_reflns.B_iso_Wilson_estimate            ? 
_reflns.entry_id                         5IP6 
_reflns.data_reduction_details           ? 
_reflns.data_reduction_method            ? 
_reflns.d_resolution_high                1.910 
_reflns.d_resolution_low                 85.730 
_reflns.details                          ? 
_reflns.limit_h_max                      ? 
_reflns.limit_h_min                      ? 
_reflns.limit_k_max                      ? 
_reflns.limit_k_min                      ? 
_reflns.limit_l_max                      ? 
_reflns.limit_l_min                      ? 
_reflns.number_all                       ? 
_reflns.number_obs                       39652 
_reflns.observed_criterion               ? 
_reflns.observed_criterion_F_max         ? 
_reflns.observed_criterion_F_min         ? 
_reflns.observed_criterion_I_max         ? 
_reflns.observed_criterion_I_min         ? 
_reflns.observed_criterion_sigma_F       ? 
_reflns.observed_criterion_sigma_I       ? 
_reflns.percent_possible_obs             99.700 
_reflns.R_free_details                   ? 
_reflns.Rmerge_F_all                     ? 
_reflns.Rmerge_F_obs                     ? 
_reflns.Friedel_coverage                 ? 
_reflns.number_gt                        ? 
_reflns.threshold_expression             ? 
_reflns.pdbx_redundancy                  6.400 
_reflns.pdbx_Rmerge_I_obs                0.100 
_reflns.pdbx_Rmerge_I_all                ? 
_reflns.pdbx_Rsym_value                  ? 
_reflns.pdbx_netI_over_av_sigmaI         ? 
_reflns.pdbx_netI_over_sigmaI            14.700 
_reflns.pdbx_res_netI_over_av_sigmaI_2   ? 
_reflns.pdbx_res_netI_over_sigmaI_2      ? 
_reflns.pdbx_chi_squared                 ? 
_reflns.pdbx_scaling_rejects             ? 
_reflns.pdbx_d_res_high_opt              ? 
_reflns.pdbx_d_res_low_opt               ? 
_reflns.pdbx_d_res_opt_method            ? 
_reflns.phase_calculation_details        ? 
_reflns.pdbx_Rrim_I_all                  0.110 
_reflns.pdbx_Rpim_I_all                  0.043 
_reflns.pdbx_d_opt                       ? 
_reflns.pdbx_number_measured_all         252285 
_reflns.pdbx_diffrn_id                   1 
_reflns.pdbx_ordinal                     1 
_reflns.pdbx_CC_half                     0.998 
_reflns.pdbx_R_split                     ? 
# 
loop_
_reflns_shell.d_res_high 
_reflns_shell.d_res_low 
_reflns_shell.meanI_over_sigI_all 
_reflns_shell.meanI_over_sigI_obs 
_reflns_shell.number_measured_all 
_reflns_shell.number_measured_obs 
_reflns_shell.number_possible 
_reflns_shell.number_unique_all 
_reflns_shell.number_unique_obs 
_reflns_shell.percent_possible_all 
_reflns_shell.percent_possible_obs 
_reflns_shell.Rmerge_F_all 
_reflns_shell.Rmerge_F_obs 
_reflns_shell.Rmerge_I_all 
_reflns_shell.Rmerge_I_obs 
_reflns_shell.meanI_over_sigI_gt 
_reflns_shell.meanI_over_uI_all 
_reflns_shell.meanI_over_uI_gt 
_reflns_shell.number_measured_gt 
_reflns_shell.number_unique_gt 
_reflns_shell.percent_possible_gt 
_reflns_shell.Rmerge_F_gt 
_reflns_shell.Rmerge_I_gt 
_reflns_shell.pdbx_redundancy 
_reflns_shell.pdbx_Rsym_value 
_reflns_shell.pdbx_chi_squared 
_reflns_shell.pdbx_netI_over_sigmaI_all 
_reflns_shell.pdbx_netI_over_sigmaI_obs 
_reflns_shell.pdbx_Rrim_I_all 
_reflns_shell.pdbx_Rpim_I_all 
_reflns_shell.pdbx_rejects 
_reflns_shell.pdbx_ordinal 
_reflns_shell.pdbx_diffrn_id 
_reflns_shell.pdbx_CC_half 
_reflns_shell.pdbx_R_split 
1.910 1.960  ? ? ? ? ? ? ? 99.800 ? ? ? ? 1.207 ? ? ? ? ? ? ? ? 6.700 ? ? ? ? ? ? ? 1 1 ? ? 
8.550 85.730 ? ? ? ? ? ? ? 98.100 ? ? ? ? 0.029 ? ? ? ? ? ? ? ? 5.200 ? ? ? ? ? ? ? 2 1 ? ? 
# 
_refine.aniso_B[1][1]                            -0.0600 
_refine.aniso_B[1][2]                            0.0000 
_refine.aniso_B[1][3]                            0.0000 
_refine.aniso_B[2][2]                            -0.0600 
_refine.aniso_B[2][3]                            0.0000 
_refine.aniso_B[3][3]                            0.1300 
_refine.B_iso_max                                92.340 
_refine.B_iso_mean                               28.8070 
_refine.B_iso_min                                9.950 
_refine.correlation_coeff_Fo_to_Fc               0.9420 
_refine.correlation_coeff_Fo_to_Fc_free          0.9340 
_refine.details                                  
'HYDROGENS HAVE BEEN USED IF PRESENT IN THE INPUT U VALUES      : REFINED INDIVIDUALLY' 
_refine.diff_density_max                         ? 
_refine.diff_density_max_esd                     ? 
_refine.diff_density_min                         ? 
_refine.diff_density_min_esd                     ? 
_refine.diff_density_rms                         ? 
_refine.diff_density_rms_esd                     ? 
_refine.entry_id                                 5IP6 
_refine.pdbx_refine_id                           'X-RAY DIFFRACTION' 
_refine.ls_abs_structure_details                 ? 
_refine.ls_abs_structure_Flack                   ? 
_refine.ls_abs_structure_Flack_esd               ? 
_refine.ls_abs_structure_Rogers                  ? 
_refine.ls_abs_structure_Rogers_esd              ? 
_refine.ls_d_res_high                            1.9300 
_refine.ls_d_res_low                             29.4500 
_refine.ls_extinction_coef                       ? 
_refine.ls_extinction_coef_esd                   ? 
_refine.ls_extinction_expression                 ? 
_refine.ls_extinction_method                     ? 
_refine.ls_goodness_of_fit_all                   ? 
_refine.ls_goodness_of_fit_all_esd               ? 
_refine.ls_goodness_of_fit_obs                   ? 
_refine.ls_goodness_of_fit_obs_esd               ? 
_refine.ls_hydrogen_treatment                    ? 
_refine.ls_matrix_type                           ? 
_refine.ls_number_constraints                    ? 
_refine.ls_number_parameters                     ? 
_refine.ls_number_reflns_all                     ? 
_refine.ls_number_reflns_obs                     18331 
_refine.ls_number_reflns_R_free                  989 
_refine.ls_number_reflns_R_work                  ? 
_refine.ls_number_restraints                     ? 
_refine.ls_percent_reflns_obs                    99.1800 
_refine.ls_percent_reflns_R_free                 5.1000 
_refine.ls_R_factor_all                          ? 
_refine.ls_R_factor_obs                          0.2142 
_refine.ls_R_factor_R_free                       0.2383 
_refine.ls_R_factor_R_free_error                 ? 
_refine.ls_R_factor_R_free_error_details         ? 
_refine.ls_R_factor_R_work                       0.2128 
_refine.ls_R_Fsqd_factor_obs                     ? 
_refine.ls_R_I_factor_obs                        ? 
_refine.ls_redundancy_reflns_all                 ? 
_refine.ls_redundancy_reflns_obs                 ? 
_refine.ls_restrained_S_all                      ? 
_refine.ls_restrained_S_obs                      ? 
_refine.ls_shift_over_esd_max                    ? 
_refine.ls_shift_over_esd_mean                   ? 
_refine.ls_structure_factor_coef                 ? 
_refine.ls_weighting_details                     ? 
_refine.ls_weighting_scheme                      ? 
_refine.ls_wR_factor_all                         ? 
_refine.ls_wR_factor_obs                         ? 
_refine.ls_wR_factor_R_free                      ? 
_refine.ls_wR_factor_R_work                      ? 
_refine.occupancy_max                            ? 
_refine.occupancy_min                            ? 
_refine.solvent_model_details                    ? 
_refine.solvent_model_param_bsol                 ? 
_refine.solvent_model_param_ksol                 ? 
_refine.ls_R_factor_gt                           ? 
_refine.ls_goodness_of_fit_gt                    ? 
_refine.ls_goodness_of_fit_ref                   ? 
_refine.ls_shift_over_su_max                     ? 
_refine.ls_shift_over_su_max_lt                  ? 
_refine.ls_shift_over_su_mean                    ? 
_refine.ls_shift_over_su_mean_lt                 ? 
_refine.pdbx_ls_sigma_I                          ? 
_refine.pdbx_ls_sigma_F                          0.000 
_refine.pdbx_ls_sigma_Fsqd                       ? 
_refine.pdbx_data_cutoff_high_absF               ? 
_refine.pdbx_data_cutoff_high_rms_absF           ? 
_refine.pdbx_data_cutoff_low_absF                ? 
_refine.pdbx_isotropic_thermal_model             ? 
_refine.pdbx_ls_cross_valid_method               THROUGHOUT 
_refine.pdbx_method_to_determine_struct          'MOLECULAR REPLACEMENT' 
_refine.pdbx_starting_model                      1T56 
_refine.pdbx_stereochemistry_target_values       ? 
_refine.pdbx_R_Free_selection_details            RANDOM 
_refine.pdbx_stereochem_target_val_spec_case     ? 
_refine.pdbx_overall_ESU_R                       0.1480 
_refine.pdbx_overall_ESU_R_Free                  0.1360 
_refine.pdbx_solvent_vdw_probe_radii             1.2000 
_refine.pdbx_solvent_ion_probe_radii             0.8000 
_refine.pdbx_solvent_shrinkage_radii             0.8000 
_refine.pdbx_real_space_R                        ? 
_refine.pdbx_density_correlation                 ? 
_refine.pdbx_pd_number_of_powder_patterns        ? 
_refine.pdbx_pd_number_of_points                 ? 
_refine.pdbx_pd_meas_number_of_points            ? 
_refine.pdbx_pd_proc_ls_prof_R_factor            ? 
_refine.pdbx_pd_proc_ls_prof_wR_factor           ? 
_refine.pdbx_pd_Marquardt_correlation_coeff      ? 
_refine.pdbx_pd_Fsqrd_R_factor                   ? 
_refine.pdbx_pd_ls_matrix_band_width             ? 
_refine.pdbx_overall_phase_error                 ? 
_refine.pdbx_overall_SU_R_free_Cruickshank_DPI   ? 
_refine.pdbx_overall_SU_R_free_Blow_DPI          ? 
_refine.pdbx_overall_SU_R_Blow_DPI               ? 
_refine.pdbx_TLS_residual_ADP_flag               ? 
_refine.pdbx_diffrn_id                           1 
_refine.overall_SU_B                             3.1430 
_refine.overall_SU_ML                            0.0920 
_refine.overall_SU_R_Cruickshank_DPI             0.1485 
_refine.overall_SU_R_free                        ? 
_refine.overall_FOM_free_R_set                   ? 
_refine.overall_FOM_work_R_set                   ? 
_refine.pdbx_average_fsc_overall                 ? 
_refine.pdbx_average_fsc_work                    ? 
_refine.pdbx_average_fsc_free                    ? 
# 
_refine_hist.cycle_id                         final 
_refine_hist.pdbx_refine_id                   'X-RAY DIFFRACTION' 
_refine_hist.d_res_high                       1.9300 
_refine_hist.d_res_low                        29.4500 
_refine_hist.pdbx_number_atoms_ligand         14 
_refine_hist.number_atoms_solvent             32 
_refine_hist.number_atoms_total               1533 
_refine_hist.pdbx_number_residues_total       193 
_refine_hist.pdbx_B_iso_mean_ligand           28.24 
_refine_hist.pdbx_B_iso_mean_solvent          28.51 
_refine_hist.pdbx_number_atoms_protein        1487 
_refine_hist.pdbx_number_atoms_nucleic_acid   0 
# 
loop_
_refine_ls_restr.pdbx_refine_id 
_refine_ls_restr.criterion 
_refine_ls_restr.dev_ideal 
_refine_ls_restr.dev_ideal_target 
_refine_ls_restr.number 
_refine_ls_restr.rejects 
_refine_ls_restr.type 
_refine_ls_restr.weight 
_refine_ls_restr.pdbx_restraint_function 
'X-RAY DIFFRACTION' ? 0.022  0.020  1533 ? r_bond_refined_d       ? ? 
'X-RAY DIFFRACTION' ? 2.067  1.955  2091 ? r_angle_refined_deg    ? ? 
'X-RAY DIFFRACTION' ? 4.975  5.000  192  ? r_dihedral_angle_1_deg ? ? 
'X-RAY DIFFRACTION' ? 38.085 23.714 70   ? r_dihedral_angle_2_deg ? ? 
'X-RAY DIFFRACTION' ? 14.285 15.000 233  ? r_dihedral_angle_3_deg ? ? 
'X-RAY DIFFRACTION' ? 14.015 15.000 12   ? r_dihedral_angle_4_deg ? ? 
'X-RAY DIFFRACTION' ? 0.138  0.200  242  ? r_chiral_restr         ? ? 
'X-RAY DIFFRACTION' ? 0.012  0.021  1173 ? r_gen_planes_refined   ? ? 
# 
_refine_ls_shell.pdbx_refine_id                   'X-RAY DIFFRACTION' 
_refine_ls_shell.d_res_high                       1.9280 
_refine_ls_shell.d_res_low                        1.9780 
_refine_ls_shell.number_reflns_all                1148 
_refine_ls_shell.number_reflns_obs                ? 
_refine_ls_shell.number_reflns_R_free             57 
_refine_ls_shell.number_reflns_R_work             1091 
_refine_ls_shell.percent_reflns_obs               89.1300 
_refine_ls_shell.percent_reflns_R_free            ? 
_refine_ls_shell.R_factor_all                     ? 
_refine_ls_shell.R_factor_obs                     ? 
_refine_ls_shell.R_factor_R_free                  0.3710 
_refine_ls_shell.R_factor_R_free_error            ? 
_refine_ls_shell.R_factor_R_work                  0.3250 
_refine_ls_shell.redundancy_reflns_all            ? 
_refine_ls_shell.redundancy_reflns_obs            ? 
_refine_ls_shell.wR_factor_all                    ? 
_refine_ls_shell.wR_factor_obs                    ? 
_refine_ls_shell.wR_factor_R_free                 ? 
_refine_ls_shell.wR_factor_R_work                 ? 
_refine_ls_shell.pdbx_total_number_of_bins_used   20 
_refine_ls_shell.pdbx_phase_error                 ? 
_refine_ls_shell.pdbx_fsc_work                    ? 
_refine_ls_shell.pdbx_fsc_free                    ? 
# 
_struct.entry_id                     5IP6 
_struct.title                        
;Structure of Transcriptional Regulatory Repressor Protein - EthR from Mycobacterium Tuberculosis in complex with N-((tetrahydrofuran-3-yl)methyl)pyrrolidine-1-carboxamide at 1.93A resolution
;
_struct.pdbx_model_details           ? 
_struct.pdbx_formula_weight          ? 
_struct.pdbx_formula_weight_method   ? 
_struct.pdbx_model_type_details      ? 
_struct.pdbx_CASP_flag               ? 
# 
_struct_keywords.entry_id        5IP6 
_struct_keywords.text            'EthR, transcription, represor, boosting effect' 
_struct_keywords.pdbx_keywords   TRANSCRIPTION 
# 
loop_
_struct_asym.id 
_struct_asym.pdbx_blank_PDB_chainid_flag 
_struct_asym.pdbx_modified 
_struct_asym.entity_id 
_struct_asym.details 
A N N 1 ? 
B N N 2 ? 
C N N 3 ? 
# 
_struct_ref.id                         1 
_struct_ref.db_name                    UNP 
_struct_ref.db_code                    A5U9I4_MYCTA 
_struct_ref.pdbx_db_accession          A5U9I4 
_struct_ref.pdbx_db_isoform            ? 
_struct_ref.entity_id                  1 
_struct_ref.pdbx_seq_one_letter_code   
;MTTSAASQASLPRGRRTARPSGDDRELAILATAENLLEDRPLADISVDDLAKGAGISRPTFYFYFPSKEAVLLTLLDRVV
NQADMALQTLAENPADTDRENMWRTGINVFFETFGSHKAVTRAGQAARATSVEVAELWSTFMQKWIAYTAAVIDAERDRG
AAPRTLPAHELATALNLMNERTLFASFAGEQPSVPEARVLDTLVHIWVTSIYGENR
;
_struct_ref.pdbx_align_begin           1 
# 
_struct_ref_seq.align_id                      1 
_struct_ref_seq.ref_id                        1 
_struct_ref_seq.pdbx_PDB_id_code              5IP6 
_struct_ref_seq.pdbx_strand_id                A 
_struct_ref_seq.seq_align_beg                 1 
_struct_ref_seq.pdbx_seq_align_beg_ins_code   ? 
_struct_ref_seq.seq_align_end                 216 
_struct_ref_seq.pdbx_seq_align_end_ins_code   ? 
_struct_ref_seq.pdbx_db_accession             A5U9I4 
_struct_ref_seq.db_align_beg                  1 
_struct_ref_seq.pdbx_db_align_beg_ins_code    ? 
_struct_ref_seq.db_align_end                  216 
_struct_ref_seq.pdbx_db_align_end_ins_code    ? 
_struct_ref_seq.pdbx_auth_seq_align_beg       1 
_struct_ref_seq.pdbx_auth_seq_align_end       216 
# 
_pdbx_struct_assembly.id                   1 
_pdbx_struct_assembly.details              author_and_software_defined_assembly 
_pdbx_struct_assembly.method_details       PISA 
_pdbx_struct_assembly.oligomeric_details   dimeric 
_pdbx_struct_assembly.oligomeric_count     2 
# 
loop_
_pdbx_struct_assembly_prop.biol_id 
_pdbx_struct_assembly_prop.type 
_pdbx_struct_assembly_prop.value 
_pdbx_struct_assembly_prop.details 
1 'ABSA (A^2)' 2770  ? 
1 MORE         -22   ? 
1 'SSA (A^2)'  17150 ? 
# 
_pdbx_struct_assembly_gen.assembly_id       1 
_pdbx_struct_assembly_gen.oper_expression   1,2 
_pdbx_struct_assembly_gen.asym_id_list      A,B,C 
# 
loop_
_pdbx_struct_oper_list.id 
_pdbx_struct_oper_list.type 
_pdbx_struct_oper_list.name 
_pdbx_struct_oper_list.symmetry_operation 
_pdbx_struct_oper_list.matrix[1][1] 
_pdbx_struct_oper_list.matrix[1][2] 
_pdbx_struct_oper_list.matrix[1][3] 
_pdbx_struct_oper_list.vector[1] 
_pdbx_struct_oper_list.matrix[2][1] 
_pdbx_struct_oper_list.matrix[2][2] 
_pdbx_struct_oper_list.matrix[2][3] 
_pdbx_struct_oper_list.vector[2] 
_pdbx_struct_oper_list.matrix[3][1] 
_pdbx_struct_oper_list.matrix[3][2] 
_pdbx_struct_oper_list.matrix[3][3] 
_pdbx_struct_oper_list.vector[3] 
1 'identity operation'         1_555 x,y,z    1.0000000000  0.0000000000  0.0000000000  0.0000000000 0.0000000000  1.0000000000  0.0000000000 0.0000000000   0.0000000000  0.0000000000 1.0000000000 0.0000000000 
2 'crystal symmetry operation' 7_556 y,x,-z+1 -0.5509253519 -0.0167962260 -0.8343854885 2.8068153318 -0.0167962260 -0.9993717899 0.0312075671 -24.8436824897 -0.8343854885 0.0312075671 0.5502971418 2.0107608966 
# 
loop_
_struct_conf.conf_type_id 
_struct_conf.id 
_struct_conf.pdbx_PDB_helix_id 
_struct_conf.beg_label_comp_id 
_struct_conf.beg_label_asym_id 
_struct_conf.beg_label_seq_id 
_struct_conf.pdbx_beg_PDB_ins_code 
_struct_conf.end_label_comp_id 
_struct_conf.end_label_asym_id 
_struct_conf.end_label_seq_id 
_struct_conf.pdbx_end_PDB_ins_code 
_struct_conf.beg_auth_comp_id 
_struct_conf.beg_auth_asym_id 
_struct_conf.beg_auth_seq_id 
_struct_conf.end_auth_comp_id 
_struct_conf.end_auth_asym_id 
_struct_conf.end_auth_seq_id 
_struct_conf.pdbx_PDB_helix_class 
_struct_conf.details 
_struct_conf.pdbx_PDB_helix_length 
HELX_P HELX_P1  AA1 GLY A 22  ? GLU A 38  ? GLY A 22  GLU A 38  1 ? 17 
HELX_P HELX_P2  AA2 PRO A 41  ? ILE A 45  ? PRO A 41  ILE A 45  5 ? 5  
HELX_P HELX_P3  AA3 SER A 46  ? GLY A 55  ? SER A 46  GLY A 55  1 ? 10 
HELX_P HELX_P4  AA4 SER A 57  ? PHE A 65  ? SER A 57  PHE A 65  1 ? 9  
HELX_P HELX_P5  AA5 SER A 67  ? GLU A 92  ? SER A 67  GLU A 92  1 ? 26 
HELX_P HELX_P6  AA6 ASP A 98  ? SER A 116 ? ASP A 98  SER A 116 1 ? 19 
HELX_P HELX_P7  AA7 HIS A 117 ? ARG A 128 ? HIS A 117 ARG A 128 1 ? 12 
HELX_P HELX_P8  AA8 SER A 131 ? ARG A 159 ? SER A 131 ARG A 159 1 ? 29 
HELX_P HELX_P9  AA9 PRO A 167 ? GLY A 189 ? PRO A 167 GLY A 189 1 ? 23 
HELX_P HELX_P10 AB1 PRO A 195 ? GLY A 213 ? PRO A 195 GLY A 213 1 ? 19 
# 
_struct_conf_type.id          HELX_P 
_struct_conf_type.criteria    ? 
_struct_conf_type.reference   ? 
# 
_struct_mon_prot_cis.pdbx_id                1 
_struct_mon_prot_cis.label_comp_id          GLN 
_struct_mon_prot_cis.label_seq_id           191 
_struct_mon_prot_cis.label_asym_id          A 
_struct_mon_prot_cis.label_alt_id           . 
_struct_mon_prot_cis.pdbx_PDB_ins_code      ? 
_struct_mon_prot_cis.auth_comp_id           GLN 
_struct_mon_prot_cis.auth_seq_id            191 
_struct_mon_prot_cis.auth_asym_id           A 
_struct_mon_prot_cis.pdbx_label_comp_id_2   PRO 
_struct_mon_prot_cis.pdbx_label_seq_id_2    192 
_struct_mon_prot_cis.pdbx_label_asym_id_2   A 
_struct_mon_prot_cis.pdbx_PDB_ins_code_2    ? 
_struct_mon_prot_cis.pdbx_auth_comp_id_2    PRO 
_struct_mon_prot_cis.pdbx_auth_seq_id_2     192 
_struct_mon_prot_cis.pdbx_auth_asym_id_2    A 
_struct_mon_prot_cis.pdbx_PDB_model_num     1 
_struct_mon_prot_cis.pdbx_omega_angle       4.82 
# 
_struct_site.id                   AC1 
_struct_site.pdbx_evidence_code   Software 
_struct_site.pdbx_auth_asym_id    A 
_struct_site.pdbx_auth_comp_id    6C9 
_struct_site.pdbx_auth_seq_id     301 
_struct_site.pdbx_auth_ins_code   ? 
_struct_site.pdbx_num_residues    7 
_struct_site.details              'binding site for residue 6C9 A 301' 
# 
loop_
_struct_site_gen.id 
_struct_site_gen.site_id 
_struct_site_gen.pdbx_num_res 
_struct_site_gen.label_comp_id 
_struct_site_gen.label_asym_id 
_struct_site_gen.label_seq_id 
_struct_site_gen.pdbx_auth_ins_code 
_struct_site_gen.auth_comp_id 
_struct_site_gen.auth_asym_id 
_struct_site_gen.auth_seq_id 
_struct_site_gen.label_atom_id 
_struct_site_gen.label_alt_id 
_struct_site_gen.symmetry 
_struct_site_gen.details 
1 AC1 7 PHE A 110 ? PHE A 110 . ? 1_555 ? 
2 AC1 7 MET A 142 ? MET A 142 . ? 1_555 ? 
3 AC1 7 TRP A 145 ? TRP A 145 . ? 1_555 ? 
4 AC1 7 THR A 149 ? THR A 149 . ? 1_555 ? 
5 AC1 7 ASN A 176 ? ASN A 176 . ? 1_555 ? 
6 AC1 7 ASN A 179 ? ASN A 179 . ? 1_555 ? 
7 AC1 7 TRP A 207 ? TRP A 207 . ? 1_555 ? 
# 
loop_
_pdbx_validate_rmsd_bond.id 
_pdbx_validate_rmsd_bond.PDB_model_num 
_pdbx_validate_rmsd_bond.auth_atom_id_1 
_pdbx_validate_rmsd_bond.auth_asym_id_1 
_pdbx_validate_rmsd_bond.auth_comp_id_1 
_pdbx_validate_rmsd_bond.auth_seq_id_1 
_pdbx_validate_rmsd_bond.PDB_ins_code_1 
_pdbx_validate_rmsd_bond.label_alt_id_1 
_pdbx_validate_rmsd_bond.auth_atom_id_2 
_pdbx_validate_rmsd_bond.auth_asym_id_2 
_pdbx_validate_rmsd_bond.auth_comp_id_2 
_pdbx_validate_rmsd_bond.auth_seq_id_2 
_pdbx_validate_rmsd_bond.PDB_ins_code_2 
_pdbx_validate_rmsd_bond.label_alt_id_2 
_pdbx_validate_rmsd_bond.bond_value 
_pdbx_validate_rmsd_bond.bond_target_value 
_pdbx_validate_rmsd_bond.bond_deviation 
_pdbx_validate_rmsd_bond.bond_standard_deviation 
_pdbx_validate_rmsd_bond.linker_flag 
1 1 CE2 A TRP 103 ? ? CD2 A TRP 103 ? ? 1.492 1.409 0.083 0.012 N 
2 1 CE2 A TRP 138 ? ? CD2 A TRP 138 ? ? 1.485 1.409 0.076 0.012 N 
3 1 CG  A HIS 169 ? ? CD2 A HIS 169 ? ? 1.412 1.354 0.058 0.009 N 
4 1 CG  A HIS 205 ? ? CD2 A HIS 205 ? ? 1.409 1.354 0.055 0.009 N 
# 
loop_
_pdbx_validate_rmsd_angle.id 
_pdbx_validate_rmsd_angle.PDB_model_num 
_pdbx_validate_rmsd_angle.auth_atom_id_1 
_pdbx_validate_rmsd_angle.auth_asym_id_1 
_pdbx_validate_rmsd_angle.auth_comp_id_1 
_pdbx_validate_rmsd_angle.auth_seq_id_1 
_pdbx_validate_rmsd_angle.PDB_ins_code_1 
_pdbx_validate_rmsd_angle.label_alt_id_1 
_pdbx_validate_rmsd_angle.auth_atom_id_2 
_pdbx_validate_rmsd_angle.auth_asym_id_2 
_pdbx_validate_rmsd_angle.auth_comp_id_2 
_pdbx_validate_rmsd_angle.auth_seq_id_2 
_pdbx_validate_rmsd_angle.PDB_ins_code_2 
_pdbx_validate_rmsd_angle.label_alt_id_2 
_pdbx_validate_rmsd_angle.auth_atom_id_3 
_pdbx_validate_rmsd_angle.auth_asym_id_3 
_pdbx_validate_rmsd_angle.auth_comp_id_3 
_pdbx_validate_rmsd_angle.auth_seq_id_3 
_pdbx_validate_rmsd_angle.PDB_ins_code_3 
_pdbx_validate_rmsd_angle.label_alt_id_3 
_pdbx_validate_rmsd_angle.angle_value 
_pdbx_validate_rmsd_angle.angle_target_value 
_pdbx_validate_rmsd_angle.angle_deviation 
_pdbx_validate_rmsd_angle.angle_standard_deviation 
_pdbx_validate_rmsd_angle.linker_flag 
1 1 NE A ARG 104 ? ? CZ A ARG 104 ? ? NH2 A ARG 104 ? ? 116.78 120.30 -3.52 0.50 N 
2 1 NE A ARG 198 ? ? CZ A ARG 198 ? ? NH2 A ARG 198 ? ? 123.78 120.30 3.48  0.50 N 
# 
_pdbx_validate_torsion.id              1 
_pdbx_validate_torsion.PDB_model_num   1 
_pdbx_validate_torsion.auth_comp_id    THR 
_pdbx_validate_torsion.auth_asym_id    A 
_pdbx_validate_torsion.auth_seq_id     165 
_pdbx_validate_torsion.PDB_ins_code    ? 
_pdbx_validate_torsion.label_alt_id    ? 
_pdbx_validate_torsion.phi             -98.59 
_pdbx_validate_torsion.psi             -107.38 
# 
_pdbx_struct_special_symmetry.id              1 
_pdbx_struct_special_symmetry.PDB_model_num   1 
_pdbx_struct_special_symmetry.auth_asym_id    A 
_pdbx_struct_special_symmetry.auth_comp_id    HOH 
_pdbx_struct_special_symmetry.auth_seq_id     401 
_pdbx_struct_special_symmetry.PDB_ins_code    ? 
_pdbx_struct_special_symmetry.label_asym_id   C 
_pdbx_struct_special_symmetry.label_comp_id   HOH 
_pdbx_struct_special_symmetry.label_seq_id    . 
# 
_phasing.method   MR 
# 
loop_
_pdbx_unobs_or_zero_occ_residues.id 
_pdbx_unobs_or_zero_occ_residues.PDB_model_num 
_pdbx_unobs_or_zero_occ_residues.polymer_flag 
_pdbx_unobs_or_zero_occ_residues.occupancy_flag 
_pdbx_unobs_or_zero_occ_residues.auth_asym_id 
_pdbx_unobs_or_zero_occ_residues.auth_comp_id 
_pdbx_unobs_or_zero_occ_residues.auth_seq_id 
_pdbx_unobs_or_zero_occ_residues.PDB_ins_code 
_pdbx_unobs_or_zero_occ_residues.label_asym_id 
_pdbx_unobs_or_zero_occ_residues.label_comp_id 
_pdbx_unobs_or_zero_occ_residues.label_seq_id 
1  1 Y 1 A MET 1   ? A MET 1   
2  1 Y 1 A THR 2   ? A THR 2   
3  1 Y 1 A THR 3   ? A THR 3   
4  1 Y 1 A SER 4   ? A SER 4   
5  1 Y 1 A ALA 5   ? A ALA 5   
6  1 Y 1 A ALA 6   ? A ALA 6   
7  1 Y 1 A SER 7   ? A SER 7   
8  1 Y 1 A GLN 8   ? A GLN 8   
9  1 Y 1 A ALA 9   ? A ALA 9   
10 1 Y 1 A SER 10  ? A SER 10  
11 1 Y 1 A LEU 11  ? A LEU 11  
12 1 Y 1 A PRO 12  ? A PRO 12  
13 1 Y 1 A ARG 13  ? A ARG 13  
14 1 Y 1 A GLY 14  ? A GLY 14  
15 1 Y 1 A ARG 15  ? A ARG 15  
16 1 Y 1 A ARG 16  ? A ARG 16  
17 1 Y 1 A THR 17  ? A THR 17  
18 1 Y 1 A ALA 18  ? A ALA 18  
19 1 Y 1 A ARG 19  ? A ARG 19  
20 1 Y 1 A PRO 20  ? A PRO 20  
21 1 Y 1 A SER 21  ? A SER 21  
22 1 Y 1 A ASN 215 ? A ASN 215 
23 1 Y 1 A ARG 216 ? A ARG 216 
# 
loop_
_chem_comp_atom.comp_id 
_chem_comp_atom.atom_id 
_chem_comp_atom.type_symbol 
_chem_comp_atom.pdbx_aromatic_flag 
_chem_comp_atom.pdbx_stereo_config 
_chem_comp_atom.pdbx_ordinal 
6C9 O1   O N N 1   
6C9 C5   C N N 2   
6C9 N1   N N N 3   
6C9 C9   C N N 4   
6C9 C8   C N N 5   
6C9 C7   C N N 6   
6C9 C6   C N N 7   
6C9 N    N N N 8   
6C9 C4   C N N 9   
6C9 C1   C N S 10  
6C9 C2   C N N 11  
6C9 O    O N N 12  
6C9 C3   C N N 13  
6C9 C    C N N 14  
6C9 H1   H N N 15  
6C9 H2   H N N 16  
6C9 H3   H N N 17  
6C9 H4   H N N 18  
6C9 H5   H N N 19  
6C9 H6   H N N 20  
6C9 H7   H N N 21  
6C9 H8   H N N 22  
6C9 H9   H N N 23  
6C9 H10  H N N 24  
6C9 H11  H N N 25  
6C9 H12  H N N 26  
6C9 H13  H N N 27  
6C9 H14  H N N 28  
6C9 H15  H N N 29  
6C9 H16  H N N 30  
6C9 H17  H N N 31  
6C9 H18  H N N 32  
ALA N    N N N 33  
ALA CA   C N S 34  
ALA C    C N N 35  
ALA O    O N N 36  
ALA CB   C N N 37  
ALA OXT  O N N 38  
ALA H    H N N 39  
ALA H2   H N N 40  
ALA HA   H N N 41  
ALA HB1  H N N 42  
ALA HB2  H N N 43  
ALA HB3  H N N 44  
ALA HXT  H N N 45  
ARG N    N N N 46  
ARG CA   C N S 47  
ARG C    C N N 48  
ARG O    O N N 49  
ARG CB   C N N 50  
ARG CG   C N N 51  
ARG CD   C N N 52  
ARG NE   N N N 53  
ARG CZ   C N N 54  
ARG NH1  N N N 55  
ARG NH2  N N N 56  
ARG OXT  O N N 57  
ARG H    H N N 58  
ARG H2   H N N 59  
ARG HA   H N N 60  
ARG HB2  H N N 61  
ARG HB3  H N N 62  
ARG HG2  H N N 63  
ARG HG3  H N N 64  
ARG HD2  H N N 65  
ARG HD3  H N N 66  
ARG HE   H N N 67  
ARG HH11 H N N 68  
ARG HH12 H N N 69  
ARG HH21 H N N 70  
ARG HH22 H N N 71  
ARG HXT  H N N 72  
ASN N    N N N 73  
ASN CA   C N S 74  
ASN C    C N N 75  
ASN O    O N N 76  
ASN CB   C N N 77  
ASN CG   C N N 78  
ASN OD1  O N N 79  
ASN ND2  N N N 80  
ASN OXT  O N N 81  
ASN H    H N N 82  
ASN H2   H N N 83  
ASN HA   H N N 84  
ASN HB2  H N N 85  
ASN HB3  H N N 86  
ASN HD21 H N N 87  
ASN HD22 H N N 88  
ASN HXT  H N N 89  
ASP N    N N N 90  
ASP CA   C N S 91  
ASP C    C N N 92  
ASP O    O N N 93  
ASP CB   C N N 94  
ASP CG   C N N 95  
ASP OD1  O N N 96  
ASP OD2  O N N 97  
ASP OXT  O N N 98  
ASP H    H N N 99  
ASP H2   H N N 100 
ASP HA   H N N 101 
ASP HB2  H N N 102 
ASP HB3  H N N 103 
ASP HD2  H N N 104 
ASP HXT  H N N 105 
GLN N    N N N 106 
GLN CA   C N S 107 
GLN C    C N N 108 
GLN O    O N N 109 
GLN CB   C N N 110 
GLN CG   C N N 111 
GLN CD   C N N 112 
GLN OE1  O N N 113 
GLN NE2  N N N 114 
GLN OXT  O N N 115 
GLN H    H N N 116 
GLN H2   H N N 117 
GLN HA   H N N 118 
GLN HB2  H N N 119 
GLN HB3  H N N 120 
GLN HG2  H N N 121 
GLN HG3  H N N 122 
GLN HE21 H N N 123 
GLN HE22 H N N 124 
GLN HXT  H N N 125 
GLU N    N N N 126 
GLU CA   C N S 127 
GLU C    C N N 128 
GLU O    O N N 129 
GLU CB   C N N 130 
GLU CG   C N N 131 
GLU CD   C N N 132 
GLU OE1  O N N 133 
GLU OE2  O N N 134 
GLU OXT  O N N 135 
GLU H    H N N 136 
GLU H2   H N N 137 
GLU HA   H N N 138 
GLU HB2  H N N 139 
GLU HB3  H N N 140 
GLU HG2  H N N 141 
GLU HG3  H N N 142 
GLU HE2  H N N 143 
GLU HXT  H N N 144 
GLY N    N N N 145 
GLY CA   C N N 146 
GLY C    C N N 147 
GLY O    O N N 148 
GLY OXT  O N N 149 
GLY H    H N N 150 
GLY H2   H N N 151 
GLY HA2  H N N 152 
GLY HA3  H N N 153 
GLY HXT  H N N 154 
HIS N    N N N 155 
HIS CA   C N S 156 
HIS C    C N N 157 
HIS O    O N N 158 
HIS CB   C N N 159 
HIS CG   C Y N 160 
HIS ND1  N Y N 161 
HIS CD2  C Y N 162 
HIS CE1  C Y N 163 
HIS NE2  N Y N 164 
HIS OXT  O N N 165 
HIS H    H N N 166 
HIS H2   H N N 167 
HIS HA   H N N 168 
HIS HB2  H N N 169 
HIS HB3  H N N 170 
HIS HD1  H N N 171 
HIS HD2  H N N 172 
HIS HE1  H N N 173 
HIS HE2  H N N 174 
HIS HXT  H N N 175 
HOH O    O N N 176 
HOH H1   H N N 177 
HOH H2   H N N 178 
ILE N    N N N 179 
ILE CA   C N S 180 
ILE C    C N N 181 
ILE O    O N N 182 
ILE CB   C N S 183 
ILE CG1  C N N 184 
ILE CG2  C N N 185 
ILE CD1  C N N 186 
ILE OXT  O N N 187 
ILE H    H N N 188 
ILE H2   H N N 189 
ILE HA   H N N 190 
ILE HB   H N N 191 
ILE HG12 H N N 192 
ILE HG13 H N N 193 
ILE HG21 H N N 194 
ILE HG22 H N N 195 
ILE HG23 H N N 196 
ILE HD11 H N N 197 
ILE HD12 H N N 198 
ILE HD13 H N N 199 
ILE HXT  H N N 200 
LEU N    N N N 201 
LEU CA   C N S 202 
LEU C    C N N 203 
LEU O    O N N 204 
LEU CB   C N N 205 
LEU CG   C N N 206 
LEU CD1  C N N 207 
LEU CD2  C N N 208 
LEU OXT  O N N 209 
LEU H    H N N 210 
LEU H2   H N N 211 
LEU HA   H N N 212 
LEU HB2  H N N 213 
LEU HB3  H N N 214 
LEU HG   H N N 215 
LEU HD11 H N N 216 
LEU HD12 H N N 217 
LEU HD13 H N N 218 
LEU HD21 H N N 219 
LEU HD22 H N N 220 
LEU HD23 H N N 221 
LEU HXT  H N N 222 
LYS N    N N N 223 
LYS CA   C N S 224 
LYS C    C N N 225 
LYS O    O N N 226 
LYS CB   C N N 227 
LYS CG   C N N 228 
LYS CD   C N N 229 
LYS CE   C N N 230 
LYS NZ   N N N 231 
LYS OXT  O N N 232 
LYS H    H N N 233 
LYS H2   H N N 234 
LYS HA   H N N 235 
LYS HB2  H N N 236 
LYS HB3  H N N 237 
LYS HG2  H N N 238 
LYS HG3  H N N 239 
LYS HD2  H N N 240 
LYS HD3  H N N 241 
LYS HE2  H N N 242 
LYS HE3  H N N 243 
LYS HZ1  H N N 244 
LYS HZ2  H N N 245 
LYS HZ3  H N N 246 
LYS HXT  H N N 247 
MET N    N N N 248 
MET CA   C N S 249 
MET C    C N N 250 
MET O    O N N 251 
MET CB   C N N 252 
MET CG   C N N 253 
MET SD   S N N 254 
MET CE   C N N 255 
MET OXT  O N N 256 
MET H    H N N 257 
MET H2   H N N 258 
MET HA   H N N 259 
MET HB2  H N N 260 
MET HB3  H N N 261 
MET HG2  H N N 262 
MET HG3  H N N 263 
MET HE1  H N N 264 
MET HE2  H N N 265 
MET HE3  H N N 266 
MET HXT  H N N 267 
PHE N    N N N 268 
PHE CA   C N S 269 
PHE C    C N N 270 
PHE O    O N N 271 
PHE CB   C N N 272 
PHE CG   C Y N 273 
PHE CD1  C Y N 274 
PHE CD2  C Y N 275 
PHE CE1  C Y N 276 
PHE CE2  C Y N 277 
PHE CZ   C Y N 278 
PHE OXT  O N N 279 
PHE H    H N N 280 
PHE H2   H N N 281 
PHE HA   H N N 282 
PHE HB2  H N N 283 
PHE HB3  H N N 284 
PHE HD1  H N N 285 
PHE HD2  H N N 286 
PHE HE1  H N N 287 
PHE HE2  H N N 288 
PHE HZ   H N N 289 
PHE HXT  H N N 290 
PRO N    N N N 291 
PRO CA   C N S 292 
PRO C    C N N 293 
PRO O    O N N 294 
PRO CB   C N N 295 
PRO CG   C N N 296 
PRO CD   C N N 297 
PRO OXT  O N N 298 
PRO H    H N N 299 
PRO HA   H N N 300 
PRO HB2  H N N 301 
PRO HB3  H N N 302 
PRO HG2  H N N 303 
PRO HG3  H N N 304 
PRO HD2  H N N 305 
PRO HD3  H N N 306 
PRO HXT  H N N 307 
SER N    N N N 308 
SER CA   C N S 309 
SER C    C N N 310 
SER O    O N N 311 
SER CB   C N N 312 
SER OG   O N N 313 
SER OXT  O N N 314 
SER H    H N N 315 
SER H2   H N N 316 
SER HA   H N N 317 
SER HB2  H N N 318 
SER HB3  H N N 319 
SER HG   H N N 320 
SER HXT  H N N 321 
THR N    N N N 322 
THR CA   C N S 323 
THR C    C N N 324 
THR O    O N N 325 
THR CB   C N R 326 
THR OG1  O N N 327 
THR CG2  C N N 328 
THR OXT  O N N 329 
THR H    H N N 330 
THR H2   H N N 331 
THR HA   H N N 332 
THR HB   H N N 333 
THR HG1  H N N 334 
THR HG21 H N N 335 
THR HG22 H N N 336 
THR HG23 H N N 337 
THR HXT  H N N 338 
TRP N    N N N 339 
TRP CA   C N S 340 
TRP C    C N N 341 
TRP O    O N N 342 
TRP CB   C N N 343 
TRP CG   C Y N 344 
TRP CD1  C Y N 345 
TRP CD2  C Y N 346 
TRP NE1  N Y N 347 
TRP CE2  C Y N 348 
TRP CE3  C Y N 349 
TRP CZ2  C Y N 350 
TRP CZ3  C Y N 351 
TRP CH2  C Y N 352 
TRP OXT  O N N 353 
TRP H    H N N 354 
TRP H2   H N N 355 
TRP HA   H N N 356 
TRP HB2  H N N 357 
TRP HB3  H N N 358 
TRP HD1  H N N 359 
TRP HE1  H N N 360 
TRP HE3  H N N 361 
TRP HZ2  H N N 362 
TRP HZ3  H N N 363 
TRP HH2  H N N 364 
TRP HXT  H N N 365 
TYR N    N N N 366 
TYR CA   C N S 367 
TYR C    C N N 368 
TYR O    O N N 369 
TYR CB   C N N 370 
TYR CG   C Y N 371 
TYR CD1  C Y N 372 
TYR CD2  C Y N 373 
TYR CE1  C Y N 374 
TYR CE2  C Y N 375 
TYR CZ   C Y N 376 
TYR OH   O N N 377 
TYR OXT  O N N 378 
TYR H    H N N 379 
TYR H2   H N N 380 
TYR HA   H N N 381 
TYR HB2  H N N 382 
TYR HB3  H N N 383 
TYR HD1  H N N 384 
TYR HD2  H N N 385 
TYR HE1  H N N 386 
TYR HE2  H N N 387 
TYR HH   H N N 388 
TYR HXT  H N N 389 
VAL N    N N N 390 
VAL CA   C N S 391 
VAL C    C N N 392 
VAL O    O N N 393 
VAL CB   C N N 394 
VAL CG1  C N N 395 
VAL CG2  C N N 396 
VAL OXT  O N N 397 
VAL H    H N N 398 
VAL H2   H N N 399 
VAL HA   H N N 400 
VAL HB   H N N 401 
VAL HG11 H N N 402 
VAL HG12 H N N 403 
VAL HG13 H N N 404 
VAL HG21 H N N 405 
VAL HG22 H N N 406 
VAL HG23 H N N 407 
VAL HXT  H N N 408 
# 
loop_
_chem_comp_bond.comp_id 
_chem_comp_bond.atom_id_1 
_chem_comp_bond.atom_id_2 
_chem_comp_bond.value_order 
_chem_comp_bond.pdbx_aromatic_flag 
_chem_comp_bond.pdbx_stereo_config 
_chem_comp_bond.pdbx_ordinal 
6C9 O   C2   sing N N 1   
6C9 O   C3   sing N N 2   
6C9 C2  C1   sing N N 3   
6C9 C3  C    sing N N 4   
6C9 C1  C    sing N N 5   
6C9 C1  C4   sing N N 6   
6C9 C9  C8   sing N N 7   
6C9 C9  N1   sing N N 8   
6C9 C8  C7   sing N N 9   
6C9 N   C4   sing N N 10  
6C9 N   C5   sing N N 11  
6C9 N1  C5   sing N N 12  
6C9 N1  C6   sing N N 13  
6C9 C7  C6   sing N N 14  
6C9 C5  O1   doub N N 15  
6C9 C9  H1   sing N N 16  
6C9 C8  H2   sing N N 17  
6C9 C7  H3   sing N N 18  
6C9 C6  H4   sing N N 19  
6C9 N   H5   sing N N 20  
6C9 C4  H6   sing N N 21  
6C9 C4  H7   sing N N 22  
6C9 C1  H8   sing N N 23  
6C9 C2  H9   sing N N 24  
6C9 C2  H10  sing N N 25  
6C9 C3  H11  sing N N 26  
6C9 C   H12  sing N N 27  
6C9 C9  H13  sing N N 28  
6C9 C8  H14  sing N N 29  
6C9 C7  H15  sing N N 30  
6C9 C6  H16  sing N N 31  
6C9 C3  H17  sing N N 32  
6C9 C   H18  sing N N 33  
ALA N   CA   sing N N 34  
ALA N   H    sing N N 35  
ALA N   H2   sing N N 36  
ALA CA  C    sing N N 37  
ALA CA  CB   sing N N 38  
ALA CA  HA   sing N N 39  
ALA C   O    doub N N 40  
ALA C   OXT  sing N N 41  
ALA CB  HB1  sing N N 42  
ALA CB  HB2  sing N N 43  
ALA CB  HB3  sing N N 44  
ALA OXT HXT  sing N N 45  
ARG N   CA   sing N N 46  
ARG N   H    sing N N 47  
ARG N   H2   sing N N 48  
ARG CA  C    sing N N 49  
ARG CA  CB   sing N N 50  
ARG CA  HA   sing N N 51  
ARG C   O    doub N N 52  
ARG C   OXT  sing N N 53  
ARG CB  CG   sing N N 54  
ARG CB  HB2  sing N N 55  
ARG CB  HB3  sing N N 56  
ARG CG  CD   sing N N 57  
ARG CG  HG2  sing N N 58  
ARG CG  HG3  sing N N 59  
ARG CD  NE   sing N N 60  
ARG CD  HD2  sing N N 61  
ARG CD  HD3  sing N N 62  
ARG NE  CZ   sing N N 63  
ARG NE  HE   sing N N 64  
ARG CZ  NH1  sing N N 65  
ARG CZ  NH2  doub N N 66  
ARG NH1 HH11 sing N N 67  
ARG NH1 HH12 sing N N 68  
ARG NH2 HH21 sing N N 69  
ARG NH2 HH22 sing N N 70  
ARG OXT HXT  sing N N 71  
ASN N   CA   sing N N 72  
ASN N   H    sing N N 73  
ASN N   H2   sing N N 74  
ASN CA  C    sing N N 75  
ASN CA  CB   sing N N 76  
ASN CA  HA   sing N N 77  
ASN C   O    doub N N 78  
ASN C   OXT  sing N N 79  
ASN CB  CG   sing N N 80  
ASN CB  HB2  sing N N 81  
ASN CB  HB3  sing N N 82  
ASN CG  OD1  doub N N 83  
ASN CG  ND2  sing N N 84  
ASN ND2 HD21 sing N N 85  
ASN ND2 HD22 sing N N 86  
ASN OXT HXT  sing N N 87  
ASP N   CA   sing N N 88  
ASP N   H    sing N N 89  
ASP N   H2   sing N N 90  
ASP CA  C    sing N N 91  
ASP CA  CB   sing N N 92  
ASP CA  HA   sing N N 93  
ASP C   O    doub N N 94  
ASP C   OXT  sing N N 95  
ASP CB  CG   sing N N 96  
ASP CB  HB2  sing N N 97  
ASP CB  HB3  sing N N 98  
ASP CG  OD1  doub N N 99  
ASP CG  OD2  sing N N 100 
ASP OD2 HD2  sing N N 101 
ASP OXT HXT  sing N N 102 
GLN N   CA   sing N N 103 
GLN N   H    sing N N 104 
GLN N   H2   sing N N 105 
GLN CA  C    sing N N 106 
GLN CA  CB   sing N N 107 
GLN CA  HA   sing N N 108 
GLN C   O    doub N N 109 
GLN C   OXT  sing N N 110 
GLN CB  CG   sing N N 111 
GLN CB  HB2  sing N N 112 
GLN CB  HB3  sing N N 113 
GLN CG  CD   sing N N 114 
GLN CG  HG2  sing N N 115 
GLN CG  HG3  sing N N 116 
GLN CD  OE1  doub N N 117 
GLN CD  NE2  sing N N 118 
GLN NE2 HE21 sing N N 119 
GLN NE2 HE22 sing N N 120 
GLN OXT HXT  sing N N 121 
GLU N   CA   sing N N 122 
GLU N   H    sing N N 123 
GLU N   H2   sing N N 124 
GLU CA  C    sing N N 125 
GLU CA  CB   sing N N 126 
GLU CA  HA   sing N N 127 
GLU C   O    doub N N 128 
GLU C   OXT  sing N N 129 
GLU CB  CG   sing N N 130 
GLU CB  HB2  sing N N 131 
GLU CB  HB3  sing N N 132 
GLU CG  CD   sing N N 133 
GLU CG  HG2  sing N N 134 
GLU CG  HG3  sing N N 135 
GLU CD  OE1  doub N N 136 
GLU CD  OE2  sing N N 137 
GLU OE2 HE2  sing N N 138 
GLU OXT HXT  sing N N 139 
GLY N   CA   sing N N 140 
GLY N   H    sing N N 141 
GLY N   H2   sing N N 142 
GLY CA  C    sing N N 143 
GLY CA  HA2  sing N N 144 
GLY CA  HA3  sing N N 145 
GLY C   O    doub N N 146 
GLY C   OXT  sing N N 147 
GLY OXT HXT  sing N N 148 
HIS N   CA   sing N N 149 
HIS N   H    sing N N 150 
HIS N   H2   sing N N 151 
HIS CA  C    sing N N 152 
HIS CA  CB   sing N N 153 
HIS CA  HA   sing N N 154 
HIS C   O    doub N N 155 
HIS C   OXT  sing N N 156 
HIS CB  CG   sing N N 157 
HIS CB  HB2  sing N N 158 
HIS CB  HB3  sing N N 159 
HIS CG  ND1  sing Y N 160 
HIS CG  CD2  doub Y N 161 
HIS ND1 CE1  doub Y N 162 
HIS ND1 HD1  sing N N 163 
HIS CD2 NE2  sing Y N 164 
HIS CD2 HD2  sing N N 165 
HIS CE1 NE2  sing Y N 166 
HIS CE1 HE1  sing N N 167 
HIS NE2 HE2  sing N N 168 
HIS OXT HXT  sing N N 169 
HOH O   H1   sing N N 170 
HOH O   H2   sing N N 171 
ILE N   CA   sing N N 172 
ILE N   H    sing N N 173 
ILE N   H2   sing N N 174 
ILE CA  C    sing N N 175 
ILE CA  CB   sing N N 176 
ILE CA  HA   sing N N 177 
ILE C   O    doub N N 178 
ILE C   OXT  sing N N 179 
ILE CB  CG1  sing N N 180 
ILE CB  CG2  sing N N 181 
ILE CB  HB   sing N N 182 
ILE CG1 CD1  sing N N 183 
ILE CG1 HG12 sing N N 184 
ILE CG1 HG13 sing N N 185 
ILE CG2 HG21 sing N N 186 
ILE CG2 HG22 sing N N 187 
ILE CG2 HG23 sing N N 188 
ILE CD1 HD11 sing N N 189 
ILE CD1 HD12 sing N N 190 
ILE CD1 HD13 sing N N 191 
ILE OXT HXT  sing N N 192 
LEU N   CA   sing N N 193 
LEU N   H    sing N N 194 
LEU N   H2   sing N N 195 
LEU CA  C    sing N N 196 
LEU CA  CB   sing N N 197 
LEU CA  HA   sing N N 198 
LEU C   O    doub N N 199 
LEU C   OXT  sing N N 200 
LEU CB  CG   sing N N 201 
LEU CB  HB2  sing N N 202 
LEU CB  HB3  sing N N 203 
LEU CG  CD1  sing N N 204 
LEU CG  CD2  sing N N 205 
LEU CG  HG   sing N N 206 
LEU CD1 HD11 sing N N 207 
LEU CD1 HD12 sing N N 208 
LEU CD1 HD13 sing N N 209 
LEU CD2 HD21 sing N N 210 
LEU CD2 HD22 sing N N 211 
LEU CD2 HD23 sing N N 212 
LEU OXT HXT  sing N N 213 
LYS N   CA   sing N N 214 
LYS N   H    sing N N 215 
LYS N   H2   sing N N 216 
LYS CA  C    sing N N 217 
LYS CA  CB   sing N N 218 
LYS CA  HA   sing N N 219 
LYS C   O    doub N N 220 
LYS C   OXT  sing N N 221 
LYS CB  CG   sing N N 222 
LYS CB  HB2  sing N N 223 
LYS CB  HB3  sing N N 224 
LYS CG  CD   sing N N 225 
LYS CG  HG2  sing N N 226 
LYS CG  HG3  sing N N 227 
LYS CD  CE   sing N N 228 
LYS CD  HD2  sing N N 229 
LYS CD  HD3  sing N N 230 
LYS CE  NZ   sing N N 231 
LYS CE  HE2  sing N N 232 
LYS CE  HE3  sing N N 233 
LYS NZ  HZ1  sing N N 234 
LYS NZ  HZ2  sing N N 235 
LYS NZ  HZ3  sing N N 236 
LYS OXT HXT  sing N N 237 
MET N   CA   sing N N 238 
MET N   H    sing N N 239 
MET N   H2   sing N N 240 
MET CA  C    sing N N 241 
MET CA  CB   sing N N 242 
MET CA  HA   sing N N 243 
MET C   O    doub N N 244 
MET C   OXT  sing N N 245 
MET CB  CG   sing N N 246 
MET CB  HB2  sing N N 247 
MET CB  HB3  sing N N 248 
MET CG  SD   sing N N 249 
MET CG  HG2  sing N N 250 
MET CG  HG3  sing N N 251 
MET SD  CE   sing N N 252 
MET CE  HE1  sing N N 253 
MET CE  HE2  sing N N 254 
MET CE  HE3  sing N N 255 
MET OXT HXT  sing N N 256 
PHE N   CA   sing N N 257 
PHE N   H    sing N N 258 
PHE N   H2   sing N N 259 
PHE CA  C    sing N N 260 
PHE CA  CB   sing N N 261 
PHE CA  HA   sing N N 262 
PHE C   O    doub N N 263 
PHE C   OXT  sing N N 264 
PHE CB  CG   sing N N 265 
PHE CB  HB2  sing N N 266 
PHE CB  HB3  sing N N 267 
PHE CG  CD1  doub Y N 268 
PHE CG  CD2  sing Y N 269 
PHE CD1 CE1  sing Y N 270 
PHE CD1 HD1  sing N N 271 
PHE CD2 CE2  doub Y N 272 
PHE CD2 HD2  sing N N 273 
PHE CE1 CZ   doub Y N 274 
PHE CE1 HE1  sing N N 275 
PHE CE2 CZ   sing Y N 276 
PHE CE2 HE2  sing N N 277 
PHE CZ  HZ   sing N N 278 
PHE OXT HXT  sing N N 279 
PRO N   CA   sing N N 280 
PRO N   CD   sing N N 281 
PRO N   H    sing N N 282 
PRO CA  C    sing N N 283 
PRO CA  CB   sing N N 284 
PRO CA  HA   sing N N 285 
PRO C   O    doub N N 286 
PRO C   OXT  sing N N 287 
PRO CB  CG   sing N N 288 
PRO CB  HB2  sing N N 289 
PRO CB  HB3  sing N N 290 
PRO CG  CD   sing N N 291 
PRO CG  HG2  sing N N 292 
PRO CG  HG3  sing N N 293 
PRO CD  HD2  sing N N 294 
PRO CD  HD3  sing N N 295 
PRO OXT HXT  sing N N 296 
SER N   CA   sing N N 297 
SER N   H    sing N N 298 
SER N   H2   sing N N 299 
SER CA  C    sing N N 300 
SER CA  CB   sing N N 301 
SER CA  HA   sing N N 302 
SER C   O    doub N N 303 
SER C   OXT  sing N N 304 
SER CB  OG   sing N N 305 
SER CB  HB2  sing N N 306 
SER CB  HB3  sing N N 307 
SER OG  HG   sing N N 308 
SER OXT HXT  sing N N 309 
THR N   CA   sing N N 310 
THR N   H    sing N N 311 
THR N   H2   sing N N 312 
THR CA  C    sing N N 313 
THR CA  CB   sing N N 314 
THR CA  HA   sing N N 315 
THR C   O    doub N N 316 
THR C   OXT  sing N N 317 
THR CB  OG1  sing N N 318 
THR CB  CG2  sing N N 319 
THR CB  HB   sing N N 320 
THR OG1 HG1  sing N N 321 
THR CG2 HG21 sing N N 322 
THR CG2 HG22 sing N N 323 
THR CG2 HG23 sing N N 324 
THR OXT HXT  sing N N 325 
TRP N   CA   sing N N 326 
TRP N   H    sing N N 327 
TRP N   H2   sing N N 328 
TRP CA  C    sing N N 329 
TRP CA  CB   sing N N 330 
TRP CA  HA   sing N N 331 
TRP C   O    doub N N 332 
TRP C   OXT  sing N N 333 
TRP CB  CG   sing N N 334 
TRP CB  HB2  sing N N 335 
TRP CB  HB3  sing N N 336 
TRP CG  CD1  doub Y N 337 
TRP CG  CD2  sing Y N 338 
TRP CD1 NE1  sing Y N 339 
TRP CD1 HD1  sing N N 340 
TRP CD2 CE2  doub Y N 341 
TRP CD2 CE3  sing Y N 342 
TRP NE1 CE2  sing Y N 343 
TRP NE1 HE1  sing N N 344 
TRP CE2 CZ2  sing Y N 345 
TRP CE3 CZ3  doub Y N 346 
TRP CE3 HE3  sing N N 347 
TRP CZ2 CH2  doub Y N 348 
TRP CZ2 HZ2  sing N N 349 
TRP CZ3 CH2  sing Y N 350 
TRP CZ3 HZ3  sing N N 351 
TRP CH2 HH2  sing N N 352 
TRP OXT HXT  sing N N 353 
TYR N   CA   sing N N 354 
TYR N   H    sing N N 355 
TYR N   H2   sing N N 356 
TYR CA  C    sing N N 357 
TYR CA  CB   sing N N 358 
TYR CA  HA   sing N N 359 
TYR C   O    doub N N 360 
TYR C   OXT  sing N N 361 
TYR CB  CG   sing N N 362 
TYR CB  HB2  sing N N 363 
TYR CB  HB3  sing N N 364 
TYR CG  CD1  doub Y N 365 
TYR CG  CD2  sing Y N 366 
TYR CD1 CE1  sing Y N 367 
TYR CD1 HD1  sing N N 368 
TYR CD2 CE2  doub Y N 369 
TYR CD2 HD2  sing N N 370 
TYR CE1 CZ   doub Y N 371 
TYR CE1 HE1  sing N N 372 
TYR CE2 CZ   sing Y N 373 
TYR CE2 HE2  sing N N 374 
TYR CZ  OH   sing N N 375 
TYR OH  HH   sing N N 376 
TYR OXT HXT  sing N N 377 
VAL N   CA   sing N N 378 
VAL N   H    sing N N 379 
VAL N   H2   sing N N 380 
VAL CA  C    sing N N 381 
VAL CA  CB   sing N N 382 
VAL CA  HA   sing N N 383 
VAL C   O    doub N N 384 
VAL C   OXT  sing N N 385 
VAL CB  CG1  sing N N 386 
VAL CB  CG2  sing N N 387 
VAL CB  HB   sing N N 388 
VAL CG1 HG11 sing N N 389 
VAL CG1 HG12 sing N N 390 
VAL CG1 HG13 sing N N 391 
VAL CG2 HG21 sing N N 392 
VAL CG2 HG22 sing N N 393 
VAL CG2 HG23 sing N N 394 
VAL OXT HXT  sing N N 395 
# 
loop_
_pdbx_audit_support.funding_organization 
_pdbx_audit_support.country 
_pdbx_audit_support.grant_number 
_pdbx_audit_support.ordinal 
'Engineering and Physical Sciences Research Council' 'United Kingdom' ? 1 
'Bill & Melinda Gates Foundation'                    'United States'  ? 2 
'European Union'                                     ?                ? 3 
# 
_pdbx_initial_refinement_model.id               1 
_pdbx_initial_refinement_model.entity_id_list   ? 
_pdbx_initial_refinement_model.type             'experimental model' 
_pdbx_initial_refinement_model.source_name      PDB 
_pdbx_initial_refinement_model.accession_code   1T56 
_pdbx_initial_refinement_model.details          ? 
# 
_atom_sites.entry_id                    5IP6 
_atom_sites.fract_transf_matrix[1][1]   0.00201332 
_atom_sites.fract_transf_matrix[1][2]   0.00567561 
_atom_sites.fract_transf_matrix[1][3]   -0.00567827 
_atom_sites.fract_transf_matrix[2][1]   0.00353335 
_atom_sites.fract_transf_matrix[2][2]   -0.00588306 
_atom_sites.fract_transf_matrix[2][3]   -0.00462750 
_atom_sites.fract_transf_matrix[3][1]   -0.02581748 
_atom_sites.fract_transf_matrix[3][2]   -0.00464981 
_atom_sites.fract_transf_matrix[3][3]   -0.01380163 
_atom_sites.fract_transf_vector[1]      0.286693 
_atom_sites.fract_transf_vector[2]      0.139923 
_atom_sites.fract_transf_vector[3]      0.492350 
# 
loop_
_atom_type.symbol 
C 
N 
O 
S 
# 
loop_
_atom_site.group_PDB 
_atom_site.id 
_atom_site.type_symbol 
_atom_site.label_atom_id 
_atom_site.label_alt_id 
_atom_site.label_comp_id 
_atom_site.label_asym_id 
_atom_site.label_entity_id 
_atom_site.label_seq_id 
_atom_site.pdbx_PDB_ins_code 
_atom_site.Cartn_x 
_atom_site.Cartn_y 
_atom_site.Cartn_z 
_atom_site.occupancy 
_atom_site.B_iso_or_equiv 
_atom_site.pdbx_formal_charge 
_atom_site.auth_seq_id 
_atom_site.auth_comp_id 
_atom_site.auth_asym_id 
_atom_site.auth_atom_id 
_atom_site.pdbx_PDB_model_num 
ATOM   1    N N   . GLY A 1 22  ? 7.253   19.827  -18.678 1.00 54.45 ? 22  GLY A N   1 
ATOM   2    C CA  . GLY A 1 22  ? 8.393   19.258  -17.921 1.00 56.67 ? 22  GLY A CA  1 
ATOM   3    C C   . GLY A 1 22  ? 7.775   18.282  -16.945 1.00 67.59 ? 22  GLY A C   1 
ATOM   4    O O   . GLY A 1 22  ? 7.744   17.085  -17.216 1.00 65.49 ? 22  GLY A O   1 
ATOM   5    N N   . ASP A 1 23  ? 7.252   18.796  -15.820 1.00 66.60 ? 23  ASP A N   1 
ATOM   6    C CA  . ASP A 1 23  ? 6.522   17.978  -14.840 1.00 66.77 ? 23  ASP A CA  1 
ATOM   7    C C   . ASP A 1 23  ? 5.230   17.401  -15.471 1.00 65.93 ? 23  ASP A C   1 
ATOM   8    O O   . ASP A 1 23  ? 4.743   16.361  -15.032 1.00 63.02 ? 23  ASP A O   1 
ATOM   9    C CB  . ASP A 1 23  ? 6.261   18.744  -13.524 1.00 59.02 ? 23  ASP A CB  1 
ATOM   10   N N   . ASP A 1 24  ? 4.732   18.070  -16.523 1.00 65.98 ? 24  ASP A N   1 
ATOM   11   C CA  . ASP A 1 24  ? 3.515   17.699  -17.266 1.00 60.54 ? 24  ASP A CA  1 
ATOM   12   C C   . ASP A 1 24  ? 3.762   16.532  -18.207 1.00 50.91 ? 24  ASP A C   1 
ATOM   13   O O   . ASP A 1 24  ? 2.885   15.681  -18.400 1.00 51.81 ? 24  ASP A O   1 
ATOM   14   C CB  . ASP A 1 24  ? 3.029   18.867  -18.143 1.00 71.29 ? 24  ASP A CB  1 
ATOM   15   C CG  . ASP A 1 24  ? 3.485   20.228  -17.627 1.00 88.96 ? 24  ASP A CG  1 
ATOM   16   O OD1 . ASP A 1 24  ? 2.828   20.757  -16.700 1.00 87.95 ? 24  ASP A OD1 1 
ATOM   17   O OD2 . ASP A 1 24  ? 4.493   20.770  -18.159 1.00 92.34 ? 24  ASP A OD2 1 
ATOM   18   N N   . ARG A 1 25  ? 4.926   16.518  -18.856 1.00 45.75 ? 25  ARG A N   1 
ATOM   19   C CA  . ARG A 1 25  ? 5.268   15.373  -19.714 1.00 43.15 ? 25  ARG A CA  1 
ATOM   20   C C   . ARG A 1 25  ? 5.490   14.139  -18.801 1.00 40.75 ? 25  ARG A C   1 
ATOM   21   O O   . ARG A 1 25  ? 4.986   13.032  -19.073 1.00 36.13 ? 25  ARG A O   1 
ATOM   22   C CB  . ARG A 1 25  ? 6.434   15.692  -20.664 1.00 43.12 ? 25  ARG A CB  1 
ATOM   23   C CG  . ARG A 1 25  ? 5.981   16.356  -21.988 1.00 46.04 ? 25  ARG A CG  1 
ATOM   24   N N   . GLU A 1 26  ? 6.194   14.353  -17.693 1.00 36.30 ? 26  GLU A N   1 
ATOM   25   C CA  . GLU A 1 26  ? 6.313   13.327  -16.666 1.00 36.56 ? 26  GLU A CA  1 
ATOM   26   C C   . GLU A 1 26  ? 4.947   12.758  -16.134 1.00 38.00 ? 26  GLU A C   1 
ATOM   27   O O   . GLU A 1 26  ? 4.767   11.536  -16.070 1.00 31.61 ? 26  GLU A O   1 
ATOM   28   C CB  . GLU A 1 26  ? 7.157   13.867  -15.530 1.00 36.40 ? 26  GLU A CB  1 
ATOM   29   C CG  . GLU A 1 26  ? 7.712   12.767  -14.684 1.00 45.16 ? 26  GLU A CG  1 
ATOM   30   C CD  . GLU A 1 26  ? 8.666   13.277  -13.641 1.00 51.98 ? 26  GLU A CD  1 
ATOM   31   O OE1 . GLU A 1 26  ? 8.766   12.618  -12.589 1.00 56.47 ? 26  GLU A OE1 1 
ATOM   32   O OE2 . GLU A 1 26  ? 9.314   14.310  -13.891 1.00 53.13 ? 26  GLU A OE2 1 
ATOM   33   N N   . LEU A 1 27  ? 4.008   13.639  -15.774 1.00 40.52 ? 27  LEU A N   1 
ATOM   34   C CA  . LEU A 1 27  ? 2.701   13.205  -15.296 1.00 39.96 ? 27  LEU A CA  1 
ATOM   35   C C   . LEU A 1 27  ? 1.934   12.473  -16.371 1.00 35.65 ? 27  LEU A C   1 
ATOM   36   O O   . LEU A 1 27  ? 1.244   11.446  -16.100 1.00 32.42 ? 27  LEU A O   1 
ATOM   37   C CB  . LEU A 1 27  ? 1.873   14.364  -14.681 1.00 42.83 ? 27  LEU A CB  1 
ATOM   38   C CG  . LEU A 1 27  ? 2.426   14.986  -13.375 1.00 48.07 ? 27  LEU A CG  1 
ATOM   39   C CD1 . LEU A 1 27  ? 1.873   16.376  -13.119 1.00 45.12 ? 27  LEU A CD1 1 
ATOM   40   C CD2 . LEU A 1 27  ? 2.279   14.106  -12.120 1.00 45.48 ? 27  LEU A CD2 1 
ATOM   41   N N   . ALA A 1 28  ? 2.052   12.964  -17.606 1.00 33.79 ? 28  ALA A N   1 
ATOM   42   C CA  . ALA A 1 28  ? 1.454   12.250  -18.781 1.00 31.18 ? 28  ALA A CA  1 
ATOM   43   C C   . ALA A 1 28  ? 1.939   10.827  -18.902 1.00 26.85 ? 28  ALA A C   1 
ATOM   44   O O   . ALA A 1 28  ? 1.156   9.922   -19.196 1.00 25.55 ? 28  ALA A O   1 
ATOM   45   C CB  . ALA A 1 28  ? 1.749   12.981  -20.101 1.00 31.21 ? 28  ALA A CB  1 
ATOM   46   N N   . ILE A 1 29  ? 3.249   10.616  -18.711 1.00 23.35 ? 29  ILE A N   1 
ATOM   47   C CA  . ILE A 1 29  ? 3.819   9.308   -18.876 1.00 22.05 ? 29  ILE A CA  1 
ATOM   48   C C   . ILE A 1 29  ? 3.285   8.421   -17.676 1.00 21.69 ? 29  ILE A C   1 
ATOM   49   O O   . ILE A 1 29  ? 2.875   7.241   -17.868 1.00 23.60 ? 29  ILE A O   1 
ATOM   50   C CB  . ILE A 1 29  ? 5.353   9.394   -18.756 1.00 24.30 ? 29  ILE A CB  1 
ATOM   51   C CG1 . ILE A 1 29  ? 5.994   9.957   -20.011 1.00 27.42 ? 29  ILE A CG1 1 
ATOM   52   C CG2 . ILE A 1 29  ? 5.937   8.025   -18.508 1.00 22.46 ? 29  ILE A CG2 1 
ATOM   53   C CD1 . ILE A 1 29  ? 7.499   10.216  -19.840 1.00 30.79 ? 29  ILE A CD1 1 
ATOM   54   N N   . LEU A 1 30  ? 3.324   8.982   -16.474 1.00 23.51 ? 30  LEU A N   1 
ATOM   55   C CA  . LEU A 1 30  ? 2.798   8.232   -15.276 1.00 25.40 ? 30  LEU A CA  1 
ATOM   56   C C   . LEU A 1 30  ? 1.303   7.902   -15.452 1.00 26.45 ? 30  LEU A C   1 
ATOM   57   O O   . LEU A 1 30  ? 0.900   6.750   -15.226 1.00 27.58 ? 30  LEU A O   1 
ATOM   58   C CB  . LEU A 1 30  ? 3.028   9.025   -14.012 1.00 26.14 ? 30  LEU A CB  1 
ATOM   59   C CG  . LEU A 1 30  ? 4.514   9.195   -13.656 1.00 25.26 ? 30  LEU A CG  1 
ATOM   60   C CD1 . LEU A 1 30  ? 4.591   10.352  -12.669 1.00 28.98 ? 30  LEU A CD1 1 
ATOM   61   C CD2 . LEU A 1 30  ? 5.070   7.904   -13.038 1.00 28.76 ? 30  LEU A CD2 1 
ATOM   62   N N   . ALA A 1 31  ? 0.506   8.865   -15.917 1.00 29.68 ? 31  ALA A N   1 
ATOM   63   C CA  . ALA A 1 31  ? -0.940  8.611   -16.137 1.00 30.95 ? 31  ALA A CA  1 
ATOM   64   C C   . ALA A 1 31  ? -1.183  7.541   -17.232 1.00 32.51 ? 31  ALA A C   1 
ATOM   65   O O   . ALA A 1 31  ? -2.082  6.655   -17.096 1.00 31.28 ? 31  ALA A O   1 
ATOM   66   C CB  . ALA A 1 31  ? -1.688  9.912   -16.453 1.00 32.04 ? 31  ALA A CB  1 
ATOM   67   N N   . THR A 1 32  ? -0.391  7.571   -18.304 1.00 29.17 ? 32  THR A N   1 
ATOM   68   C CA  . THR A 1 32  ? -0.497  6.515   -19.353 1.00 29.49 ? 32  THR A CA  1 
ATOM   69   C C   . THR A 1 32  ? -0.153  5.180   -18.791 1.00 26.87 ? 32  THR A C   1 
ATOM   70   O O   . THR A 1 32  ? -0.881  4.234   -19.025 1.00 27.34 ? 32  THR A O   1 
ATOM   71   C CB  . THR A 1 32  ? 0.439   6.766   -20.579 1.00 26.04 ? 32  THR A CB  1 
ATOM   72   O OG1 . THR A 1 32  ? 0.087   8.035   -21.085 1.00 28.12 ? 32  THR A OG1 1 
ATOM   73   C CG2 . THR A 1 32  ? 0.250   5.750   -21.687 1.00 27.75 ? 32  THR A CG2 1 
ATOM   74   N N   . ALA A 1 33  ? 0.975   5.057   -18.093 1.00 23.71 ? 33  ALA A N   1 
ATOM   75   C CA  . ALA A 1 33  ? 1.313   3.739   -17.534 1.00 23.67 ? 33  ALA A CA  1 
ATOM   76   C C   . ALA A 1 33  ? 0.217   3.226   -16.543 1.00 24.18 ? 33  ALA A C   1 
ATOM   77   O O   . ALA A 1 33  ? -0.112  2.052   -16.579 1.00 25.97 ? 33  ALA A O   1 
ATOM   78   C CB  . ALA A 1 33  ? 2.681   3.755   -16.850 1.00 22.18 ? 33  ALA A CB  1 
ATOM   79   N N   . GLU A 1 34  ? -0.343  4.099   -15.698 1.00 26.48 ? 34  GLU A N   1 
ATOM   80   C CA  . GLU A 1 34  ? -1.385  3.630   -14.793 1.00 27.39 ? 34  GLU A CA  1 
ATOM   81   C C   . GLU A 1 34  ? -2.617  3.167   -15.574 1.00 29.40 ? 34  GLU A C   1 
ATOM   82   O O   . GLU A 1 34  ? -3.213  2.131   -15.230 1.00 26.84 ? 34  GLU A O   1 
ATOM   83   C CB  . GLU A 1 34  ? -1.834  4.679   -13.802 1.00 31.25 ? 34  GLU A CB  1 
ATOM   84   C CG  . GLU A 1 34  ? -2.637  4.038   -12.653 1.00 33.89 ? 34  GLU A CG  1 
ATOM   85   C CD  . GLU A 1 34  ? -2.700  4.909   -11.372 1.00 40.37 ? 34  GLU A CD  1 
ATOM   86   O OE1 . GLU A 1 34  ? -2.288  6.095   -11.395 1.00 38.58 ? 34  GLU A OE1 1 
ATOM   87   O OE2 . GLU A 1 34  ? -3.119  4.405   -10.303 1.00 37.27 ? 34  GLU A OE2 1 
ATOM   88   N N   . ASN A 1 35  ? -2.980  3.917   -16.620 1.00 28.65 ? 35  ASN A N   1 
ATOM   89   C CA  . ASN A 1 35  ? -4.156  3.528   -17.445 1.00 32.62 ? 35  ASN A CA  1 
ATOM   90   C C   . ASN A 1 35  ? -3.855  2.272   -18.161 1.00 28.68 ? 35  ASN A C   1 
ATOM   91   O O   . ASN A 1 35  ? -4.644  1.319   -18.113 1.00 33.97 ? 35  ASN A O   1 
ATOM   92   C CB  . ASN A 1 35  ? -4.596  4.619   -18.411 1.00 34.38 ? 35  ASN A CB  1 
ATOM   93   C CG  . ASN A 1 35  ? -5.227  5.797   -17.698 1.00 48.55 ? 35  ASN A CG  1 
ATOM   94   O OD1 . ASN A 1 35  ? -5.727  5.680   -16.542 1.00 52.59 ? 35  ASN A OD1 1 
ATOM   95   N ND2 . ASN A 1 35  ? -5.221  6.953   -18.371 1.00 48.39 ? 35  ASN A ND2 1 
ATOM   96   N N   . LEU A 1 36  ? -2.681  2.162   -18.759 1.00 28.04 ? 36  LEU A N   1 
ATOM   97   C CA  . LEU A 1 36  ? -2.336  0.873   -19.406 1.00 27.79 ? 36  LEU A CA  1 
ATOM   98   C C   . LEU A 1 36  ? -2.234  -0.369  -18.475 1.00 31.50 ? 36  LEU A C   1 
ATOM   99   O O   . LEU A 1 36  ? -2.604  -1.503  -18.856 1.00 28.68 ? 36  LEU A O   1 
ATOM   100  C CB  . LEU A 1 36  ? -1.072  1.016   -20.288 1.00 31.60 ? 36  LEU A CB  1 
ATOM   101  C CG  . LEU A 1 36  ? -1.175  2.043   -21.427 1.00 31.85 ? 36  LEU A CG  1 
ATOM   102  C CD1 . LEU A 1 36  ? 0.149   2.043   -22.185 1.00 30.77 ? 36  LEU A CD1 1 
ATOM   103  C CD2 . LEU A 1 36  ? -2.350  1.705   -22.362 1.00 32.74 ? 36  LEU A CD2 1 
ATOM   104  N N   . LEU A 1 37  ? -1.736  -0.164  -17.253 1.00 28.12 ? 37  LEU A N   1 
ATOM   105  C CA  . LEU A 1 37  ? -1.598  -1.261  -16.307 1.00 29.65 ? 37  LEU A CA  1 
ATOM   106  C C   . LEU A 1 37  ? -2.971  -1.803  -15.899 1.00 30.36 ? 37  LEU A C   1 
ATOM   107  O O   . LEU A 1 37  ? -3.034  -2.954  -15.482 1.00 28.76 ? 37  LEU A O   1 
ATOM   108  C CB  . LEU A 1 37  ? -0.801  -0.860  -15.070 1.00 27.61 ? 37  LEU A CB  1 
ATOM   109  C CG  . LEU A 1 37  ? 0.703   -0.773  -15.324 1.00 25.68 ? 37  LEU A CG  1 
ATOM   110  C CD1 . LEU A 1 37  ? 1.301   0.078   -14.219 1.00 23.18 ? 37  LEU A CD1 1 
ATOM   111  C CD2 . LEU A 1 37  ? 1.420   -2.119  -15.516 1.00 24.93 ? 37  LEU A CD2 1 
ATOM   112  N N   . GLU A 1 38  ? -4.042  -1.017  -16.031 1.00 32.54 ? 38  GLU A N   1 
ATOM   113  C CA  . GLU A 1 38  ? -5.405  -1.565  -15.821 1.00 38.24 ? 38  GLU A CA  1 
ATOM   114  C C   . GLU A 1 38  ? -5.793  -2.647  -16.814 1.00 43.26 ? 38  GLU A C   1 
ATOM   115  O O   . GLU A 1 38  ? -6.682  -3.398  -16.537 1.00 42.87 ? 38  GLU A O   1 
ATOM   116  C CB  . GLU A 1 38  ? -6.453  -0.472  -15.772 1.00 42.75 ? 38  GLU A CB  1 
ATOM   117  C CG  . GLU A 1 38  ? -6.660  0.058   -14.353 1.00 48.46 ? 38  GLU A CG  1 
ATOM   118  C CD  . GLU A 1 38  ? -6.526  1.571   -14.289 1.00 58.42 ? 38  GLU A CD  1 
ATOM   119  O OE1 . GLU A 1 38  ? -7.350  2.262   -14.933 1.00 68.00 ? 38  GLU A OE1 1 
ATOM   120  O OE2 . GLU A 1 38  ? -5.604  2.091   -13.607 1.00 51.29 ? 38  GLU A OE2 1 
ATOM   121  N N   . ASP A 1 39  ? -5.061  -2.771  -17.932 1.00 49.28 ? 39  ASP A N   1 
ATOM   122  C CA  . ASP A 1 39  ? -5.375  -3.710  -19.023 1.00 47.15 ? 39  ASP A CA  1 
ATOM   123  C C   . ASP A 1 39  ? -4.434  -4.888  -19.242 1.00 47.82 ? 39  ASP A C   1 
ATOM   124  O O   . ASP A 1 39  ? -4.872  -5.998  -19.522 1.00 46.93 ? 39  ASP A O   1 
ATOM   125  C CB  . ASP A 1 39  ? -5.514  -2.943  -20.318 1.00 54.20 ? 39  ASP A CB  1 
ATOM   126  C CG  . ASP A 1 39  ? -6.911  -2.441  -20.518 1.00 63.94 ? 39  ASP A CG  1 
ATOM   127  O OD1 . ASP A 1 39  ? -7.682  -2.383  -19.530 1.00 67.47 ? 39  ASP A OD1 1 
ATOM   128  O OD2 . ASP A 1 39  ? -7.253  -2.111  -21.667 1.00 71.84 ? 39  ASP A OD2 1 
ATOM   129  N N   . ARG A 1 40  ? -3.142  -4.647  -19.143 1.00 42.25 ? 40  ARG A N   1 
ATOM   130  C CA  . ARG A 1 40  ? -2.165  -5.691  -19.270 1.00 42.93 ? 40  ARG A CA  1 
ATOM   131  C C   . ARG A 1 40  ? -1.063  -5.485  -18.274 1.00 38.42 ? 40  ARG A C   1 
ATOM   132  O O   . ARG A 1 40  ? -0.954  -4.405  -17.699 1.00 38.13 ? 40  ARG A O   1 
ATOM   133  C CB  . ARG A 1 40  ? -1.598  -5.670  -20.684 1.00 49.37 ? 40  ARG A CB  1 
ATOM   134  C CG  . ARG A 1 40  ? -1.676  -4.314  -21.345 1.00 56.78 ? 40  ARG A CG  1 
ATOM   135  C CD  . ARG A 1 40  ? -1.570  -4.498  -22.845 1.00 55.52 ? 40  ARG A CD  1 
ATOM   136  N NE  . ARG A 1 40  ? -0.761  -3.430  -23.394 1.00 59.10 ? 40  ARG A NE  1 
ATOM   137  C CZ  . ARG A 1 40  ? -1.230  -2.258  -23.810 1.00 56.59 ? 40  ARG A CZ  1 
ATOM   138  N NH1 . ARG A 1 40  ? -2.532  -1.993  -23.759 1.00 58.85 ? 40  ARG A NH1 1 
ATOM   139  N NH2 . ARG A 1 40  ? -0.379  -1.347  -24.271 1.00 46.23 ? 40  ARG A NH2 1 
ATOM   140  N N   . PRO A 1 41  ? -0.247  -6.522  -18.044 1.00 37.68 ? 41  PRO A N   1 
ATOM   141  C CA  . PRO A 1 41  ? 0.901   -6.387  -17.148 1.00 36.26 ? 41  PRO A CA  1 
ATOM   142  C C   . PRO A 1 41  ? 2.023   -5.570  -17.795 1.00 40.72 ? 41  PRO A C   1 
ATOM   143  O O   . PRO A 1 41  ? 1.959   -5.282  -19.024 1.00 37.73 ? 41  PRO A O   1 
ATOM   144  C CB  . PRO A 1 41  ? 1.393   -7.835  -16.957 1.00 38.07 ? 41  PRO A CB  1 
ATOM   145  C CG  . PRO A 1 41  ? 0.921   -8.546  -18.192 1.00 38.55 ? 41  PRO A CG  1 
ATOM   146  C CD  . PRO A 1 41  ? -0.360  -7.885  -18.616 1.00 42.30 ? 41  PRO A CD  1 
ATOM   147  N N   . LEU A 1 42  ? 3.039   -5.244  -16.978 1.00 37.72 ? 42  LEU A N   1 
ATOM   148  C CA  . LEU A 1 42  ? 4.122   -4.351  -17.381 1.00 42.38 ? 42  LEU A CA  1 
ATOM   149  C C   . LEU A 1 42  ? 4.877   -4.965  -18.593 1.00 43.60 ? 42  LEU A C   1 
ATOM   150  O O   . LEU A 1 42  ? 5.166   -4.272  -19.552 1.00 42.23 ? 42  LEU A O   1 
ATOM   151  C CB  . LEU A 1 42  ? 5.075   -4.044  -16.207 1.00 38.51 ? 42  LEU A CB  1 
ATOM   152  C CG  . LEU A 1 42  ? 6.069   -2.892  -16.485 1.00 39.37 ? 42  LEU A CG  1 
ATOM   153  C CD1 . LEU A 1 42  ? 5.375   -1.526  -16.687 1.00 40.08 ? 42  LEU A CD1 1 
ATOM   154  C CD2 . LEU A 1 42  ? 7.104   -2.749  -15.374 1.00 43.72 ? 42  LEU A CD2 1 
ATOM   155  N N   . ALA A 1 43  ? 5.167   -6.266  -18.538 1.00 48.53 ? 43  ALA A N   1 
ATOM   156  C CA  . ALA A 1 43  ? 5.747   -6.998  -19.681 1.00 46.23 ? 43  ALA A CA  1 
ATOM   157  C C   . ALA A 1 43  ? 5.015   -6.820  -21.057 1.00 48.92 ? 43  ALA A C   1 
ATOM   158  O O   . ALA A 1 43  ? 5.651   -6.932  -22.109 1.00 47.13 ? 43  ALA A O   1 
ATOM   159  C CB  . ALA A 1 43  ? 5.925   -8.475  -19.335 1.00 44.70 ? 43  ALA A CB  1 
ATOM   160  N N   . ASP A 1 44  ? 3.713   -6.520  -21.071 1.00 41.83 ? 44  ASP A N   1 
ATOM   161  C CA  . ASP A 1 44  ? 2.991   -6.373  -22.332 1.00 40.50 ? 44  ASP A CA  1 
ATOM   162  C C   . ASP A 1 44  ? 2.859   -4.919  -22.670 1.00 41.16 ? 44  ASP A C   1 
ATOM   163  O O   . ASP A 1 44  ? 2.010   -4.538  -23.475 1.00 38.33 ? 44  ASP A O   1 
ATOM   164  C CB  . ASP A 1 44  ? 1.576   -6.934  -22.252 1.00 45.52 ? 44  ASP A CB  1 
ATOM   165  C CG  . ASP A 1 44  ? 1.518   -8.449  -22.047 1.00 55.35 ? 44  ASP A CG  1 
ATOM   166  O OD1 . ASP A 1 44  ? 2.488   -9.071  -21.575 1.00 64.35 ? 44  ASP A OD1 1 
ATOM   167  O OD2 . ASP A 1 44  ? 0.447   -9.024  -22.340 1.00 61.95 ? 44  ASP A OD2 1 
ATOM   168  N N   . ILE A 1 45  ? 3.642   -4.079  -21.995 1.00 40.43 ? 45  ILE A N   1 
ATOM   169  C CA  . ILE A 1 45  ? 3.586   -2.655  -22.260 1.00 42.39 ? 45  ILE A CA  1 
ATOM   170  C C   . ILE A 1 45  ? 4.989   -2.254  -22.671 1.00 43.18 ? 45  ILE A C   1 
ATOM   171  O O   . ILE A 1 45  ? 5.967   -2.605  -21.997 1.00 42.48 ? 45  ILE A O   1 
ATOM   172  C CB  . ILE A 1 45  ? 3.127   -1.839  -21.036 1.00 39.88 ? 45  ILE A CB  1 
ATOM   173  C CG1 . ILE A 1 45  ? 1.749   -2.286  -20.542 1.00 36.88 ? 45  ILE A CG1 1 
ATOM   174  C CG2 . ILE A 1 45  ? 3.052   -0.365  -21.401 1.00 39.62 ? 45  ILE A CG2 1 
ATOM   175  C CD1 . ILE A 1 45  ? 1.297   -1.574  -19.261 1.00 31.11 ? 45  ILE A CD1 1 
ATOM   176  N N   . SER A 1 46  ? 5.095   -1.563  -23.798 1.00 42.74 ? 46  SER A N   1 
ATOM   177  C CA  . SER A 1 46  ? 6.427   -1.159  -24.300 1.00 43.54 ? 46  SER A CA  1 
ATOM   178  C C   . SER A 1 46  ? 6.639   0.303   -24.016 1.00 40.00 ? 46  SER A C   1 
ATOM   179  O O   . SER A 1 46  ? 5.669   1.039   -23.854 1.00 35.58 ? 46  SER A O   1 
ATOM   180  C CB  . SER A 1 46  ? 6.537   -1.385  -25.804 1.00 39.10 ? 46  SER A CB  1 
ATOM   181  O OG  . SER A 1 46  ? 5.617   -0.526  -26.462 1.00 41.75 ? 46  SER A OG  1 
ATOM   182  N N   . VAL A 1 47  ? 7.911   0.722   -23.989 1.00 42.67 ? 47  VAL A N   1 
ATOM   183  C CA  . VAL A 1 47  ? 8.263   2.154   -23.923 1.00 43.03 ? 47  VAL A CA  1 
ATOM   184  C C   . VAL A 1 47  ? 7.533   2.946   -25.023 1.00 38.46 ? 47  VAL A C   1 
ATOM   185  O O   . VAL A 1 47  ? 7.061   4.074   -24.796 1.00 36.32 ? 47  VAL A O   1 
ATOM   186  C CB  . VAL A 1 47  ? 9.800   2.388   -23.984 1.00 42.06 ? 47  VAL A CB  1 
ATOM   187  C CG1 . VAL A 1 47  ? 10.120  3.881   -24.115 1.00 40.93 ? 47  VAL A CG1 1 
ATOM   188  C CG2 . VAL A 1 47  ? 10.477  1.810   -22.746 1.00 41.96 ? 47  VAL A CG2 1 
ATOM   189  N N   . ASP A 1 48  ? 7.385   2.351   -26.208 1.00 43.19 ? 48  ASP A N   1 
ATOM   190  C CA  . ASP A 1 48  ? 6.706   3.080   -27.281 1.00 43.40 ? 48  ASP A CA  1 
ATOM   191  C C   . ASP A 1 48  ? 5.251   3.306   -26.930 1.00 39.87 ? 48  ASP A C   1 
ATOM   192  O O   . ASP A 1 48  ? 4.701   4.350   -27.234 1.00 37.91 ? 48  ASP A O   1 
ATOM   193  C CB  . ASP A 1 48  ? 6.865   2.400   -28.662 1.00 52.60 ? 48  ASP A CB  1 
ATOM   194  C CG  . ASP A 1 48  ? 8.304   2.497   -29.217 1.00 58.09 ? 48  ASP A CG  1 
ATOM   195  O OD1 . ASP A 1 48  ? 9.007   3.530   -29.024 1.00 59.29 ? 48  ASP A OD1 1 
ATOM   196  O OD2 . ASP A 1 48  ? 8.739   1.524   -29.850 1.00 56.27 ? 48  ASP A OD2 1 
ATOM   197  N N   . ASP A 1 49  ? 4.633   2.332   -26.248 1.00 44.36 ? 49  ASP A N   1 
ATOM   198  C CA  . ASP A 1 49  ? 3.237   2.493   -25.799 1.00 40.15 ? 49  ASP A CA  1 
ATOM   199  C C   . ASP A 1 49  ? 3.150   3.659   -24.831 1.00 31.30 ? 49  ASP A C   1 
ATOM   200  O O   . ASP A 1 49  ? 2.233   4.472   -24.887 1.00 33.60 ? 49  ASP A O   1 
ATOM   201  C CB  . ASP A 1 49  ? 2.716   1.212   -25.129 1.00 46.15 ? 49  ASP A CB  1 
ATOM   202  C CG  . ASP A 1 49  ? 2.585   0.072   -26.086 1.00 52.26 ? 49  ASP A CG  1 
ATOM   203  O OD1 . ASP A 1 49  ? 2.215   0.338   -27.245 1.00 55.54 ? 49  ASP A OD1 1 
ATOM   204  O OD2 . ASP A 1 49  ? 2.845   -1.083  -25.672 1.00 52.70 ? 49  ASP A OD2 1 
ATOM   205  N N   . LEU A 1 50  ? 4.117   3.755   -23.912 1.00 32.29 ? 50  LEU A N   1 
ATOM   206  C CA  . LEU A 1 50  ? 4.063   4.840   -22.907 1.00 29.09 ? 50  LEU A CA  1 
ATOM   207  C C   . LEU A 1 50  ? 4.294   6.194   -23.552 1.00 32.94 ? 50  LEU A C   1 
ATOM   208  O O   . LEU A 1 50  ? 3.652   7.203   -23.207 1.00 29.93 ? 50  LEU A O   1 
ATOM   209  C CB  . LEU A 1 50  ? 5.107   4.578   -21.793 1.00 29.35 ? 50  LEU A CB  1 
ATOM   210  C CG  . LEU A 1 50  ? 4.910   3.263   -21.035 1.00 29.26 ? 50  LEU A CG  1 
ATOM   211  C CD1 . LEU A 1 50  ? 5.950   3.101   -19.944 1.00 29.77 ? 50  LEU A CD1 1 
ATOM   212  C CD2 . LEU A 1 50  ? 3.465   3.286   -20.463 1.00 29.28 ? 50  LEU A CD2 1 
ATOM   213  N N   . ALA A 1 51  ? 5.265   6.213   -24.470 1.00 31.39 ? 51  ALA A N   1 
ATOM   214  C CA  . ALA A 1 51  ? 5.592   7.457   -25.221 1.00 33.91 ? 51  ALA A CA  1 
ATOM   215  C C   . ALA A 1 51  ? 4.391   7.966   -26.013 1.00 27.37 ? 51  ALA A C   1 
ATOM   216  O O   . ALA A 1 51  ? 3.988   9.140   -25.862 1.00 27.74 ? 51  ALA A O   1 
ATOM   217  C CB  . ALA A 1 51  ? 6.749   7.189   -26.172 1.00 29.19 ? 51  ALA A CB  1 
ATOM   218  N N   . LYS A 1 52  ? 3.843   7.054   -26.831 1.00 34.80 ? 52  LYS A N   1 
ATOM   219  C CA  . LYS A 1 52  ? 2.686   7.349   -27.726 1.00 36.77 ? 52  LYS A CA  1 
ATOM   220  C C   . LYS A 1 52  ? 1.552   7.854   -26.851 1.00 39.77 ? 52  LYS A C   1 
ATOM   221  O O   . LYS A 1 52  ? 1.130   8.983   -27.011 1.00 40.04 ? 52  LYS A O   1 
ATOM   222  C CB  . LYS A 1 52  ? 2.282   6.136   -28.591 1.00 37.50 ? 52  LYS A CB  1 
ATOM   223  N N   . GLY A 1 53  ? 1.175   7.083   -25.811 1.00 40.40 ? 53  GLY A N   1 
ATOM   224  C CA  . GLY A 1 53  ? 0.145   7.530   -24.894 1.00 33.16 ? 53  GLY A CA  1 
ATOM   225  C C   . GLY A 1 53  ? 0.392   8.877   -24.235 1.00 34.73 ? 53  GLY A C   1 
ATOM   226  O O   . GLY A 1 53  ? -0.547  9.611   -24.021 1.00 31.41 ? 53  GLY A O   1 
ATOM   227  N N   . ALA A 1 54  ? 1.645   9.227   -23.931 1.00 32.32 ? 54  ALA A N   1 
ATOM   228  C CA  . ALA A 1 54  ? 1.995   10.559  -23.369 1.00 28.80 ? 54  ALA A CA  1 
ATOM   229  C C   . ALA A 1 54  ? 2.241   11.642  -24.410 1.00 27.30 ? 54  ALA A C   1 
ATOM   230  O O   . ALA A 1 54  ? 2.532   12.812  -24.076 1.00 31.17 ? 54  ALA A O   1 
ATOM   231  C CB  . ALA A 1 54  ? 3.238   10.451  -22.445 1.00 28.18 ? 54  ALA A CB  1 
ATOM   232  N N   . GLY A 1 55  ? 2.141   11.271  -25.682 1.00 32.88 ? 55  GLY A N   1 
ATOM   233  C CA  . GLY A 1 55  ? 2.229   12.304  -26.753 1.00 32.94 ? 55  GLY A CA  1 
ATOM   234  C C   . GLY A 1 55  ? 3.668   12.746  -26.991 1.00 27.99 ? 55  GLY A C   1 
ATOM   235  O O   . GLY A 1 55  ? 3.903   13.890  -27.347 1.00 28.41 ? 55  GLY A O   1 
ATOM   236  N N   . ILE A 1 56  ? 4.628   11.849  -26.799 1.00 30.16 ? 56  ILE A N   1 
ATOM   237  C CA  . ILE A 1 56  ? 6.068   12.189  -26.953 1.00 27.56 ? 56  ILE A CA  1 
ATOM   238  C C   . ILE A 1 56  ? 6.726   11.114  -27.732 1.00 26.60 ? 56  ILE A C   1 
ATOM   239  O O   . ILE A 1 56  ? 6.148   10.032  -27.880 1.00 26.19 ? 56  ILE A O   1 
ATOM   240  C CB  . ILE A 1 56  ? 6.787   12.268  -25.570 1.00 27.63 ? 56  ILE A CB  1 
ATOM   241  C CG1 . ILE A 1 56  ? 6.635   10.932  -24.784 1.00 24.90 ? 56  ILE A CG1 1 
ATOM   242  C CG2 . ILE A 1 56  ? 6.334   13.482  -24.799 1.00 25.13 ? 56  ILE A CG2 1 
ATOM   243  C CD1 . ILE A 1 56  ? 7.290   10.968  -23.402 1.00 26.59 ? 56  ILE A CD1 1 
ATOM   244  N N   . SER A 1 57  ? 7.989   11.325  -28.178 1.00 25.68 ? 57  SER A N   1 
ATOM   245  C CA  . SER A 1 57  ? 8.757   10.242  -28.842 1.00 24.29 ? 57  SER A CA  1 
ATOM   246  C C   . SER A 1 57  ? 9.396   9.330   -27.843 1.00 24.66 ? 57  SER A C   1 
ATOM   247  O O   . SER A 1 57  ? 9.534   9.635   -26.680 1.00 25.24 ? 57  SER A O   1 
ATOM   248  C CB  . SER A 1 57  ? 9.881   10.891  -29.727 1.00 26.08 ? 57  SER A CB  1 
ATOM   249  O OG  . SER A 1 57  ? 10.746  11.625  -28.863 1.00 19.71 ? 57  SER A OG  1 
ATOM   250  N N   . ARG A 1 58  ? 9.851   8.201   -28.305 1.00 26.63 ? 58  ARG A N   1 
ATOM   251  C CA  . ARG A 1 58  ? 10.666  7.350   -27.492 1.00 26.24 ? 58  ARG A CA  1 
ATOM   252  C C   . ARG A 1 58  ? 11.933  7.956   -26.855 1.00 26.19 ? 58  ARG A C   1 
ATOM   253  O O   . ARG A 1 58  ? 12.155  7.784   -25.638 1.00 22.59 ? 58  ARG A O   1 
ATOM   254  C CB  . ARG A 1 58  ? 10.845  6.036   -28.237 1.00 30.35 ? 58  ARG A CB  1 
ATOM   255  C CG  . ARG A 1 58  ? 12.001  5.144   -27.858 1.00 35.75 ? 58  ARG A CG  1 
ATOM   256  C CD  . ARG A 1 58  ? 12.092  4.046   -28.926 1.00 43.33 ? 58  ARG A CD  1 
ATOM   257  N NE  . ARG A 1 58  ? 12.826  2.939   -28.386 1.00 53.91 ? 58  ARG A NE  1 
ATOM   258  C CZ  . ARG A 1 58  ? 12.271  1.984   -27.628 1.00 66.85 ? 58  ARG A CZ  1 
ATOM   259  N NH1 . ARG A 1 58  ? 10.962  2.016   -27.370 1.00 74.38 ? 58  ARG A NH1 1 
ATOM   260  N NH2 . ARG A 1 58  ? 13.014  0.985   -27.135 1.00 61.77 ? 58  ARG A NH2 1 
ATOM   261  N N   . PRO A 1 59  ? 12.784  8.707   -27.638 1.00 24.03 ? 59  PRO A N   1 
ATOM   262  C CA  . PRO A 1 59  ? 13.963  9.253   -26.962 1.00 21.87 ? 59  PRO A CA  1 
ATOM   263  C C   . PRO A 1 59  ? 13.568  10.307  -25.924 1.00 20.57 ? 59  PRO A C   1 
ATOM   264  O O   . PRO A 1 59  ? 14.257  10.490  -24.873 1.00 21.78 ? 59  PRO A O   1 
ATOM   265  C CB  . PRO A 1 59  ? 14.802  9.914   -28.156 1.00 19.73 ? 59  PRO A CB  1 
ATOM   266  C CG  . PRO A 1 59  ? 13.940  9.847   -29.358 1.00 20.30 ? 59  PRO A CG  1 
ATOM   267  C CD  . PRO A 1 59  ? 12.898  8.735   -29.119 1.00 21.02 ? 59  PRO A CD  1 
ATOM   268  N N   . THR A 1 60  ? 12.480  11.017  -26.188 1.00 19.77 ? 60  THR A N   1 
ATOM   269  C CA  . THR A 1 60  ? 12.013  12.013  -25.201 1.00 20.77 ? 60  THR A CA  1 
ATOM   270  C C   . THR A 1 60  ? 11.590  11.277  -23.865 1.00 20.40 ? 60  THR A C   1 
ATOM   271  O O   . THR A 1 60  ? 11.888  11.784  -22.728 1.00 20.92 ? 60  THR A O   1 
ATOM   272  C CB  . THR A 1 60  ? 10.915  12.980  -25.744 1.00 22.27 ? 60  THR A CB  1 
ATOM   273  O OG1 . THR A 1 60  ? 11.440  13.806  -26.834 1.00 23.73 ? 60  THR A OG1 1 
ATOM   274  C CG2 . THR A 1 60  ? 10.424  14.022  -24.629 1.00 23.02 ? 60  THR A CG2 1 
ATOM   275  N N   . PHE A 1 61  ? 10.926  10.146  -24.019 1.00 22.05 ? 61  PHE A N   1 
ATOM   276  C CA  . PHE A 1 61  ? 10.561  9.293   -22.846 1.00 23.72 ? 61  PHE A CA  1 
ATOM   277  C C   . PHE A 1 61  ? 11.814  9.090   -21.969 1.00 30.10 ? 61  PHE A C   1 
ATOM   278  O O   . PHE A 1 61  ? 11.795  9.459   -20.773 1.00 25.77 ? 61  PHE A O   1 
ATOM   279  C CB  . PHE A 1 61  ? 9.980   7.935   -23.281 1.00 26.20 ? 61  PHE A CB  1 
ATOM   280  C CG  . PHE A 1 61  ? 9.863   6.897   -22.127 1.00 28.29 ? 61  PHE A CG  1 
ATOM   281  C CD1 . PHE A 1 61  ? 8.685   6.768   -21.396 1.00 29.32 ? 61  PHE A CD1 1 
ATOM   282  C CD2 . PHE A 1 61  ? 10.968  6.103   -21.735 1.00 29.33 ? 61  PHE A CD2 1 
ATOM   283  C CE1 . PHE A 1 61  ? 8.580   5.852   -20.336 1.00 26.39 ? 61  PHE A CE1 1 
ATOM   284  C CE2 . PHE A 1 61  ? 10.881  5.193   -20.633 1.00 33.96 ? 61  PHE A CE2 1 
ATOM   285  C CZ  . PHE A 1 61  ? 9.661   5.047   -19.938 1.00 26.95 ? 61  PHE A CZ  1 
ATOM   286  N N   . TYR A 1 62  ? 12.909  8.618   -22.601 1.00 29.59 ? 62  TYR A N   1 
ATOM   287  C CA  . TYR A 1 62  ? 14.177  8.271   -21.879 1.00 30.60 ? 62  TYR A CA  1 
ATOM   288  C C   . TYR A 1 62  ? 14.826  9.390   -21.197 1.00 31.24 ? 62  TYR A C   1 
ATOM   289  O O   . TYR A 1 62  ? 15.676  9.179   -20.327 1.00 39.41 ? 62  TYR A O   1 
ATOM   290  C CB  . TYR A 1 62  ? 15.192  7.653   -22.779 1.00 30.08 ? 62  TYR A CB  1 
ATOM   291  C CG  . TYR A 1 62  ? 14.859  6.283   -23.081 1.00 32.32 ? 62  TYR A CG  1 
ATOM   292  C CD1 . TYR A 1 62  ? 14.803  5.320   -22.058 1.00 34.10 ? 62  TYR A CD1 1 
ATOM   293  C CD2 . TYR A 1 62  ? 14.553  5.904   -24.358 1.00 33.66 ? 62  TYR A CD2 1 
ATOM   294  C CE1 . TYR A 1 62  ? 14.499  4.010   -22.347 1.00 30.62 ? 62  TYR A CE1 1 
ATOM   295  C CE2 . TYR A 1 62  ? 14.224  4.593   -24.627 1.00 37.36 ? 62  TYR A CE2 1 
ATOM   296  C CZ  . TYR A 1 62  ? 14.204  3.670   -23.590 1.00 33.70 ? 62  TYR A CZ  1 
ATOM   297  O OH  . TYR A 1 62  ? 13.896  2.370   -23.845 1.00 40.34 ? 62  TYR A OH  1 
ATOM   298  N N   . PHE A 1 63  ? 14.419  10.586  -21.561 1.00 30.88 ? 63  PHE A N   1 
ATOM   299  C CA  . PHE A 1 63  ? 14.852  11.752  -20.863 1.00 32.94 ? 63  PHE A CA  1 
ATOM   300  C C   . PHE A 1 63  ? 14.216  11.860  -19.469 1.00 38.01 ? 63  PHE A C   1 
ATOM   301  O O   . PHE A 1 63  ? 14.803  12.444  -18.549 1.00 36.26 ? 63  PHE A O   1 
ATOM   302  C CB  . PHE A 1 63  ? 14.553  13.021  -21.676 1.00 33.51 ? 63  PHE A CB  1 
ATOM   303  C CG  . PHE A 1 63  ? 15.013  14.274  -21.000 1.00 31.53 ? 63  PHE A CG  1 
ATOM   304  C CD1 . PHE A 1 63  ? 16.364  14.642  -21.018 1.00 32.54 ? 63  PHE A CD1 1 
ATOM   305  C CD2 . PHE A 1 63  ? 14.119  15.051  -20.279 1.00 31.02 ? 63  PHE A CD2 1 
ATOM   306  C CE1 . PHE A 1 63  ? 16.802  15.771  -20.332 1.00 37.37 ? 63  PHE A CE1 1 
ATOM   307  C CE2 . PHE A 1 63  ? 14.550  16.186  -19.572 1.00 36.01 ? 63  PHE A CE2 1 
ATOM   308  C CZ  . PHE A 1 63  ? 15.884  16.554  -19.613 1.00 36.11 ? 63  PHE A CZ  1 
ATOM   309  N N   . TYR A 1 64  ? 12.996  11.351  -19.311 1.00 35.75 ? 64  TYR A N   1 
ATOM   310  C CA  . TYR A 1 64  ? 12.315  11.436  -18.021 1.00 35.49 ? 64  TYR A CA  1 
ATOM   311  C C   . TYR A 1 64  ? 12.454  10.156  -17.196 1.00 31.01 ? 64  TYR A C   1 
ATOM   312  O O   . TYR A 1 64  ? 12.483  10.237  -15.977 1.00 32.28 ? 64  TYR A O   1 
ATOM   313  C CB  . TYR A 1 64  ? 10.840  11.751  -18.231 1.00 34.71 ? 64  TYR A CB  1 
ATOM   314  C CG  . TYR A 1 64  ? 10.607  13.093  -18.813 1.00 33.89 ? 64  TYR A CG  1 
ATOM   315  C CD1 . TYR A 1 64  ? 10.692  14.228  -18.000 1.00 33.54 ? 64  TYR A CD1 1 
ATOM   316  C CD2 . TYR A 1 64  ? 10.269  13.256  -20.184 1.00 27.57 ? 64  TYR A CD2 1 
ATOM   317  C CE1 . TYR A 1 64  ? 10.474  15.481  -18.515 1.00 35.57 ? 64  TYR A CE1 1 
ATOM   318  C CE2 . TYR A 1 64  ? 10.065  14.524  -20.714 1.00 31.71 ? 64  TYR A CE2 1 
ATOM   319  C CZ  . TYR A 1 64  ? 10.160  15.623  -19.874 1.00 35.19 ? 64  TYR A CZ  1 
ATOM   320  O OH  . TYR A 1 64  ? 9.942   16.889  -20.347 1.00 36.54 ? 64  TYR A OH  1 
ATOM   321  N N   . PHE A 1 65  ? 12.570  8.998   -17.849 1.00 29.27 ? 65  PHE A N   1 
ATOM   322  C CA  . PHE A 1 65  ? 12.686  7.770   -17.144 1.00 29.32 ? 65  PHE A CA  1 
ATOM   323  C C   . PHE A 1 65  ? 13.667  6.907   -17.820 1.00 32.86 ? 65  PHE A C   1 
ATOM   324  O O   . PHE A 1 65  ? 13.664  6.797   -19.080 1.00 33.19 ? 65  PHE A O   1 
ATOM   325  C CB  . PHE A 1 65  ? 11.319  6.996   -17.026 1.00 26.23 ? 65  PHE A CB  1 
ATOM   326  C CG  . PHE A 1 65  ? 10.307  7.723   -16.199 1.00 27.35 ? 65  PHE A CG  1 
ATOM   327  C CD1 . PHE A 1 65  ? 10.265  7.536   -14.770 1.00 28.49 ? 65  PHE A CD1 1 
ATOM   328  C CD2 . PHE A 1 65  ? 9.382   8.609   -16.801 1.00 28.00 ? 65  PHE A CD2 1 
ATOM   329  C CE1 . PHE A 1 65  ? 9.322   8.230   -13.999 1.00 24.72 ? 65  PHE A CE1 1 
ATOM   330  C CE2 . PHE A 1 65  ? 8.438   9.309   -16.007 1.00 26.20 ? 65  PHE A CE2 1 
ATOM   331  C CZ  . PHE A 1 65  ? 8.406   9.102   -14.611 1.00 28.92 ? 65  PHE A CZ  1 
ATOM   332  N N   . PRO A 1 66  ? 14.474  6.211   -16.996 1.00 34.26 ? 66  PRO A N   1 
ATOM   333  C CA  . PRO A 1 66  ? 15.414  5.288   -17.609 1.00 30.79 ? 66  PRO A CA  1 
ATOM   334  C C   . PRO A 1 66  ? 14.818  4.065   -18.201 1.00 32.78 ? 66  PRO A C   1 
ATOM   335  O O   . PRO A 1 66  ? 15.535  3.440   -18.933 1.00 31.39 ? 66  PRO A O   1 
ATOM   336  C CB  . PRO A 1 66  ? 16.361  4.891   -16.459 1.00 32.71 ? 66  PRO A CB  1 
ATOM   337  C CG  . PRO A 1 66  ? 15.904  5.645   -15.241 1.00 32.81 ? 66  PRO A CG  1 
ATOM   338  C CD  . PRO A 1 66  ? 14.867  6.624   -15.631 1.00 33.18 ? 66  PRO A CD  1 
ATOM   339  N N   . SER A 1 67  ? 13.564  3.669   -17.871 1.00 32.11 ? 67  SER A N   1 
ATOM   340  C CA  . SER A 1 67  ? 12.957  2.391   -18.353 1.00 32.02 ? 67  SER A CA  1 
ATOM   341  C C   . SER A 1 67  ? 11.491  2.372   -17.907 1.00 30.91 ? 67  SER A C   1 
ATOM   342  O O   . SER A 1 67  ? 11.093  3.183   -17.090 1.00 30.00 ? 67  SER A O   1 
ATOM   343  C CB  . SER A 1 67  ? 13.609  1.181   -17.680 1.00 35.60 ? 67  SER A CB  1 
ATOM   344  O OG  . SER A 1 67  ? 13.459  1.391   -16.277 1.00 40.10 ? 67  SER A OG  1 
ATOM   345  N N   . LYS A 1 68  ? 10.703  1.456   -18.433 1.00 30.84 ? 68  LYS A N   1 
ATOM   346  C CA  . LYS A 1 68  ? 9.303   1.395   -17.997 1.00 35.37 ? 68  LYS A CA  1 
ATOM   347  C C   . LYS A 1 68  ? 9.222   0.916   -16.526 1.00 36.74 ? 68  LYS A C   1 
ATOM   348  O O   . LYS A 1 68  ? 8.284   1.277   -15.826 1.00 31.75 ? 68  LYS A O   1 
ATOM   349  C CB  . LYS A 1 68  ? 8.498   0.456   -18.878 1.00 34.85 ? 68  LYS A CB  1 
ATOM   350  C CG  . LYS A 1 68  ? 8.989   -0.962  -18.800 1.00 35.48 ? 68  LYS A CG  1 
ATOM   351  C CD  . LYS A 1 68  ? 8.359   -1.776  -19.910 1.00 34.71 ? 68  LYS A CD  1 
ATOM   352  C CE  . LYS A 1 68  ? 8.610   -3.253  -19.687 1.00 38.24 ? 68  LYS A CE  1 
ATOM   353  N NZ  . LYS A 1 68  ? 8.017   -3.989  -20.856 1.00 46.09 ? 68  LYS A NZ  1 
ATOM   354  N N   . GLU A 1 69  ? 10.208  0.116   -16.096 1.00 33.87 ? 69  GLU A N   1 
ATOM   355  C CA  . GLU A 1 69  ? 10.338  -0.346  -14.708 1.00 35.92 ? 69  GLU A CA  1 
ATOM   356  C C   . GLU A 1 69  ? 10.465  0.810   -13.756 1.00 34.81 ? 69  GLU A C   1 
ATOM   357  O O   . GLU A 1 69  ? 9.960   0.748   -12.651 1.00 36.15 ? 69  GLU A O   1 
ATOM   358  C CB  . GLU A 1 69  ? 11.527  -1.313  -14.526 1.00 35.31 ? 69  GLU A CB  1 
ATOM   359  C CG  . GLU A 1 69  ? 11.289  -2.694  -15.193 1.00 41.49 ? 69  GLU A CG  1 
ATOM   360  C CD  . GLU A 1 69  ? 11.608  -2.740  -16.704 1.00 45.55 ? 69  GLU A CD  1 
ATOM   361  O OE1 . GLU A 1 69  ? 12.159  -1.772  -17.305 1.00 46.36 ? 69  GLU A OE1 1 
ATOM   362  O OE2 . GLU A 1 69  ? 11.297  -3.781  -17.321 1.00 53.91 ? 69  GLU A OE2 1 
ATOM   363  N N   . ALA A 1 70  ? 11.146  1.879   -14.166 1.00 32.35 ? 70  ALA A N   1 
ATOM   364  C CA  . ALA A 1 70  ? 11.341  3.038   -13.299 1.00 28.62 ? 70  ALA A CA  1 
ATOM   365  C C   . ALA A 1 70  ? 10.069  3.816   -13.259 1.00 26.21 ? 70  ALA A C   1 
ATOM   366  O O   . ALA A 1 70  ? 9.835   4.625   -12.316 1.00 27.31 ? 70  ALA A O   1 
ATOM   367  C CB  . ALA A 1 70  ? 12.478  3.937   -13.814 1.00 24.99 ? 70  ALA A CB  1 
ATOM   368  N N   . VAL A 1 71  ? 9.302   3.705   -14.351 1.00 23.82 ? 71  VAL A N   1 
ATOM   369  C CA  . VAL A 1 71  ? 7.972   4.317   -14.331 1.00 25.03 ? 71  VAL A CA  1 
ATOM   370  C C   . VAL A 1 71  ? 7.100   3.697   -13.200 1.00 23.57 ? 71  VAL A C   1 
ATOM   371  O O   . VAL A 1 71  ? 6.475   4.452   -12.434 1.00 22.85 ? 71  VAL A O   1 
ATOM   372  C CB  . VAL A 1 71  ? 7.263   4.308   -15.721 1.00 25.98 ? 71  VAL A CB  1 
ATOM   373  C CG1 . VAL A 1 71  ? 5.817   4.856   -15.600 1.00 23.88 ? 71  VAL A CG1 1 
ATOM   374  C CG2 . VAL A 1 71  ? 8.071   5.154   -16.747 1.00 21.35 ? 71  VAL A CG2 1 
ATOM   375  N N   . LEU A 1 72  ? 7.050   2.364   -13.142 1.00 25.66 ? 72  LEU A N   1 
ATOM   376  C CA  . LEU A 1 72  ? 6.297   1.617   -12.115 1.00 29.74 ? 72  LEU A CA  1 
ATOM   377  C C   . LEU A 1 72  ? 6.795   1.985   -10.728 1.00 29.83 ? 72  LEU A C   1 
ATOM   378  O O   . LEU A 1 72  ? 5.997   2.244   -9.855  1.00 29.30 ? 72  LEU A O   1 
ATOM   379  C CB  . LEU A 1 72  ? 6.433   0.124   -12.315 1.00 31.94 ? 72  LEU A CB  1 
ATOM   380  C CG  . LEU A 1 72  ? 5.817   -0.791  -11.234 1.00 32.93 ? 72  LEU A CG  1 
ATOM   381  C CD1 . LEU A 1 72  ? 4.337   -0.421  -11.003 1.00 32.81 ? 72  LEU A CD1 1 
ATOM   382  C CD2 . LEU A 1 72  ? 5.999   -2.241  -11.670 1.00 33.43 ? 72  LEU A CD2 1 
ATOM   383  N N   . LEU A 1 73  ? 8.120   2.068   -10.570 1.00 30.44 ? 73  LEU A N   1 
ATOM   384  C CA  . LEU A 1 73  ? 8.733   2.398   -9.314  1.00 28.10 ? 73  LEU A CA  1 
ATOM   385  C C   . LEU A 1 73  ? 8.248   3.718   -8.867  1.00 26.04 ? 73  LEU A C   1 
ATOM   386  O O   . LEU A 1 73  ? 7.918   3.850   -7.688  1.00 24.35 ? 73  LEU A O   1 
ATOM   387  C CB  . LEU A 1 73  ? 10.268  2.476   -9.417  1.00 30.35 ? 73  LEU A CB  1 
ATOM   388  C CG  . LEU A 1 73  ? 11.058  2.855   -8.160  1.00 32.12 ? 73  LEU A CG  1 
ATOM   389  C CD1 . LEU A 1 73  ? 10.721  1.849   -7.041  1.00 30.09 ? 73  LEU A CD1 1 
ATOM   390  C CD2 . LEU A 1 73  ? 12.569  2.895   -8.453  1.00 27.72 ? 73  LEU A CD2 1 
ATOM   391  N N   . THR A 1 74  ? 8.217   4.737   -9.751  1.00 23.74 ? 74  THR A N   1 
ATOM   392  C CA  . THR A 1 74  ? 7.671   6.031   -9.364  1.00 21.89 ? 74  THR A CA  1 
ATOM   393  C C   . THR A 1 74  ? 6.226   5.947   -8.997  1.00 21.07 ? 74  THR A C   1 
ATOM   394  O O   . THR A 1 74  ? 5.826   6.624   -8.089  1.00 24.82 ? 74  THR A O   1 
ATOM   395  C CB  . THR A 1 74  ? 7.836   7.147   -10.463 1.00 25.29 ? 74  THR A CB  1 
ATOM   396  O OG1 . THR A 1 74  ? 9.212   7.169   -10.852 1.00 31.75 ? 74  THR A OG1 1 
ATOM   397  C CG2 . THR A 1 74  ? 7.481   8.465   -9.962  1.00 22.98 ? 74  THR A CG2 1 
ATOM   398  N N   . LEU A 1 75  ? 5.434   5.205   -9.764  1.00 21.67 ? 75  LEU A N   1 
ATOM   399  C CA  . LEU A 1 75  ? 3.984   5.153   -9.497  1.00 24.97 ? 75  LEU A CA  1 
ATOM   400  C C   . LEU A 1 75  ? 3.785   4.546   -8.065  1.00 22.76 ? 75  LEU A C   1 
ATOM   401  O O   . LEU A 1 75  ? 3.015   5.074   -7.302  1.00 25.06 ? 75  LEU A O   1 
ATOM   402  C CB  . LEU A 1 75  ? 3.255   4.273   -10.480 1.00 25.57 ? 75  LEU A CB  1 
ATOM   403  C CG  . LEU A 1 75  ? 3.042   4.946   -11.871 1.00 26.10 ? 75  LEU A CG  1 
ATOM   404  C CD1 . LEU A 1 75  ? 2.574   3.861   -12.841 1.00 27.57 ? 75  LEU A CD1 1 
ATOM   405  C CD2 . LEU A 1 75  ? 2.071   6.108   -11.744 1.00 28.10 ? 75  LEU A CD2 1 
ATOM   406  N N   . LEU A 1 76  ? 4.518   3.477   -7.774  1.00 22.13 ? 76  LEU A N   1 
ATOM   407  C CA  . LEU A 1 76  ? 4.363   2.802   -6.481  1.00 26.20 ? 76  LEU A CA  1 
ATOM   408  C C   . LEU A 1 76  ? 4.859   3.723   -5.383  1.00 24.80 ? 76  LEU A C   1 
ATOM   409  O O   . LEU A 1 76  ? 4.246   3.891   -4.358  1.00 25.36 ? 76  LEU A O   1 
ATOM   410  C CB  . LEU A 1 76  ? 5.166   1.509   -6.513  1.00 24.41 ? 76  LEU A CB  1 
ATOM   411  C CG  . LEU A 1 76  ? 5.039   0.749   -5.200  1.00 30.60 ? 76  LEU A CG  1 
ATOM   412  C CD1 . LEU A 1 76  ? 3.575   0.239   -5.004  1.00 25.65 ? 76  LEU A CD1 1 
ATOM   413  C CD2 . LEU A 1 76  ? 6.004   -0.409  -5.334  1.00 31.59 ? 76  LEU A CD2 1 
ATOM   414  N N   . ASP A 1 77  ? 5.983   4.389   -5.620  1.00 26.72 ? 77  ASP A N   1 
ATOM   415  C CA  . ASP A 1 77  ? 6.457   5.397   -4.701  1.00 26.92 ? 77  ASP A CA  1 
ATOM   416  C C   . ASP A 1 77  ? 5.382   6.428   -4.335  1.00 27.97 ? 77  ASP A C   1 
ATOM   417  O O   . ASP A 1 77  ? 5.235   6.834   -3.159  1.00 26.48 ? 77  ASP A O   1 
ATOM   418  C CB  . ASP A 1 77  ? 7.659   6.122   -5.318  1.00 32.87 ? 77  ASP A CB  1 
ATOM   419  C CG  . ASP A 1 77  ? 8.351   7.005   -4.334  1.00 42.70 ? 77  ASP A CG  1 
ATOM   420  O OD1 . ASP A 1 77  ? 9.132   6.481   -3.510  1.00 43.41 ? 77  ASP A OD1 1 
ATOM   421  O OD2 . ASP A 1 77  ? 8.076   8.220   -4.355  1.00 50.64 ? 77  ASP A OD2 1 
ATOM   422  N N   . ARG A 1 78  ? 4.661   6.921   -5.325  1.00 22.34 ? 78  ARG A N   1 
ATOM   423  C CA  . ARG A 1 78  ? 3.661   7.931   -5.035  1.00 23.08 ? 78  ARG A CA  1 
ATOM   424  C C   . ARG A 1 78  ? 2.495   7.357   -4.225  1.00 20.00 ? 78  ARG A C   1 
ATOM   425  O O   . ARG A 1 78  ? 1.924   8.039   -3.371  1.00 20.91 ? 78  ARG A O   1 
ATOM   426  C CB  . ARG A 1 78  ? 3.077   8.466   -6.363  1.00 25.13 ? 78  ARG A CB  1 
ATOM   427  C CG  . ARG A 1 78  ? 4.123   9.421   -7.019  1.00 34.47 ? 78  ARG A CG  1 
ATOM   428  C CD  . ARG A 1 78  ? 3.841   9.558   -8.508  1.00 39.08 ? 78  ARG A CD  1 
ATOM   429  N NE  . ARG A 1 78  ? 2.556   10.214  -8.757  1.00 39.99 ? 78  ARG A NE  1 
ATOM   430  C CZ  . ARG A 1 78  ? 2.405   11.542  -8.815  1.00 50.49 ? 78  ARG A CZ  1 
ATOM   431  N NH1 . ARG A 1 78  ? 3.435   12.348  -8.591  1.00 43.63 ? 78  ARG A NH1 1 
ATOM   432  N NH2 . ARG A 1 78  ? 1.218   12.069  -9.073  1.00 53.28 ? 78  ARG A NH2 1 
ATOM   433  N N   . VAL A 1 79  ? 2.095   6.144   -4.595  1.00 20.97 ? 79  VAL A N   1 
ATOM   434  C CA  . VAL A 1 79  ? 0.959   5.479   -3.888  1.00 20.54 ? 79  VAL A CA  1 
ATOM   435  C C   . VAL A 1 79  ? 1.364   5.213   -2.404  1.00 22.03 ? 79  VAL A C   1 
ATOM   436  O O   . VAL A 1 79  ? 0.633   5.511   -1.447  1.00 21.19 ? 79  VAL A O   1 
ATOM   437  C CB  . VAL A 1 79  ? 0.509   4.176   -4.601  1.00 22.35 ? 79  VAL A CB  1 
ATOM   438  C CG1 . VAL A 1 79  ? -0.615  3.506   -3.742  1.00 21.73 ? 79  VAL A CG1 1 
ATOM   439  C CG2 . VAL A 1 79  ? -0.049  4.549   -5.973  1.00 21.82 ? 79  VAL A CG2 1 
ATOM   440  N N   . VAL A 1 80  ? 2.569   4.733   -2.210  1.00 20.98 ? 80  VAL A N   1 
ATOM   441  C CA  . VAL A 1 80  ? 3.035   4.397   -0.868  1.00 22.00 ? 80  VAL A CA  1 
ATOM   442  C C   . VAL A 1 80  ? 3.220   5.647   -0.020  1.00 21.96 ? 80  VAL A C   1 
ATOM   443  O O   . VAL A 1 80  ? 2.831   5.730   1.159   1.00 21.84 ? 80  VAL A O   1 
ATOM   444  C CB  . VAL A 1 80  ? 4.342   3.613   -1.049  1.00 22.40 ? 80  VAL A CB  1 
ATOM   445  C CG1 . VAL A 1 80  ? 5.196   3.717   0.175   1.00 26.90 ? 80  VAL A CG1 1 
ATOM   446  C CG2 . VAL A 1 80  ? 4.047   2.187   -1.546  1.00 21.24 ? 80  VAL A CG2 1 
ATOM   447  N N   . ASN A 1 81  ? 3.737   6.705   -0.643  1.00 22.69 ? 81  ASN A N   1 
ATOM   448  C CA  . ASN A 1 81  ? 3.813   7.959   0.086   1.00 21.16 ? 81  ASN A CA  1 
ATOM   449  C C   . ASN A 1 81  ? 2.475   8.616   0.401   1.00 20.00 ? 81  ASN A C   1 
ATOM   450  O O   . ASN A 1 81  ? 2.351   9.179   1.468   1.00 21.65 ? 81  ASN A O   1 
ATOM   451  C CB  . ASN A 1 81  ? 4.765   8.934   -0.626  1.00 24.05 ? 81  ASN A CB  1 
ATOM   452  C CG  . ASN A 1 81  ? 6.212   8.636   -0.283  1.00 26.19 ? 81  ASN A CG  1 
ATOM   453  O OD1 . ASN A 1 81  ? 6.666   8.967   0.828   1.00 28.86 ? 81  ASN A OD1 1 
ATOM   454  N ND2 . ASN A 1 81  ? 6.876   7.847   -1.132  1.00 26.34 ? 81  ASN A ND2 1 
ATOM   455  N N   . GLN A 1 82  ? 1.491   8.465   -0.478  1.00 20.68 ? 82  GLN A N   1 
ATOM   456  C CA  . GLN A 1 82  ? 0.146   8.977   -0.254  1.00 22.75 ? 82  GLN A CA  1 
ATOM   457  C C   . GLN A 1 82  ? -0.468  8.228   0.954   1.00 22.09 ? 82  GLN A C   1 
ATOM   458  O O   . GLN A 1 82  ? -1.055  8.846   1.836   1.00 20.05 ? 82  GLN A O   1 
ATOM   459  C CB  . GLN A 1 82  ? -0.719  8.699   -1.486  1.00 26.35 ? 82  GLN A CB  1 
ATOM   460  C CG  . GLN A 1 82  ? -2.100  9.360   -1.457  1.00 32.92 ? 82  GLN A CG  1 
ATOM   461  C CD  . GLN A 1 82  ? -2.970  8.960   -2.673  1.00 39.13 ? 82  GLN A CD  1 
ATOM   462  O OE1 . GLN A 1 82  ? -2.466  8.617   -3.758  1.00 45.40 ? 82  GLN A OE1 1 
ATOM   463  N NE2 . GLN A 1 82  ? -4.261  8.956   -2.472  1.00 39.75 ? 82  GLN A NE2 1 
ATOM   464  N N   . ALA A 1 83  ? -0.245  6.909   1.044   1.00 21.11 ? 83  ALA A N   1 
ATOM   465  C CA  . ALA A 1 83  ? -0.786  6.150   2.171   1.00 17.78 ? 83  ALA A CA  1 
ATOM   466  C C   . ALA A 1 83  ? -0.085  6.603   3.455   1.00 16.42 ? 83  ALA A C   1 
ATOM   467  O O   . ALA A 1 83  ? -0.727  6.831   4.463   1.00 19.95 ? 83  ALA A O   1 
ATOM   468  C CB  . ALA A 1 83  ? -0.579  4.617   1.952   1.00 19.46 ? 83  ALA A CB  1 
ATOM   469  N N   . ASP A 1 84  ? 1.235   6.663   3.403   1.00 18.71 ? 84  ASP A N   1 
ATOM   470  C CA  . ASP A 1 84  ? 2.008   7.041   4.580   1.00 19.87 ? 84  ASP A CA  1 
ATOM   471  C C   . ASP A 1 84  ? 1.618   8.440   5.088   1.00 19.67 ? 84  ASP A C   1 
ATOM   472  O O   . ASP A 1 84  ? 1.430   8.643   6.282   1.00 18.58 ? 84  ASP A O   1 
ATOM   473  C CB  . ASP A 1 84  ? 3.496   6.960   4.270   1.00 20.62 ? 84  ASP A CB  1 
ATOM   474  C CG  . ASP A 1 84  ? 4.306   7.045   5.499   1.00 25.91 ? 84  ASP A CG  1 
ATOM   475  O OD1 . ASP A 1 84  ? 4.163   6.188   6.399   1.00 22.84 ? 84  ASP A OD1 1 
ATOM   476  O OD2 . ASP A 1 84  ? 5.105   7.968   5.577   1.00 27.64 ? 84  ASP A OD2 1 
ATOM   477  N N   . MET A 1 85  ? 1.490   9.417   4.181   1.00 22.90 ? 85  MET A N   1 
ATOM   478  C CA  . MET A 1 85  ? 1.028   10.753  4.563   1.00 25.59 ? 85  MET A CA  1 
ATOM   479  C C   . MET A 1 85  ? -0.367  10.735  5.153   1.00 24.07 ? 85  MET A C   1 
ATOM   480  O O   . MET A 1 85  ? -0.606  11.435  6.106   1.00 21.47 ? 85  MET A O   1 
ATOM   481  C CB  . MET A 1 85  ? 1.110   11.720  3.378   1.00 30.13 ? 85  MET A CB  1 
ATOM   482  C CG  . MET A 1 85  ? 2.549   12.069  2.994   1.00 33.92 ? 85  MET A CG  1 
ATOM   483  S SD  . MET A 1 85  ? 2.714   12.958  1.406   1.00 49.21 ? 85  MET A SD  1 
ATOM   484  C CE  . MET A 1 85  ? 1.931   14.543  1.782   1.00 41.69 ? 85  MET A CE  1 
ATOM   485  N N   . ALA A 1 86  ? -1.300  9.978   4.580   1.00 21.35 ? 86  ALA A N   1 
ATOM   486  C CA  . ALA A 1 86  ? -2.631  9.928   5.130   1.00 22.29 ? 86  ALA A CA  1 
ATOM   487  C C   . ALA A 1 86  ? -2.593  9.358   6.554   1.00 23.33 ? 86  ALA A C   1 
ATOM   488  O O   . ALA A 1 86  ? -3.332  9.794   7.474   1.00 22.82 ? 86  ALA A O   1 
ATOM   489  C CB  . ALA A 1 86  ? -3.517  9.013   4.279   1.00 22.16 ? 86  ALA A CB  1 
ATOM   490  N N   . LEU A 1 87  ? -1.778  8.339   6.745   1.00 21.82 ? 87  LEU A N   1 
ATOM   491  C CA  . LEU A 1 87  ? -1.720  7.703   8.117   1.00 18.25 ? 87  LEU A CA  1 
ATOM   492  C C   . LEU A 1 87  ? -1.087  8.712   9.133   1.00 20.99 ? 87  LEU A C   1 
ATOM   493  O O   . LEU A 1 87  ? -1.479  8.765   10.292  1.00 22.45 ? 87  LEU A O   1 
ATOM   494  C CB  . LEU A 1 87  ? -0.845  6.424   8.048   1.00 20.58 ? 87  LEU A CB  1 
ATOM   495  C CG  . LEU A 1 87  ? -0.729  5.708   9.414   1.00 19.73 ? 87  LEU A CG  1 
ATOM   496  C CD1 . LEU A 1 87  ? -2.064  5.083   9.871   1.00 20.33 ? 87  LEU A CD1 1 
ATOM   497  C CD2 . LEU A 1 87  ? 0.389   4.658   9.334   1.00 22.09 ? 87  LEU A CD2 1 
ATOM   498  N N   . GLN A 1 88  ? -0.065  9.449   8.677   1.00 20.86 ? 88  GLN A N   1 
ATOM   499  C CA  . GLN A 1 88  ? 0.593   10.434  9.529   1.00 24.61 ? 88  GLN A CA  1 
ATOM   500  C C   . GLN A 1 88  ? -0.447  11.515  9.902   1.00 25.50 ? 88  GLN A C   1 
ATOM   501  O O   . GLN A 1 88  ? -0.480  11.956  11.045  1.00 28.09 ? 88  GLN A O   1 
ATOM   502  C CB  . GLN A 1 88  ? 1.744   11.065  8.780   1.00 26.80 ? 88  GLN A CB  1 
ATOM   503  C CG  . GLN A 1 88  ? 2.601   11.999  9.614   1.00 44.40 ? 88  GLN A CG  1 
ATOM   504  C CD  . GLN A 1 88  ? 3.828   12.440  8.831   1.00 57.12 ? 88  GLN A CD  1 
ATOM   505  O OE1 . GLN A 1 88  ? 4.209   11.814  7.825   1.00 67.66 ? 88  GLN A OE1 1 
ATOM   506  N NE2 . GLN A 1 88  ? 4.451   13.519  9.280   1.00 60.39 ? 88  GLN A NE2 1 
ATOM   507  N N   . THR A 1 89  ? -1.299  11.924  8.942   1.00 24.69 ? 89  THR A N   1 
ATOM   508  C CA  . THR A 1 89  ? -2.411  12.855  9.249   1.00 28.23 ? 89  THR A CA  1 
ATOM   509  C C   . THR A 1 89  ? -3.342  12.367  10.333  1.00 30.36 ? 89  THR A C   1 
ATOM   510  O O   . THR A 1 89  ? -3.729  13.118  11.305  1.00 31.11 ? 89  THR A O   1 
ATOM   511  C CB  . THR A 1 89  ? -3.223  13.116  7.971   1.00 29.38 ? 89  THR A CB  1 
ATOM   512  O OG1 . THR A 1 89  ? -2.374  13.818  7.067   1.00 34.33 ? 89  THR A OG1 1 
ATOM   513  C CG2 . THR A 1 89  ? -4.432  13.896  8.269   1.00 36.95 ? 89  THR A CG2 1 
ATOM   514  N N   . LEU A 1 90  ? -3.738  11.113  10.196  1.00 29.65 ? 90  LEU A N   1 
ATOM   515  C CA  . LEU A 1 90  ? -4.548  10.455  11.202  1.00 29.15 ? 90  LEU A CA  1 
ATOM   516  C C   . LEU A 1 90  ? -3.863  10.421  12.533  1.00 29.18 ? 90  LEU A C   1 
ATOM   517  O O   . LEU A 1 90  ? -4.509  10.658  13.575  1.00 33.58 ? 90  LEU A O   1 
ATOM   518  C CB  . LEU A 1 90  ? -4.814  8.994   10.796  1.00 30.05 ? 90  LEU A CB  1 
ATOM   519  C CG  . LEU A 1 90  ? -6.167  8.639   10.242  1.00 41.24 ? 90  LEU A CG  1 
ATOM   520  C CD1 . LEU A 1 90  ? -6.240  7.117   10.102  1.00 31.17 ? 90  LEU A CD1 1 
ATOM   521  C CD2 . LEU A 1 90  ? -7.271  9.214   11.165  1.00 38.46 ? 90  LEU A CD2 1 
ATOM   522  N N   . ALA A 1 91  ? -2.565  10.104  12.512  1.00 30.41 ? 91  ALA A N   1 
ATOM   523  C CA  . ALA A 1 91  ? -1.798  9.950   13.759  1.00 35.68 ? 91  ALA A CA  1 
ATOM   524  C C   . ALA A 1 91  ? -1.833  11.297  14.496  1.00 40.16 ? 91  ALA A C   1 
ATOM   525  O O   . ALA A 1 91  ? -1.989  11.300  15.678  1.00 42.88 ? 91  ALA A O   1 
ATOM   526  C CB  . ALA A 1 91  ? -0.326  9.544   13.481  1.00 29.51 ? 91  ALA A CB  1 
ATOM   527  N N   . GLU A 1 92  ? -1.691  12.428  13.786  1.00 39.51 ? 92  GLU A N   1 
ATOM   528  C CA  . GLU A 1 92  ? -1.668  13.740  14.438  1.00 43.74 ? 92  GLU A CA  1 
ATOM   529  C C   . GLU A 1 92  ? -3.081  14.289  14.648  1.00 44.38 ? 92  GLU A C   1 
ATOM   530  O O   . GLU A 1 92  ? -3.259  15.393  15.117  1.00 44.03 ? 92  GLU A O   1 
ATOM   531  C CB  . GLU A 1 92  ? -0.857  14.738  13.626  1.00 42.53 ? 92  GLU A CB  1 
ATOM   532  C CG  . GLU A 1 92  ? 0.467   14.223  13.141  1.00 42.87 ? 92  GLU A CG  1 
ATOM   533  C CD  . GLU A 1 92  ? 0.975   15.008  11.946  1.00 46.56 ? 92  GLU A CD  1 
ATOM   534  O OE1 . GLU A 1 92  ? 0.199   15.787  11.360  1.00 47.59 ? 92  GLU A OE1 1 
ATOM   535  O OE2 . GLU A 1 92  ? 2.156   14.858  11.584  1.00 51.38 ? 92  GLU A OE2 1 
ATOM   536  N N   . ASN A 1 93  ? -4.094  13.516  14.269  1.00 52.37 ? 93  ASN A N   1 
ATOM   537  C CA  . ASN A 1 93  ? -5.491  13.914  14.452  1.00 49.61 ? 93  ASN A CA  1 
ATOM   538  C C   . ASN A 1 93  ? -6.367  12.783  14.895  1.00 51.98 ? 93  ASN A C   1 
ATOM   539  O O   . ASN A 1 93  ? -7.212  12.297  14.115  1.00 51.34 ? 93  ASN A O   1 
ATOM   540  C CB  . ASN A 1 93  ? -6.023  14.496  13.167  1.00 50.06 ? 93  ASN A CB  1 
ATOM   541  C CG  . ASN A 1 93  ? -5.333  15.779  12.827  1.00 53.95 ? 93  ASN A CG  1 
ATOM   542  O OD1 . ASN A 1 93  ? -4.661  15.905  11.795  1.00 49.69 ? 93  ASN A OD1 1 
ATOM   543  N ND2 . ASN A 1 93  ? -5.432  16.726  13.738  1.00 52.02 ? 93  ASN A ND2 1 
ATOM   544  N N   . PRO A 1 94  ? -6.167  12.346  16.147  1.00 53.67 ? 94  PRO A N   1 
ATOM   545  C CA  . PRO A 1 94  ? -6.995  11.264  16.725  1.00 55.89 ? 94  PRO A CA  1 
ATOM   546  C C   . PRO A 1 94  ? -8.528  11.428  16.406  1.00 57.53 ? 94  PRO A C   1 
ATOM   547  O O   . PRO A 1 94  ? -9.110  12.471  16.722  1.00 56.31 ? 94  PRO A O   1 
ATOM   548  C CB  . PRO A 1 94  ? -6.710  11.381  18.254  1.00 48.43 ? 94  PRO A CB  1 
ATOM   549  C CG  . PRO A 1 94  ? -5.986  12.705  18.435  1.00 54.09 ? 94  PRO A CG  1 
ATOM   550  C CD  . PRO A 1 94  ? -5.241  12.944  17.137  1.00 50.09 ? 94  PRO A CD  1 
ATOM   551  N N   . ALA A 1 95  ? -9.141  10.433  15.750  1.00 56.65 ? 95  ALA A N   1 
ATOM   552  C CA  . ALA A 1 95  ? -10.614 10.336  15.607  1.00 55.49 ? 95  ALA A CA  1 
ATOM   553  C C   . ALA A 1 95  ? -11.249 10.030  16.976  1.00 58.33 ? 95  ALA A C   1 
ATOM   554  O O   . ALA A 1 95  ? -10.751 9.163   17.715  1.00 58.05 ? 95  ALA A O   1 
ATOM   555  C CB  . ALA A 1 95  ? -11.008 9.279   14.566  1.00 51.47 ? 95  ALA A CB  1 
ATOM   556  N N   . ASP A 1 96  ? -12.340 10.743  17.306  1.00 54.67 ? 96  ASP A N   1 
ATOM   557  C CA  . ASP A 1 96  ? -13.005 10.710  18.627  1.00 55.18 ? 96  ASP A CA  1 
ATOM   558  C C   . ASP A 1 96  ? -14.049 9.581   18.724  1.00 56.25 ? 96  ASP A C   1 
ATOM   559  O O   . ASP A 1 96  ? -15.288 9.779   18.538  1.00 42.66 ? 96  ASP A O   1 
ATOM   560  C CB  . ASP A 1 96  ? -13.662 12.067  18.892  1.00 56.59 ? 96  ASP A CB  1 
ATOM   561  C CG  . ASP A 1 96  ? -13.891 12.326  20.339  1.00 67.62 ? 96  ASP A CG  1 
ATOM   562  O OD1 . ASP A 1 96  ? -14.649 11.556  20.972  1.00 67.09 ? 96  ASP A OD1 1 
ATOM   563  O OD2 . ASP A 1 96  ? -13.318 13.326  20.838  1.00 77.84 ? 96  ASP A OD2 1 
ATOM   564  N N   . THR A 1 97  ? -13.538 8.390   19.023  1.00 51.81 ? 97  THR A N   1 
ATOM   565  C CA  . THR A 1 97  ? -14.306 7.168   18.808  1.00 45.04 ? 97  THR A CA  1 
ATOM   566  C C   . THR A 1 97  ? -13.722 6.006   19.635  1.00 43.11 ? 97  THR A C   1 
ATOM   567  O O   . THR A 1 97  ? -12.695 6.165   20.319  1.00 42.03 ? 97  THR A O   1 
ATOM   568  C CB  . THR A 1 97  ? -14.413 6.902   17.269  1.00 42.61 ? 97  THR A CB  1 
ATOM   569  O OG1 . THR A 1 97  ? -15.324 5.817   17.021  1.00 50.98 ? 97  THR A OG1 1 
ATOM   570  C CG2 . THR A 1 97  ? -13.021 6.668   16.647  1.00 42.69 ? 97  THR A CG2 1 
ATOM   571  N N   . ASP A 1 98  ? -14.381 4.844   19.624  1.00 41.87 ? 98  ASP A N   1 
ATOM   572  C CA  . ASP A 1 98  ? -13.892 3.742   20.451  1.00 37.20 ? 98  ASP A CA  1 
ATOM   573  C C   . ASP A 1 98  ? -12.659 3.094   19.802  1.00 37.21 ? 98  ASP A C   1 
ATOM   574  O O   . ASP A 1 98  ? -12.265 3.430   18.676  1.00 34.79 ? 98  ASP A O   1 
ATOM   575  C CB  . ASP A 1 98  ? -15.007 2.715   20.711  1.00 41.72 ? 98  ASP A CB  1 
ATOM   576  C CG  . ASP A 1 98  ? -15.617 2.175   19.447  1.00 45.56 ? 98  ASP A CG  1 
ATOM   577  O OD1 . ASP A 1 98  ? -14.913 1.999   18.434  1.00 43.08 ? 98  ASP A OD1 1 
ATOM   578  O OD2 . ASP A 1 98  ? -16.830 1.910   19.468  1.00 53.64 ? 98  ASP A OD2 1 
ATOM   579  N N   . ARG A 1 99  ? -12.003 2.225   20.548  1.00 31.83 ? 99  ARG A N   1 
ATOM   580  C CA  . ARG A 1 99  ? -10.837 1.517   20.051  1.00 34.95 ? 99  ARG A CA  1 
ATOM   581  C C   . ARG A 1 99  ? -11.005 0.776   18.696  1.00 28.25 ? 99  ARG A C   1 
ATOM   582  O O   . ARG A 1 99  ? -10.101 0.819   17.859  1.00 30.76 ? 99  ARG A O   1 
ATOM   583  C CB  . ARG A 1 99  ? -10.342 0.566   21.142  1.00 37.76 ? 99  ARG A CB  1 
ATOM   584  C CG  . ARG A 1 99  ? -9.745  1.449   22.235  1.00 49.64 ? 99  ARG A CG  1 
ATOM   585  C CD  . ARG A 1 99  ? -9.348  0.762   23.524  1.00 47.96 ? 99  ARG A CD  1 
ATOM   586  N NE  . ARG A 1 99  ? -8.327  1.617   24.135  1.00 45.72 ? 99  ARG A NE  1 
ATOM   587  C CZ  . ARG A 1 99  ? -8.548  2.515   25.085  1.00 52.54 ? 99  ARG A CZ  1 
ATOM   588  N NH1 . ARG A 1 99  ? -9.788  2.663   25.574  1.00 56.98 ? 99  ARG A NH1 1 
ATOM   589  N NH2 . ARG A 1 99  ? -7.530  3.254   25.550  1.00 47.50 ? 99  ARG A NH2 1 
ATOM   590  N N   . GLU A 1 100 ? -12.137 0.127   18.487  1.00 23.86 ? 100 GLU A N   1 
ATOM   591  C CA  . GLU A 1 100 ? -12.310 -0.646  17.310  1.00 27.80 ? 100 GLU A CA  1 
ATOM   592  C C   . GLU A 1 100 ? -12.374 0.305   16.118  1.00 30.43 ? 100 GLU A C   1 
ATOM   593  O O   . GLU A 1 100 ? -11.795 0.056   15.018  1.00 23.84 ? 100 GLU A O   1 
ATOM   594  C CB  . GLU A 1 100 ? -13.590 -1.464  17.379  1.00 30.01 ? 100 GLU A CB  1 
ATOM   595  C CG  . GLU A 1 100 ? -13.950 -1.921  15.984  1.00 34.77 ? 100 GLU A CG  1 
ATOM   596  C CD  . GLU A 1 100 ? -15.157 -2.799  15.925  1.00 47.85 ? 100 GLU A CD  1 
ATOM   597  O OE1 . GLU A 1 100 ? -15.434 -3.502  16.925  1.00 49.13 ? 100 GLU A OE1 1 
ATOM   598  O OE2 . GLU A 1 100 ? -15.813 -2.782  14.854  1.00 50.31 ? 100 GLU A OE2 1 
ATOM   599  N N   . ASN A 1 101 ? -13.111 1.396   16.314  1.00 26.86 ? 101 ASN A N   1 
ATOM   600  C CA  . ASN A 1 101 ? -13.188 2.400   15.228  1.00 27.42 ? 101 ASN A CA  1 
ATOM   601  C C   . ASN A 1 101 ? -11.882 3.111   14.945  1.00 24.33 ? 101 ASN A C   1 
ATOM   602  O O   . ASN A 1 101 ? -11.647 3.457   13.838  1.00 23.09 ? 101 ASN A O   1 
ATOM   603  C CB  . ASN A 1 101 ? -14.335 3.418   15.413  1.00 33.98 ? 101 ASN A CB  1 
ATOM   604  C CG  . ASN A 1 101 ? -15.559 2.987   14.638  1.00 44.87 ? 101 ASN A CG  1 
ATOM   605  O OD1 . ASN A 1 101 ? -15.643 3.229   13.432  1.00 50.97 ? 101 ASN A OD1 1 
ATOM   606  N ND2 . ASN A 1 101 ? -16.466 2.231   15.307  1.00 44.36 ? 101 ASN A ND2 1 
ATOM   607  N N   . MET A 1 102 ? -11.033 3.293   15.938  1.00 26.06 ? 102 MET A N   1 
ATOM   608  C CA  . MET A 1 102 ? -9.721  3.878   15.720  1.00 27.08 ? 102 MET A CA  1 
ATOM   609  C C   . MET A 1 102 ? -8.858  2.923   14.833  1.00 24.65 ? 102 MET A C   1 
ATOM   610  O O   . MET A 1 102 ? -8.198  3.390   13.930  1.00 23.79 ? 102 MET A O   1 
ATOM   611  C CB  . MET A 1 102 ? -9.014  4.173   17.068  1.00 30.74 ? 102 MET A CB  1 
ATOM   612  C CG  . MET A 1 102 ? -9.620  5.460   17.714  1.00 51.68 ? 102 MET A CG  1 
ATOM   613  S SD  . MET A 1 102 ? -8.960  5.967   19.328  1.00 58.75 ? 102 MET A SD  1 
ATOM   614  C CE  . MET A 1 102 ? -10.010 7.295   19.950  1.00 56.70 ? 102 MET A CE  1 
ATOM   615  N N   . TRP A 1 103 ? -8.858  1.611   15.106  1.00 22.35 ? 103 TRP A N   1 
ATOM   616  C CA  . TRP A 1 103 ? -8.091  0.687   14.202  1.00 21.19 ? 103 TRP A CA  1 
ATOM   617  C C   . TRP A 1 103 ? -8.693  0.628   12.809  1.00 20.04 ? 103 TRP A C   1 
ATOM   618  O O   . TRP A 1 103 ? -7.980  0.565   11.818  1.00 20.71 ? 103 TRP A O   1 
ATOM   619  C CB  . TRP A 1 103 ? -8.024  -0.706  14.797  1.00 20.25 ? 103 TRP A CB  1 
ATOM   620  C CG  . TRP A 1 103 ? -7.094  -0.698  15.966  1.00 20.03 ? 103 TRP A CG  1 
ATOM   621  C CD1 . TRP A 1 103 ? -7.424  -0.792  17.313  1.00 20.76 ? 103 TRP A CD1 1 
ATOM   622  C CD2 . TRP A 1 103 ? -5.634  -0.579  15.925  1.00 19.90 ? 103 TRP A CD2 1 
ATOM   623  N NE1 . TRP A 1 103 ? -6.280  -0.796  18.106  1.00 21.36 ? 103 TRP A NE1 1 
ATOM   624  C CE2 . TRP A 1 103 ? -5.182  -0.629  17.346  1.00 21.55 ? 103 TRP A CE2 1 
ATOM   625  C CE3 . TRP A 1 103 ? -4.699  -0.382  14.913  1.00 21.40 ? 103 TRP A CE3 1 
ATOM   626  C CZ2 . TRP A 1 103 ? -3.843  -0.531  17.709  1.00 20.58 ? 103 TRP A CZ2 1 
ATOM   627  C CZ3 . TRP A 1 103 ? -3.333  -0.291  15.298  1.00 22.32 ? 103 TRP A CZ3 1 
ATOM   628  C CH2 . TRP A 1 103 ? -2.929  -0.398  16.678  1.00 18.70 ? 103 TRP A CH2 1 
ATOM   629  N N   . ARG A 1 104 ? -10.025 0.606   12.740  1.00 19.01 ? 104 ARG A N   1 
ATOM   630  C CA  . ARG A 1 104 ? -10.728 0.643   11.459  1.00 17.49 ? 104 ARG A CA  1 
ATOM   631  C C   . ARG A 1 104 ? -10.274 1.867   10.607  1.00 18.89 ? 104 ARG A C   1 
ATOM   632  O O   . ARG A 1 104 ? -10.040 1.755   9.417   1.00 19.10 ? 104 ARG A O   1 
ATOM   633  C CB  . ARG A 1 104 ? -12.236 0.747   11.740  1.00 16.52 ? 104 ARG A CB  1 
ATOM   634  C CG  . ARG A 1 104 ? -12.999 0.656   10.427  1.00 19.12 ? 104 ARG A CG  1 
ATOM   635  C CD  . ARG A 1 104 ? -14.512 0.581   10.548  1.00 21.39 ? 104 ARG A CD  1 
ATOM   636  N NE  . ARG A 1 104 ? -14.873 -0.495  11.464  1.00 29.09 ? 104 ARG A NE  1 
ATOM   637  C CZ  . ARG A 1 104 ? -15.163 -1.747  11.111  1.00 32.97 ? 104 ARG A CZ  1 
ATOM   638  N NH1 . ARG A 1 104 ? -15.232 -2.129  9.797   1.00 33.35 ? 104 ARG A NH1 1 
ATOM   639  N NH2 . ARG A 1 104 ? -15.461 -2.604  12.105  1.00 30.27 ? 104 ARG A NH2 1 
ATOM   640  N N   . THR A 1 105 ? -10.130 3.053   11.212  1.00 17.35 ? 105 THR A N   1 
ATOM   641  C CA  . THR A 1 105 ? -9.891  4.223   10.389  1.00 18.69 ? 105 THR A CA  1 
ATOM   642  C C   . THR A 1 105 ? -8.468  4.093   9.897   1.00 17.15 ? 105 THR A C   1 
ATOM   643  O O   . THR A 1 105 ? -8.158  4.553   8.840   1.00 17.05 ? 105 THR A O   1 
ATOM   644  C CB  . THR A 1 105 ? -10.157 5.608   11.151  1.00 21.84 ? 105 THR A CB  1 
ATOM   645  O OG1 . THR A 1 105 ? -9.065  5.848   12.038  1.00 35.39 ? 105 THR A OG1 1 
ATOM   646  C CG2 . THR A 1 105 ? -11.467 5.570   11.966  1.00 17.65 ? 105 THR A CG2 1 
ATOM   647  N N   . GLY A 1 106 ? -7.599  3.505   10.698  1.00 18.47 ? 106 GLY A N   1 
ATOM   648  C CA  . GLY A 1 106 ? -6.191  3.385   10.314  1.00 17.16 ? 106 GLY A CA  1 
ATOM   649  C C   . GLY A 1 106 ? -6.001  2.361   9.176   1.00 17.70 ? 106 GLY A C   1 
ATOM   650  O O   . GLY A 1 106 ? -5.365  2.634   8.113   1.00 18.91 ? 106 GLY A O   1 
ATOM   651  N N   . ILE A 1 107 ? -6.617  1.190   9.326   1.00 14.54 ? 107 ILE A N   1 
ATOM   652  C CA  . ILE A 1 107 ? -6.557  0.210   8.249   1.00 16.07 ? 107 ILE A CA  1 
ATOM   653  C C   . ILE A 1 107 ? -7.207  0.775   6.973   1.00 13.82 ? 107 ILE A C   1 
ATOM   654  O O   . ILE A 1 107 ? -6.812  0.451   5.882   1.00 15.06 ? 107 ILE A O   1 
ATOM   655  C CB  . ILE A 1 107 ? -7.226  -1.112  8.720   1.00 15.08 ? 107 ILE A CB  1 
ATOM   656  C CG1 . ILE A 1 107 ? -6.415  -1.702  9.901   1.00 15.35 ? 107 ILE A CG1 1 
ATOM   657  C CG2 . ILE A 1 107 ? -7.461  -2.069  7.553   1.00 13.83 ? 107 ILE A CG2 1 
ATOM   658  C CD1 . ILE A 1 107 ? -7.237  -2.732  10.617  1.00 18.11 ? 107 ILE A CD1 1 
ATOM   659  N N   . ASN A 1 108 ? -8.276  1.539   7.139   1.00 14.95 ? 108 ASN A N   1 
ATOM   660  C CA  . ASN A 1 108 ? -9.019  2.122   5.991   1.00 14.29 ? 108 ASN A CA  1 
ATOM   661  C C   . ASN A 1 108 ? -8.118  3.045   5.139   1.00 16.48 ? 108 ASN A C   1 
ATOM   662  O O   . ASN A 1 108 ? -8.302  3.207   3.914   1.00 16.64 ? 108 ASN A O   1 
ATOM   663  C CB  . ASN A 1 108 ? -10.222 2.900   6.527   1.00 15.55 ? 108 ASN A CB  1 
ATOM   664  C CG  . ASN A 1 108 ? -11.132 3.374   5.382   1.00 18.72 ? 108 ASN A CG  1 
ATOM   665  O OD1 . ASN A 1 108 ? -11.595 2.557   4.534   1.00 17.39 ? 108 ASN A OD1 1 
ATOM   666  N ND2 . ASN A 1 108 ? -11.280 4.690   5.282   1.00 16.64 ? 108 ASN A ND2 1 
ATOM   667  N N   . VAL A 1 109 ? -7.133  3.615   5.781   1.00 15.57 ? 109 VAL A N   1 
ATOM   668  C CA  . VAL A 1 109 ? -6.189  4.462   5.014   1.00 18.42 ? 109 VAL A CA  1 
ATOM   669  C C   . VAL A 1 109 ? -5.588  3.562   3.912   1.00 20.45 ? 109 VAL A C   1 
ATOM   670  O O   . VAL A 1 109 ? -5.482  3.931   2.741   1.00 19.09 ? 109 VAL A O   1 
ATOM   671  C CB  . VAL A 1 109 ? -5.019  4.956   5.935   1.00 19.61 ? 109 VAL A CB  1 
ATOM   672  C CG1 . VAL A 1 109 ? -3.894  5.519   5.128   1.00 22.21 ? 109 VAL A CG1 1 
ATOM   673  C CG2 . VAL A 1 109 ? -5.535  6.019   6.860   1.00 17.75 ? 109 VAL A CG2 1 
ATOM   674  N N   . PHE A 1 110 ? -5.250  2.321   4.248   1.00 18.59 ? 110 PHE A N   1 
ATOM   675  C CA  . PHE A 1 110 ? -4.598  1.436   3.238   1.00 16.95 ? 110 PHE A CA  1 
ATOM   676  C C   . PHE A 1 110 ? -5.600  0.803   2.272   1.00 17.90 ? 110 PHE A C   1 
ATOM   677  O O   . PHE A 1 110 ? -5.377  0.711   1.058   1.00 17.72 ? 110 PHE A O   1 
ATOM   678  C CB  . PHE A 1 110 ? -3.776  0.372   3.938   1.00 19.44 ? 110 PHE A CB  1 
ATOM   679  C CG  . PHE A 1 110 ? -2.638  0.969   4.670   1.00 20.06 ? 110 PHE A CG  1 
ATOM   680  C CD1 . PHE A 1 110 ? -1.461  1.238   4.001   1.00 21.43 ? 110 PHE A CD1 1 
ATOM   681  C CD2 . PHE A 1 110 ? -2.778  1.384   5.991   1.00 20.92 ? 110 PHE A CD2 1 
ATOM   682  C CE1 . PHE A 1 110 ? -0.416  1.855   4.668   1.00 23.32 ? 110 PHE A CE1 1 
ATOM   683  C CE2 . PHE A 1 110 ? -1.719  2.022   6.668   1.00 25.36 ? 110 PHE A CE2 1 
ATOM   684  C CZ  . PHE A 1 110 ? -0.544  2.280   5.984   1.00 20.34 ? 110 PHE A CZ  1 
ATOM   685  N N   . PHE A 1 111 ? -6.758  0.488   2.784   1.00 18.40 ? 111 PHE A N   1 
ATOM   686  C CA  . PHE A 1 111 ? -7.795  -0.062  1.943   1.00 18.39 ? 111 PHE A CA  1 
ATOM   687  C C   . PHE A 1 111 ? -8.195  0.964   0.852   1.00 18.59 ? 111 PHE A C   1 
ATOM   688  O O   . PHE A 1 111 ? -8.369  0.586   -0.284  1.00 16.78 ? 111 PHE A O   1 
ATOM   689  C CB  . PHE A 1 111 ? -8.953  -0.385  2.874   1.00 18.36 ? 111 PHE A CB  1 
ATOM   690  C CG  . PHE A 1 111 ? -10.189 -0.829  2.184   1.00 19.68 ? 111 PHE A CG  1 
ATOM   691  C CD1 . PHE A 1 111 ? -10.303 -2.112  1.618   1.00 19.62 ? 111 PHE A CD1 1 
ATOM   692  C CD2 . PHE A 1 111 ? -11.302 0.010   2.172   1.00 19.07 ? 111 PHE A CD2 1 
ATOM   693  C CE1 . PHE A 1 111 ? -11.510 -2.524  1.019   1.00 19.51 ? 111 PHE A CE1 1 
ATOM   694  C CE2 . PHE A 1 111 ? -12.522 -0.389  1.554   1.00 22.48 ? 111 PHE A CE2 1 
ATOM   695  C CZ  . PHE A 1 111 ? -12.620 -1.663  0.978   1.00 21.24 ? 111 PHE A CZ  1 
ATOM   696  N N   . GLU A 1 112 ? -8.423  2.237   1.225   1.00 17.21 ? 112 GLU A N   1 
ATOM   697  C CA  . GLU A 1 112 ? -8.826  3.238   0.268   1.00 19.36 ? 112 GLU A CA  1 
ATOM   698  C C   . GLU A 1 112 ? -7.688  3.627   -0.592  1.00 19.22 ? 112 GLU A C   1 
ATOM   699  O O   . GLU A 1 112 ? -7.899  3.869   -1.768  1.00 19.66 ? 112 GLU A O   1 
ATOM   700  C CB  . GLU A 1 112 ? -9.336  4.535   0.988   1.00 22.10 ? 112 GLU A CB  1 
ATOM   701  C CG  . GLU A 1 112 ? -10.749 4.357   1.552   1.00 24.58 ? 112 GLU A CG  1 
ATOM   702  C CD  . GLU A 1 112 ? -11.789 4.120   0.446   1.00 31.55 ? 112 GLU A CD  1 
ATOM   703  O OE1 . GLU A 1 112 ? -11.606 4.640   -0.666  1.00 32.73 ? 112 GLU A OE1 1 
ATOM   704  O OE2 . GLU A 1 112 ? -12.793 3.407   0.672   1.00 33.33 ? 112 GLU A OE2 1 
ATOM   705  N N   . THR A 1 113 ? -6.497  3.822   -0.031  1.00 17.83 ? 113 THR A N   1 
ATOM   706  C CA  . THR A 1 113 ? -5.420  4.346   -0.897  1.00 21.19 ? 113 THR A CA  1 
ATOM   707  C C   . THR A 1 113 ? -4.976  3.310   -1.912  1.00 22.24 ? 113 THR A C   1 
ATOM   708  O O   . THR A 1 113 ? -4.890  3.633   -3.112  1.00 22.40 ? 113 THR A O   1 
ATOM   709  C CB  . THR A 1 113 ? -4.158  4.748   -0.096  1.00 23.35 ? 113 THR A CB  1 
ATOM   710  O OG1 . THR A 1 113 ? -4.571  5.699   0.834   1.00 22.12 ? 113 THR A OG1 1 
ATOM   711  C CG2 . THR A 1 113 ? -3.092  5.333   -0.953  1.00 25.87 ? 113 THR A CG2 1 
ATOM   712  N N   . PHE A 1 114 ? -4.682  2.088   -1.472  1.00 19.05 ? 114 PHE A N   1 
ATOM   713  C CA  . PHE A 1 114 ? -4.242  0.987   -2.438  1.00 18.58 ? 114 PHE A CA  1 
ATOM   714  C C   . PHE A 1 114 ? -5.427  0.520   -3.288  1.00 21.38 ? 114 PHE A C   1 
ATOM   715  O O   . PHE A 1 114 ? -5.284  0.177   -4.473  1.00 21.78 ? 114 PHE A O   1 
ATOM   716  C CB  . PHE A 1 114 ? -3.604  -0.174  -1.661  1.00 19.00 ? 114 PHE A CB  1 
ATOM   717  C CG  . PHE A 1 114 ? -2.232  0.145   -1.202  1.00 20.49 ? 114 PHE A CG  1 
ATOM   718  C CD1 . PHE A 1 114 ? -1.126  0.112   -2.117  1.00 21.42 ? 114 PHE A CD1 1 
ATOM   719  C CD2 . PHE A 1 114 ? -2.013  0.541   0.088   1.00 24.53 ? 114 PHE A CD2 1 
ATOM   720  C CE1 . PHE A 1 114 ? 0.155   0.470   -1.683  1.00 25.71 ? 114 PHE A CE1 1 
ATOM   721  C CE2 . PHE A 1 114 ? -0.719  0.969   0.532   1.00 25.74 ? 114 PHE A CE2 1 
ATOM   722  C CZ  . PHE A 1 114 ? 0.345   0.929   -0.349  1.00 24.63 ? 114 PHE A CZ  1 
ATOM   723  N N   . GLY A 1 115 ? -6.635  0.533   -2.666  1.00 19.95 ? 115 GLY A N   1 
ATOM   724  C CA  . GLY A 1 115 ? -7.873  0.145   -3.384  1.00 21.18 ? 115 GLY A CA  1 
ATOM   725  C C   . GLY A 1 115 ? -8.289  1.176   -4.449  1.00 24.28 ? 115 GLY A C   1 
ATOM   726  O O   . GLY A 1 115 ? -9.002  0.829   -5.399  1.00 25.07 ? 115 GLY A O   1 
ATOM   727  N N   . SER A 1 116 ? -7.819  2.409   -4.326  1.00 21.89 ? 116 SER A N   1 
ATOM   728  C CA  . SER A 1 116 ? -7.973  3.401   -5.424  1.00 27.45 ? 116 SER A CA  1 
ATOM   729  C C   . SER A 1 116 ? -6.889  3.315   -6.475  1.00 25.26 ? 116 SER A C   1 
ATOM   730  O O   . SER A 1 116 ? -6.952  3.991   -7.494  1.00 27.36 ? 116 SER A O   1 
ATOM   731  C CB  . SER A 1 116 ? -8.038  4.832   -4.890  1.00 24.92 ? 116 SER A CB  1 
ATOM   732  O OG  . SER A 1 116 ? -9.157  4.925   -4.041  1.00 28.19 ? 116 SER A OG  1 
ATOM   733  N N   . HIS A 1 117 ? -5.882  2.483   -6.268  1.00 25.80 ? 117 HIS A N   1 
ATOM   734  C CA  . HIS A 1 117 ? -4.868  2.279   -7.273  1.00 23.33 ? 117 HIS A CA  1 
ATOM   735  C C   . HIS A 1 117 ? -4.552  0.832   -7.503  1.00 22.80 ? 117 HIS A C   1 
ATOM   736  O O   . HIS A 1 117 ? -3.397  0.401   -7.354  1.00 21.07 ? 117 HIS A O   1 
ATOM   737  C CB  . HIS A 1 117 ? -3.599  3.101   -6.954  1.00 25.02 ? 117 HIS A CB  1 
ATOM   738  C CG  . HIS A 1 117 ? -3.835  4.561   -6.873  1.00 27.04 ? 117 HIS A CG  1 
ATOM   739  N ND1 . HIS A 1 117 ? -3.687  5.410   -7.962  1.00 28.42 ? 117 HIS A ND1 1 
ATOM   740  C CD2 . HIS A 1 117 ? -4.222  5.365   -5.786  1.00 28.57 ? 117 HIS A CD2 1 
ATOM   741  C CE1 . HIS A 1 117 ? -3.987  6.670   -7.569  1.00 28.74 ? 117 HIS A CE1 1 
ATOM   742  N NE2 . HIS A 1 117 ? -4.346  6.634   -6.253  1.00 34.59 ? 117 HIS A NE2 1 
ATOM   743  N N   . LYS A 1 118 ? -5.591  0.036   -7.776  1.00 23.89 ? 118 LYS A N   1 
ATOM   744  C CA  . LYS A 1 118 ? -5.410  -1.429  -7.898  1.00 22.42 ? 118 LYS A CA  1 
ATOM   745  C C   . LYS A 1 118 ? -4.385  -1.861  -8.915  1.00 23.17 ? 118 LYS A C   1 
ATOM   746  O O   . LYS A 1 118 ? -3.624  -2.826  -8.669  1.00 19.72 ? 118 LYS A O   1 
ATOM   747  C CB  . LYS A 1 118 ? -6.756  -2.143  -8.150  1.00 22.89 ? 118 LYS A CB  1 
ATOM   748  C CG  . LYS A 1 118 ? -7.759  -2.081  -6.985  1.00 25.68 ? 118 LYS A CG  1 
ATOM   749  C CD  . LYS A 1 118 ? -9.052  -2.739  -7.491  1.00 27.77 ? 118 LYS A CD  1 
ATOM   750  C CE  . LYS A 1 118 ? -10.156 -2.937  -6.471  1.00 35.66 ? 118 LYS A CE  1 
ATOM   751  N NZ  . LYS A 1 118 ? -10.468 -1.725  -5.683  1.00 39.78 ? 118 LYS A NZ  1 
ATOM   752  N N   . ALA A 1 119 ? -4.327  -1.166  -10.081 1.00 23.06 ? 119 ALA A N   1 
ATOM   753  C CA  . ALA A 1 119 ? -3.422  -1.646  -11.127 1.00 23.74 ? 119 ALA A CA  1 
ATOM   754  C C   . ALA A 1 119 ? -2.001  -1.458  -10.653 1.00 19.60 ? 119 ALA A C   1 
ATOM   755  O O   . ALA A 1 119 ? -1.175  -2.373  -10.843 1.00 26.51 ? 119 ALA A O   1 
ATOM   756  C CB  . ALA A 1 119 ? -3.668  -0.968  -12.499 1.00 24.78 ? 119 ALA A CB  1 
ATOM   757  N N   . VAL A 1 120 ? -1.687  -0.320  -10.073 1.00 22.93 ? 120 VAL A N   1 
ATOM   758  C CA  . VAL A 1 120 ? -0.297  -0.047  -9.605  1.00 22.94 ? 120 VAL A CA  1 
ATOM   759  C C   . VAL A 1 120 ? -0.009  -1.018  -8.469  1.00 26.77 ? 120 VAL A C   1 
ATOM   760  O O   . VAL A 1 120 ? 1.049   -1.698  -8.425  1.00 25.92 ? 120 VAL A O   1 
ATOM   761  C CB  . VAL A 1 120 ? -0.144  1.430   -9.121  1.00 26.64 ? 120 VAL A CB  1 
ATOM   762  C CG1 . VAL A 1 120 ? 1.121   1.654   -8.294  1.00 26.48 ? 120 VAL A CG1 1 
ATOM   763  C CG2 . VAL A 1 120 ? -0.223  2.411   -10.305 1.00 26.23 ? 120 VAL A CG2 1 
ATOM   764  N N   . THR A 1 121 ? -0.948  -1.111  -7.532  1.00 26.53 ? 121 THR A N   1 
ATOM   765  C CA  . THR A 1 121 ? -0.775  -2.116  -6.446  1.00 26.43 ? 121 THR A CA  1 
ATOM   766  C C   . THR A 1 121 ? -0.404  -3.473  -7.011  1.00 25.37 ? 121 THR A C   1 
ATOM   767  O O   . THR A 1 121 ? 0.610   -4.017  -6.567  1.00 24.67 ? 121 THR A O   1 
ATOM   768  C CB  . THR A 1 121 ? -2.043  -2.217  -5.622  1.00 24.20 ? 121 THR A CB  1 
ATOM   769  O OG1 . THR A 1 121 ? -2.269  -0.908  -5.077  1.00 22.99 ? 121 THR A OG1 1 
ATOM   770  C CG2 . THR A 1 121 ? -1.855  -3.245  -4.474  1.00 27.44 ? 121 THR A CG2 1 
ATOM   771  N N   . ARG A 1 122 ? -1.212  -4.038  -7.925  1.00 27.94 ? 122 ARG A N   1 
ATOM   772  C CA  . ARG A 1 122 ? -0.902  -5.365  -8.466  1.00 30.50 ? 122 ARG A CA  1 
ATOM   773  C C   . ARG A 1 122 ? 0.428   -5.434  -9.203  1.00 29.50 ? 122 ARG A C   1 
ATOM   774  O O   . ARG A 1 122 ? 1.147   -6.385  -9.008  1.00 27.69 ? 122 ARG A O   1 
ATOM   775  C CB  . ARG A 1 122 ? -1.969  -6.013  -9.395  1.00 33.92 ? 122 ARG A CB  1 
ATOM   776  C CG  . ARG A 1 122 ? -2.918  -5.101  -10.147 1.00 47.18 ? 122 ARG A CG  1 
ATOM   777  C CD  . ARG A 1 122 ? -3.586  -5.769  -11.369 1.00 57.74 ? 122 ARG A CD  1 
ATOM   778  N NE  . ARG A 1 122 ? -3.455  -7.237  -11.394 1.00 59.41 ? 122 ARG A NE  1 
ATOM   779  C CZ  . ARG A 1 122 ? -4.365  -8.098  -10.914 1.00 67.65 ? 122 ARG A CZ  1 
ATOM   780  N NH1 . ARG A 1 122 ? -5.486  -7.659  -10.345 1.00 70.85 ? 122 ARG A NH1 1 
ATOM   781  N NH2 . ARG A 1 122 ? -4.164  -9.408  -10.994 1.00 60.11 ? 122 ARG A NH2 1 
ATOM   782  N N   . ALA A 1 123 ? 0.732   -4.464  -10.065 1.00 29.09 ? 123 ALA A N   1 
ATOM   783  C CA  . ALA A 1 123 ? 2.005   -4.442  -10.771 1.00 24.20 ? 123 ALA A CA  1 
ATOM   784  C C   . ALA A 1 123 ? 3.169   -4.257  -9.761  1.00 28.25 ? 123 ALA A C   1 
ATOM   785  O O   . ALA A 1 123 ? 4.197   -4.961  -9.843  1.00 28.64 ? 123 ALA A O   1 
ATOM   786  C CB  . ALA A 1 123 ? 1.990   -3.334  -11.851 1.00 25.89 ? 123 ALA A CB  1 
ATOM   787  N N   . GLY A 1 124 ? 3.027   -3.340  -8.796  1.00 25.79 ? 124 GLY A N   1 
ATOM   788  C CA  . GLY A 1 124 ? 4.065   -3.158  -7.751  1.00 26.19 ? 124 GLY A CA  1 
ATOM   789  C C   . GLY A 1 124 ? 4.336   -4.446  -7.002  1.00 28.69 ? 124 GLY A C   1 
ATOM   790  O O   . GLY A 1 124 ? 5.494   -4.806  -6.732  1.00 34.44 ? 124 GLY A O   1 
ATOM   791  N N   . GLN A 1 125 ? 3.275   -5.179  -6.672  1.00 31.60 ? 125 GLN A N   1 
ATOM   792  C CA  . GLN A 1 125 ? 3.425   -6.438  -5.991  1.00 36.70 ? 125 GLN A CA  1 
ATOM   793  C C   . GLN A 1 125 ? 4.187   -7.429  -6.863  1.00 40.18 ? 125 GLN A C   1 
ATOM   794  O O   . GLN A 1 125 ? 5.152   -8.020  -6.395  1.00 37.92 ? 125 GLN A O   1 
ATOM   795  C CB  . GLN A 1 125 ? 2.065   -7.014  -5.531  1.00 47.58 ? 125 GLN A CB  1 
ATOM   796  C CG  . GLN A 1 125 ? 2.125   -7.952  -4.327  1.00 62.05 ? 125 GLN A CG  1 
ATOM   797  C CD  . GLN A 1 125 ? 2.842   -9.248  -4.655  1.00 68.62 ? 125 GLN A CD  1 
ATOM   798  O OE1 . GLN A 1 125 ? 2.600   -9.857  -5.719  1.00 67.56 ? 125 GLN A OE1 1 
ATOM   799  N NE2 . GLN A 1 125 ? 3.752   -9.666  -3.768  1.00 69.89 ? 125 GLN A NE2 1 
ATOM   800  N N   . ALA A 1 126 ? 3.764   -7.657  -8.101  1.00 36.16 ? 126 ALA A N   1 
ATOM   801  C CA  . ALA A 1 126 ? 4.511   -8.573  -8.936  1.00 35.21 ? 126 ALA A CA  1 
ATOM   802  C C   . ALA A 1 126 ? 5.994   -8.127  -9.141  1.00 36.08 ? 126 ALA A C   1 
ATOM   803  O O   . ALA A 1 126 ? 6.890   -8.972  -9.121  1.00 44.83 ? 126 ALA A O   1 
ATOM   804  C CB  . ALA A 1 126 ? 3.792   -8.809  -10.258 1.00 35.33 ? 126 ALA A CB  1 
ATOM   805  N N   . ALA A 1 127 ? 6.278   -6.827  -9.249  1.00 34.54 ? 127 ALA A N   1 
ATOM   806  C CA  . ALA A 1 127 ? 7.685   -6.352  -9.397  1.00 33.06 ? 127 ALA A CA  1 
ATOM   807  C C   . ALA A 1 127 ? 8.659   -6.592  -8.210  1.00 42.13 ? 127 ALA A C   1 
ATOM   808  O O   . ALA A 1 127 ? 9.893   -6.524  -8.388  1.00 40.27 ? 127 ALA A O   1 
ATOM   809  C CB  . ALA A 1 127 ? 7.704   -4.895  -9.727  1.00 28.83 ? 127 ALA A CB  1 
ATOM   810  N N   . ARG A 1 128 ? 8.129   -6.810  -7.003  1.00 38.55 ? 128 ARG A N   1 
ATOM   811  C CA  . ARG A 1 128 ? 8.943   -7.205  -5.830  1.00 38.92 ? 128 ARG A CA  1 
ATOM   812  C C   . ARG A 1 128 ? 9.843   -8.418  -6.058  1.00 45.35 ? 128 ARG A C   1 
ATOM   813  O O   . ARG A 1 128 ? 10.952  -8.469  -5.500  1.00 44.90 ? 128 ARG A O   1 
ATOM   814  C CB  . ARG A 1 128 ? 8.062   -7.511  -4.638  1.00 32.89 ? 128 ARG A CB  1 
ATOM   815  C CG  . ARG A 1 128 ? 7.758   -6.253  -3.891  1.00 38.22 ? 128 ARG A CG  1 
ATOM   816  C CD  . ARG A 1 128 ? 6.528   -6.409  -3.046  1.00 44.63 ? 128 ARG A CD  1 
ATOM   817  N NE  . ARG A 1 128 ? 6.944   -6.750  -1.704  1.00 54.28 ? 128 ARG A NE  1 
ATOM   818  C CZ  . ARG A 1 128 ? 6.657   -7.886  -1.104  1.00 55.26 ? 128 ARG A CZ  1 
ATOM   819  N NH1 . ARG A 1 128 ? 5.942   -8.807  -1.734  1.00 64.46 ? 128 ARG A NH1 1 
ATOM   820  N NH2 . ARG A 1 128 ? 7.089   -8.078  0.129   1.00 48.14 ? 128 ARG A NH2 1 
ATOM   821  N N   . ALA A 1 129 ? 9.369   -9.381  -6.849  1.00 48.69 ? 129 ALA A N   1 
ATOM   822  C CA  . ALA A 1 129 ? 10.185  -10.552 -7.217  1.00 46.15 ? 129 ALA A CA  1 
ATOM   823  C C   . ALA A 1 129 ? 11.419  -10.217 -8.078  1.00 53.64 ? 129 ALA A C   1 
ATOM   824  O O   . ALA A 1 129 ? 12.382  -10.974 -8.118  1.00 61.43 ? 129 ALA A O   1 
ATOM   825  C CB  . ALA A 1 129 ? 9.330   -11.564 -7.914  1.00 38.86 ? 129 ALA A CB  1 
ATOM   826  N N   . THR A 1 130 ? 11.417  -9.093  -8.769  1.00 54.27 ? 130 THR A N   1 
ATOM   827  C CA  . THR A 1 130 ? 12.436  -8.905  -9.769  1.00 51.80 ? 130 THR A CA  1 
ATOM   828  C C   . THR A 1 130 ? 13.179  -7.590  -9.618  1.00 55.78 ? 130 THR A C   1 
ATOM   829  O O   . THR A 1 130 ? 14.293  -7.444  -10.146 1.00 55.87 ? 130 THR A O   1 
ATOM   830  C CB  . THR A 1 130 ? 11.862  -9.049  -11.200 1.00 54.76 ? 130 THR A CB  1 
ATOM   831  O OG1 . THR A 1 130 ? 10.961  -7.966  -11.469 1.00 53.25 ? 130 THR A OG1 1 
ATOM   832  C CG2 . THR A 1 130 ? 11.132  -10.386 -11.378 1.00 48.24 ? 130 THR A CG2 1 
ATOM   833  N N   . SER A 1 131 ? 12.599  -6.638  -8.898  1.00 38.68 ? 131 SER A N   1 
ATOM   834  C CA  . SER A 1 131 ? 13.206  -5.350  -8.813  1.00 39.72 ? 131 SER A CA  1 
ATOM   835  C C   . SER A 1 131 ? 13.687  -5.023  -7.391  1.00 45.81 ? 131 SER A C   1 
ATOM   836  O O   . SER A 1 131 ? 12.879  -4.912  -6.473  1.00 38.86 ? 131 SER A O   1 
ATOM   837  C CB  . SER A 1 131 ? 12.217  -4.305  -9.266  1.00 35.11 ? 131 SER A CB  1 
ATOM   838  O OG  . SER A 1 131 ? 12.631  -3.076  -8.731  1.00 37.27 ? 131 SER A OG  1 
ATOM   839  N N   . VAL A 1 132 ? 14.997  -4.815  -7.223  1.00 42.34 ? 132 VAL A N   1 
ATOM   840  C CA  . VAL A 1 132 ? 15.539  -4.592  -5.911  1.00 41.84 ? 132 VAL A CA  1 
ATOM   841  C C   . VAL A 1 132 ? 14.979  -3.277  -5.356  1.00 41.10 ? 132 VAL A C   1 
ATOM   842  O O   . VAL A 1 132 ? 14.741  -3.176  -4.162  1.00 35.01 ? 132 VAL A O   1 
ATOM   843  C CB  . VAL A 1 132 ? 17.096  -4.556  -5.900  1.00 42.65 ? 132 VAL A CB  1 
ATOM   844  C CG1 . VAL A 1 132 ? 17.625  -4.771  -4.479  1.00 42.68 ? 132 VAL A CG1 1 
ATOM   845  C CG2 . VAL A 1 132 ? 17.645  -5.629  -6.819  1.00 45.59 ? 132 VAL A CG2 1 
ATOM   846  N N   . GLU A 1 133 ? 14.814  -2.271  -6.214  1.00 34.23 ? 133 GLU A N   1 
ATOM   847  C CA  . GLU A 1 133 ? 14.323  -1.003  -5.768  1.00 31.81 ? 133 GLU A CA  1 
ATOM   848  C C   . GLU A 1 133 ? 12.883  -1.085  -5.240  1.00 29.49 ? 133 GLU A C   1 
ATOM   849  O O   . GLU A 1 133 ? 12.529  -0.330  -4.308  1.00 24.88 ? 133 GLU A O   1 
ATOM   850  C CB  . GLU A 1 133 ? 14.319  0.029   -6.879  1.00 36.09 ? 133 GLU A CB  1 
ATOM   851  C CG  . GLU A 1 133 ? 15.693  0.586   -7.154  1.00 45.50 ? 133 GLU A CG  1 
ATOM   852  C CD  . GLU A 1 133 ? 16.463  -0.332  -8.077  1.00 56.22 ? 133 GLU A CD  1 
ATOM   853  O OE1 . GLU A 1 133 ? 15.915  -1.369  -8.585  1.00 51.57 ? 133 GLU A OE1 1 
ATOM   854  O OE2 . GLU A 1 133 ? 17.648  -0.015  -8.283  1.00 70.96 ? 133 GLU A OE2 1 
ATOM   855  N N   . VAL A 1 134 ? 12.073  -1.927  -5.881  1.00 30.19 ? 134 VAL A N   1 
ATOM   856  C CA  . VAL A 1 134 ? 10.661  -2.004  -5.503  1.00 26.30 ? 134 VAL A CA  1 
ATOM   857  C C   . VAL A 1 134 ? 10.614  -2.816  -4.191  1.00 26.08 ? 134 VAL A C   1 
ATOM   858  O O   . VAL A 1 134 ? 9.898   -2.441  -3.274  1.00 28.51 ? 134 VAL A O   1 
ATOM   859  C CB  . VAL A 1 134 ? 9.806   -2.618  -6.611  1.00 28.50 ? 134 VAL A CB  1 
ATOM   860  C CG1 . VAL A 1 134 ? 8.503   -3.173  -6.033  1.00 27.01 ? 134 VAL A CG1 1 
ATOM   861  C CG2 . VAL A 1 134 ? 9.587   -1.602  -7.757  1.00 28.36 ? 134 VAL A CG2 1 
ATOM   862  N N   . ALA A 1 135 ? 11.434  -3.866  -4.088  1.00 25.11 ? 135 ALA A N   1 
ATOM   863  C CA  . ALA A 1 135 ? 11.560  -4.662  -2.849  1.00 25.62 ? 135 ALA A CA  1 
ATOM   864  C C   . ALA A 1 135 ? 12.008  -3.793  -1.657  1.00 26.43 ? 135 ALA A C   1 
ATOM   865  O O   . ALA A 1 135 ? 11.400  -3.863  -0.555  1.00 25.24 ? 135 ALA A O   1 
ATOM   866  C CB  . ALA A 1 135 ? 12.440  -5.889  -3.030  1.00 29.10 ? 135 ALA A CB  1 
ATOM   867  N N   . GLU A 1 136 ? 12.980  -2.910  -1.861  1.00 24.21 ? 136 GLU A N   1 
ATOM   868  C CA  . GLU A 1 136 ? 13.418  -2.064  -0.760  1.00 23.29 ? 136 GLU A CA  1 
ATOM   869  C C   . GLU A 1 136 ? 12.448  -0.930  -0.431  1.00 22.89 ? 136 GLU A C   1 
ATOM   870  O O   . GLU A 1 136 ? 12.405  -0.490  0.701   1.00 23.15 ? 136 GLU A O   1 
ATOM   871  C CB  . GLU A 1 136 ? 14.809  -1.438  -1.021  1.00 29.89 ? 136 GLU A CB  1 
ATOM   872  C CG  . GLU A 1 136 ? 15.921  -2.470  -1.264  1.00 41.37 ? 136 GLU A CG  1 
ATOM   873  C CD  . GLU A 1 136 ? 17.279  -1.784  -1.570  1.00 52.19 ? 136 GLU A CD  1 
ATOM   874  O OE1 . GLU A 1 136 ? 17.265  -0.683  -2.187  1.00 58.16 ? 136 GLU A OE1 1 
ATOM   875  O OE2 . GLU A 1 136 ? 18.366  -2.316  -1.196  1.00 51.37 ? 136 GLU A OE2 1 
ATOM   876  N N   . LEU A 1 137 ? 11.716  -0.391  -1.409  1.00 20.65 ? 137 LEU A N   1 
ATOM   877  C CA  . LEU A 1 137 ? 10.762  0.598   -1.099  1.00 21.99 ? 137 LEU A CA  1 
ATOM   878  C C   . LEU A 1 137 ? 9.684   -0.017  -0.176  1.00 20.23 ? 137 LEU A C   1 
ATOM   879  O O   . LEU A 1 137 ? 9.319   0.543   0.882   1.00 23.05 ? 137 LEU A O   1 
ATOM   880  C CB  . LEU A 1 137 ? 10.118  1.119   -2.408  1.00 21.91 ? 137 LEU A CB  1 
ATOM   881  C CG  . LEU A 1 137 ? 8.931   2.097   -2.261  1.00 24.41 ? 137 LEU A CG  1 
ATOM   882  C CD1 . LEU A 1 137 ? 9.274   3.384   -1.557  1.00 26.88 ? 137 LEU A CD1 1 
ATOM   883  C CD2 . LEU A 1 137 ? 8.440   2.432   -3.678  1.00 30.03 ? 137 LEU A CD2 1 
ATOM   884  N N   . TRP A 1 138 ? 9.188   -1.153  -0.604  1.00 18.05 ? 138 TRP A N   1 
ATOM   885  C CA  . TRP A 1 138 ? 8.096   -1.814  0.108   1.00 20.73 ? 138 TRP A CA  1 
ATOM   886  C C   . TRP A 1 138 ? 8.549   -2.131  1.536   1.00 19.78 ? 138 TRP A C   1 
ATOM   887  O O   . TRP A 1 138 ? 7.886   -1.791  2.514   1.00 21.00 ? 138 TRP A O   1 
ATOM   888  C CB  . TRP A 1 138 ? 7.582   -3.045  -0.658  1.00 18.71 ? 138 TRP A CB  1 
ATOM   889  C CG  . TRP A 1 138 ? 6.354   -3.536  0.016   1.00 22.26 ? 138 TRP A CG  1 
ATOM   890  C CD1 . TRP A 1 138 ? 6.201   -4.710  0.809   1.00 25.01 ? 138 TRP A CD1 1 
ATOM   891  C CD2 . TRP A 1 138 ? 5.045   -2.818  0.103   1.00 23.49 ? 138 TRP A CD2 1 
ATOM   892  N NE1 . TRP A 1 138 ? 4.889   -4.786  1.304   1.00 23.34 ? 138 TRP A NE1 1 
ATOM   893  C CE2 . TRP A 1 138 ? 4.162   -3.666  0.944   1.00 23.66 ? 138 TRP A CE2 1 
ATOM   894  C CE3 . TRP A 1 138 ? 4.519   -1.640  -0.472  1.00 25.97 ? 138 TRP A CE3 1 
ATOM   895  C CZ2 . TRP A 1 138 ? 2.829   -3.301  1.226   1.00 23.98 ? 138 TRP A CZ2 1 
ATOM   896  C CZ3 . TRP A 1 138 ? 3.174   -1.263  -0.156  1.00 26.33 ? 138 TRP A CZ3 1 
ATOM   897  C CH2 . TRP A 1 138 ? 2.353   -2.082  0.660   1.00 22.41 ? 138 TRP A CH2 1 
ATOM   898  N N   . SER A 1 139 ? 9.743   -2.657  1.665   1.00 18.53 ? 139 SER A N   1 
ATOM   899  C CA  . SER A 1 139 ? 10.310  -3.029  2.953   1.00 18.33 ? 139 SER A CA  1 
ATOM   900  C C   . SER A 1 139 ? 10.509  -1.843  3.861   1.00 18.88 ? 139 SER A C   1 
ATOM   901  O O   . SER A 1 139 ? 10.255  -1.970  5.086   1.00 18.78 ? 139 SER A O   1 
ATOM   902  C CB  . SER A 1 139 ? 11.618  -3.776  2.673   1.00 19.62 ? 139 SER A CB  1 
ATOM   903  O OG  . SER A 1 139 ? 12.348  -3.937  3.846   1.00 29.27 ? 139 SER A OG  1 
ATOM   904  N N   . THR A 1 140 ? 11.056  -0.707  3.361   1.00 16.72 ? 140 THR A N   1 
ATOM   905  C CA  . THR A 1 140 ? 11.208  0.462   4.215   1.00 17.41 ? 140 THR A CA  1 
ATOM   906  C C   . THR A 1 140 ? 9.879   0.949   4.812   1.00 16.91 ? 140 THR A C   1 
ATOM   907  O O   . THR A 1 140 ? 9.783   1.298   5.991   1.00 17.00 ? 140 THR A O   1 
ATOM   908  C CB  . THR A 1 140 ? 11.722  1.645   3.342   1.00 22.06 ? 140 THR A CB  1 
ATOM   909  O OG1 . THR A 1 140 ? 12.931  1.185   2.731   1.00 31.46 ? 140 THR A OG1 1 
ATOM   910  C CG2 . THR A 1 140 ? 12.003  2.811   4.137   1.00 25.15 ? 140 THR A CG2 1 
ATOM   911  N N   . PHE A 1 141 ? 8.890   1.071   3.949   1.00 15.09 ? 141 PHE A N   1 
ATOM   912  C CA  . PHE A 1 141 ? 7.586   1.499   4.400   1.00 17.60 ? 141 PHE A CA  1 
ATOM   913  C C   . PHE A 1 141 ? 6.868   0.493   5.340   1.00 16.51 ? 141 PHE A C   1 
ATOM   914  O O   . PHE A 1 141 ? 6.263   0.917   6.360   1.00 16.99 ? 141 PHE A O   1 
ATOM   915  C CB  . PHE A 1 141 ? 6.744   1.982   3.183   1.00 16.50 ? 141 PHE A CB  1 
ATOM   916  C CG  . PHE A 1 141 ? 7.063   3.408   2.810   1.00 22.00 ? 141 PHE A CG  1 
ATOM   917  C CD1 . PHE A 1 141 ? 6.447   4.489   3.504   1.00 20.83 ? 141 PHE A CD1 1 
ATOM   918  C CD2 . PHE A 1 141 ? 8.035   3.673   1.822   1.00 23.24 ? 141 PHE A CD2 1 
ATOM   919  C CE1 . PHE A 1 141 ? 6.793   5.806   3.183   1.00 26.60 ? 141 PHE A CE1 1 
ATOM   920  C CE2 . PHE A 1 141 ? 8.380   5.018   1.514   1.00 29.10 ? 141 PHE A CE2 1 
ATOM   921  C CZ  . PHE A 1 141 ? 7.767   6.057   2.188   1.00 27.92 ? 141 PHE A CZ  1 
ATOM   922  N N   . MET A 1 142 ? 6.979   -0.797  5.057   1.00 17.32 ? 142 MET A N   1 
ATOM   923  C CA  . MET A 1 142 ? 6.394   -1.812  5.920   1.00 19.12 ? 142 MET A CA  1 
ATOM   924  C C   . MET A 1 142 ? 7.092   -1.711  7.277   1.00 20.28 ? 142 MET A C   1 
ATOM   925  O O   . MET A 1 142 ? 6.463   -1.860  8.258   1.00 16.44 ? 142 MET A O   1 
ATOM   926  C CB  . MET A 1 142 ? 6.583   -3.247  5.371   1.00 20.29 ? 142 MET A CB  1 
ATOM   927  C CG  . MET A 1 142 ? 5.705   -3.531  4.195   1.00 22.18 ? 142 MET A CG  1 
ATOM   928  S SD  . MET A 1 142 ? 3.956   -3.649  4.693   1.00 25.43 ? 142 MET A SD  1 
ATOM   929  C CE  . MET A 1 142 ? 3.863   -5.201  5.607   1.00 24.21 ? 142 MET A CE  1 
ATOM   930  N N   . GLN A 1 143 ? 8.400   -1.451  7.317   1.00 20.24 ? 143 GLN A N   1 
ATOM   931  C CA  . GLN A 1 143 ? 9.045   -1.354  8.620   1.00 21.98 ? 143 GLN A CA  1 
ATOM   932  C C   . GLN A 1 143 ? 8.492   -0.170  9.408   1.00 19.90 ? 143 GLN A C   1 
ATOM   933  O O   . GLN A 1 143 ? 8.186   -0.265  10.621  1.00 16.22 ? 143 GLN A O   1 
ATOM   934  C CB  . GLN A 1 143 ? 10.582  -1.245  8.474   1.00 22.42 ? 143 GLN A CB  1 
ATOM   935  C CG  . GLN A 1 143 ? 11.229  -2.493  7.826   1.00 30.29 ? 143 GLN A CG  1 
ATOM   936  C CD  . GLN A 1 143 ? 12.739  -2.258  7.606   1.00 36.52 ? 143 GLN A CD  1 
ATOM   937  O OE1 . GLN A 1 143 ? 13.423  -1.898  8.538   1.00 41.73 ? 143 GLN A OE1 1 
ATOM   938  N NE2 . GLN A 1 143 ? 13.221  -2.378  6.372   1.00 37.66 ? 143 GLN A NE2 1 
ATOM   939  N N   . LYS A 1 144 ? 8.257   0.919   8.690   1.00 20.39 ? 144 LYS A N   1 
ATOM   940  C CA  . LYS A 1 144 ? 7.763   2.125   9.307   1.00 19.87 ? 144 LYS A CA  1 
ATOM   941  C C   . LYS A 1 144 ? 6.327   1.889   9.837   1.00 19.45 ? 144 LYS A C   1 
ATOM   942  O O   . LYS A 1 144 ? 6.009   2.309   10.945  1.00 16.44 ? 144 LYS A O   1 
ATOM   943  C CB  . LYS A 1 144 ? 7.772   3.297   8.269   1.00 24.25 ? 144 LYS A CB  1 
ATOM   944  C CG  . LYS A 1 144 ? 7.238   4.589   8.853   1.00 29.02 ? 144 LYS A CG  1 
ATOM   945  C CD  . LYS A 1 144 ? 7.341   5.771   7.875   1.00 34.12 ? 144 LYS A CD  1 
ATOM   946  C CE  . LYS A 1 144 ? 6.934   7.040   8.608   1.00 38.14 ? 144 LYS A CE  1 
ATOM   947  N NZ  . LYS A 1 144 ? 7.020   8.178   7.641   1.00 42.46 ? 144 LYS A NZ  1 
ATOM   948  N N   . TRP A 1 145 ? 5.476   1.209   9.032   1.00 16.02 ? 145 TRP A N   1 
ATOM   949  C CA  . TRP A 1 145 ? 4.107   0.993   9.414   1.00 15.82 ? 145 TRP A CA  1 
ATOM   950  C C   . TRP A 1 145 ? 3.958   -0.011  10.563  1.00 14.66 ? 145 TRP A C   1 
ATOM   951  O O   . TRP A 1 145 ? 3.142   0.150   11.420  1.00 15.34 ? 145 TRP A O   1 
ATOM   952  C CB  . TRP A 1 145 ? 3.281   0.505   8.228   1.00 15.31 ? 145 TRP A CB  1 
ATOM   953  C CG  . TRP A 1 145 ? 3.205   1.571   7.190   1.00 19.11 ? 145 TRP A CG  1 
ATOM   954  C CD1 . TRP A 1 145 ? 3.263   2.961   7.366   1.00 18.19 ? 145 TRP A CD1 1 
ATOM   955  C CD2 . TRP A 1 145 ? 3.113   1.365   5.745   1.00 18.09 ? 145 TRP A CD2 1 
ATOM   956  N NE1 . TRP A 1 145 ? 3.203   3.588   6.162   1.00 18.83 ? 145 TRP A NE1 1 
ATOM   957  C CE2 . TRP A 1 145 ? 3.122   2.691   5.150   1.00 18.72 ? 145 TRP A CE2 1 
ATOM   958  C CE3 . TRP A 1 145 ? 3.060   0.212   4.899   1.00 19.23 ? 145 TRP A CE3 1 
ATOM   959  C CZ2 . TRP A 1 145 ? 3.008   2.879   3.768   1.00 18.40 ? 145 TRP A CZ2 1 
ATOM   960  C CZ3 . TRP A 1 145 ? 2.976   0.416   3.502   1.00 18.46 ? 145 TRP A CZ3 1 
ATOM   961  C CH2 . TRP A 1 145 ? 2.923   1.707   2.963   1.00 17.44 ? 145 TRP A CH2 1 
ATOM   962  N N   . ILE A 1 146 ? 4.792   -1.023  10.557  1.00 13.67 ? 146 ILE A N   1 
ATOM   963  C CA  . ILE A 1 146 ? 4.889   -1.953  11.704  1.00 13.75 ? 146 ILE A CA  1 
ATOM   964  C C   . ILE A 1 146 ? 5.410   -1.282  12.972  1.00 14.71 ? 146 ILE A C   1 
ATOM   965  O O   . ILE A 1 146 ? 4.955   -1.621  14.047  1.00 14.69 ? 146 ILE A O   1 
ATOM   966  C CB  . ILE A 1 146 ? 5.818   -3.152  11.323  1.00 13.52 ? 146 ILE A CB  1 
ATOM   967  C CG1 . ILE A 1 146 ? 5.111   -4.001  10.214  1.00 14.36 ? 146 ILE A CG1 1 
ATOM   968  C CG2 . ILE A 1 146 ? 6.196   -3.955  12.581  1.00 13.21 ? 146 ILE A CG2 1 
ATOM   969  C CD1 . ILE A 1 146 ? 6.012   -5.048  9.595   1.00 17.03 ? 146 ILE A CD1 1 
ATOM   970  N N   . ALA A 1 147 ? 6.415   -0.409  12.873  1.00 15.69 ? 147 ALA A N   1 
ATOM   971  C CA  . ALA A 1 147 ? 6.885   0.330   14.073  1.00 16.19 ? 147 ALA A CA  1 
ATOM   972  C C   . ALA A 1 147 ? 5.796   1.241   14.698  1.00 17.73 ? 147 ALA A C   1 
ATOM   973  O O   . ALA A 1 147 ? 5.623   1.317   15.925  1.00 16.14 ? 147 ALA A O   1 
ATOM   974  C CB  . ALA A 1 147 ? 8.144   1.189   13.743  1.00 19.69 ? 147 ALA A CB  1 
ATOM   975  N N   . TYR A 1 148 ? 5.032   1.868   13.814  1.00 15.35 ? 148 TYR A N   1 
ATOM   976  C CA  . TYR A 1 148 ? 3.938   2.737   14.247  1.00 16.20 ? 148 TYR A CA  1 
ATOM   977  C C   . TYR A 1 148 ? 2.890   1.859   14.952  1.00 15.14 ? 148 TYR A C   1 
ATOM   978  O O   . TYR A 1 148 ? 2.407   2.175   16.031  1.00 15.43 ? 148 TYR A O   1 
ATOM   979  C CB  . TYR A 1 148 ? 3.349   3.418   13.012  1.00 17.18 ? 148 TYR A CB  1 
ATOM   980  C CG  . TYR A 1 148 ? 2.114   4.162   13.382  1.00 23.03 ? 148 TYR A CG  1 
ATOM   981  C CD1 . TYR A 1 148 ? 2.200   5.307   14.137  1.00 24.13 ? 148 TYR A CD1 1 
ATOM   982  C CD2 . TYR A 1 148 ? 0.860   3.633   13.070  1.00 24.64 ? 148 TYR A CD2 1 
ATOM   983  C CE1 . TYR A 1 148 ? 1.080   5.993   14.536  1.00 25.90 ? 148 TYR A CE1 1 
ATOM   984  C CE2 . TYR A 1 148 ? -0.289  4.341   13.405  1.00 27.21 ? 148 TYR A CE2 1 
ATOM   985  C CZ  . TYR A 1 148 ? -0.150  5.521   14.155  1.00 30.58 ? 148 TYR A CZ  1 
ATOM   986  O OH  . TYR A 1 148 ? -1.278  6.217   14.582  1.00 38.15 ? 148 TYR A OH  1 
ATOM   987  N N   . THR A 1 149 ? 2.589   0.712   14.339  1.00 14.09 ? 149 THR A N   1 
ATOM   988  C CA  . THR A 1 149 ? 1.563   -0.191  14.894  1.00 12.46 ? 149 THR A CA  1 
ATOM   989  C C   . THR A 1 149 ? 2.060   -0.690  16.267  1.00 12.05 ? 149 THR A C   1 
ATOM   990  O O   . THR A 1 149 ? 1.298   -0.725  17.236  1.00 15.35 ? 149 THR A O   1 
ATOM   991  C CB  . THR A 1 149 ? 1.339   -1.414  13.971  1.00 9.95  ? 149 THR A CB  1 
ATOM   992  O OG1 . THR A 1 149 ? 0.808   -1.003  12.726  1.00 11.88 ? 149 THR A OG1 1 
ATOM   993  C CG2 . THR A 1 149 ? 0.325   -2.475  14.574  1.00 11.93 ? 149 THR A CG2 1 
ATOM   994  N N   . ALA A 1 150 ? 3.313   -1.057  16.348  1.00 12.55 ? 150 ALA A N   1 
ATOM   995  C CA  . ALA A 1 150 ? 3.762   -1.543  17.702  1.00 16.52 ? 150 ALA A CA  1 
ATOM   996  C C   . ALA A 1 150 ? 3.757   -0.398  18.747  1.00 16.79 ? 150 ALA A C   1 
ATOM   997  O O   . ALA A 1 150 ? 3.541   -0.697  19.937  1.00 18.59 ? 150 ALA A O   1 
ATOM   998  C CB  . ALA A 1 150 ? 5.144   -2.144  17.599  1.00 16.62 ? 150 ALA A CB  1 
ATOM   999  N N   . ALA A 1 151 ? 4.135   0.833   18.309  1.00 19.69 ? 151 ALA A N   1 
ATOM   1000 C CA  . ALA A 1 151 ? 4.120   2.071   19.201  1.00 21.14 ? 151 ALA A CA  1 
ATOM   1001 C C   . ALA A 1 151 ? 2.725   2.276   19.753  1.00 21.97 ? 151 ALA A C   1 
ATOM   1002 O O   . ALA A 1 151 ? 2.530   2.469   20.995  1.00 20.41 ? 151 ALA A O   1 
ATOM   1003 C CB  . ALA A 1 151 ? 4.613   3.341   18.479  1.00 22.06 ? 151 ALA A CB  1 
ATOM   1004 N N   . VAL A 1 152 ? 1.724   2.146   18.886  1.00 19.63 ? 152 VAL A N   1 
ATOM   1005 C CA  . VAL A 1 152 ? 0.352   2.282   19.329  1.00 20.13 ? 152 VAL A CA  1 
ATOM   1006 C C   . VAL A 1 152 ? -0.057  1.115   20.302  1.00 20.26 ? 152 VAL A C   1 
ATOM   1007 O O   . VAL A 1 152 ? -0.654  1.385   21.361  1.00 21.60 ? 152 VAL A O   1 
ATOM   1008 C CB  . VAL A 1 152 ? -0.669  2.388   18.129  1.00 18.94 ? 152 VAL A CB  1 
ATOM   1009 C CG1 . VAL A 1 152 ? -2.112  2.542   18.632  1.00 22.60 ? 152 VAL A CG1 1 
ATOM   1010 C CG2 . VAL A 1 152 ? -0.326  3.480   17.113  1.00 23.52 ? 152 VAL A CG2 1 
ATOM   1011 N N   . ILE A 1 153 ? 0.230   -0.158  19.986  1.00 20.24 ? 153 ILE A N   1 
ATOM   1012 C CA  . ILE A 1 153 ? -0.011  -1.266  20.917  1.00 20.48 ? 153 ILE A CA  1 
ATOM   1013 C C   . ILE A 1 153 ? 0.682   -1.060  22.303  1.00 22.30 ? 153 ILE A C   1 
ATOM   1014 O O   . ILE A 1 153 ? 0.109   -1.334  23.334  1.00 23.03 ? 153 ILE A O   1 
ATOM   1015 C CB  . ILE A 1 153 ? 0.452   -2.592  20.308  1.00 20.39 ? 153 ILE A CB  1 
ATOM   1016 C CG1 . ILE A 1 153 ? -0.408  -2.863  19.020  1.00 19.27 ? 153 ILE A CG1 1 
ATOM   1017 C CG2 . ILE A 1 153 ? 0.353   -3.721  21.344  1.00 20.15 ? 153 ILE A CG2 1 
ATOM   1018 C CD1 . ILE A 1 153 ? 0.033   -4.063  18.208  1.00 18.53 ? 153 ILE A CD1 1 
ATOM   1019 N N   . ASP A 1 154 ? 1.922   -0.624  22.274  1.00 20.87 ? 154 ASP A N   1 
ATOM   1020 C CA  . ASP A 1 154 ? 2.661   -0.303  23.490  1.00 24.71 ? 154 ASP A CA  1 
ATOM   1021 C C   . ASP A 1 154 ? 1.985   0.815   24.310  1.00 23.89 ? 154 ASP A C   1 
ATOM   1022 O O   . ASP A 1 154 ? 1.883   0.656   25.515  1.00 27.84 ? 154 ASP A O   1 
ATOM   1023 C CB  . ASP A 1 154 ? 4.113   0.066   23.140  1.00 23.74 ? 154 ASP A CB  1 
ATOM   1024 C CG  . ASP A 1 154 ? 4.964   -1.188  22.871  1.00 34.50 ? 154 ASP A CG  1 
ATOM   1025 O OD1 . ASP A 1 154 ? 4.566   -2.333  23.258  1.00 37.14 ? 154 ASP A OD1 1 
ATOM   1026 O OD2 . ASP A 1 154 ? 6.019   -1.043  22.233  1.00 41.00 ? 154 ASP A OD2 1 
ATOM   1027 N N   . ALA A 1 155 ? 1.552   1.895   23.660  1.00 25.76 ? 155 ALA A N   1 
ATOM   1028 C CA  . ALA A 1 155 ? 0.793   2.988   24.300  1.00 30.13 ? 155 ALA A CA  1 
ATOM   1029 C C   . ALA A 1 155 ? -0.446  2.402   24.920  1.00 28.72 ? 155 ALA A C   1 
ATOM   1030 O O   . ALA A 1 155 ? -0.738  2.655   26.091  1.00 27.79 ? 155 ALA A O   1 
ATOM   1031 C CB  . ALA A 1 155 ? 0.442   4.096   23.297  1.00 28.81 ? 155 ALA A CB  1 
ATOM   1032 N N   . GLU A 1 156 ? -1.136  1.539   24.186  1.00 26.11 ? 156 GLU A N   1 
ATOM   1033 C CA  . GLU A 1 156 ? -2.322  0.895   24.680  1.00 24.18 ? 156 GLU A CA  1 
ATOM   1034 C C   . GLU A 1 156 ? -2.089  -0.002  25.896  1.00 24.53 ? 156 GLU A C   1 
ATOM   1035 O O   . GLU A 1 156 ? -2.899  -0.039  26.843  1.00 30.68 ? 156 GLU A O   1 
ATOM   1036 C CB  . GLU A 1 156 ? -2.998  0.081   23.563  1.00 25.75 ? 156 GLU A CB  1 
ATOM   1037 C CG  . GLU A 1 156 ? -3.743  0.901   22.485  1.00 25.74 ? 156 GLU A CG  1 
ATOM   1038 C CD  . GLU A 1 156 ? -4.964  1.649   23.030  1.00 30.54 ? 156 GLU A CD  1 
ATOM   1039 O OE1 . GLU A 1 156 ? -6.099  1.249   22.731  1.00 25.17 ? 156 GLU A OE1 1 
ATOM   1040 O OE2 . GLU A 1 156 ? -4.810  2.607   23.844  1.00 30.38 ? 156 GLU A OE2 1 
ATOM   1041 N N   . ARG A 1 157 ? -0.984  -0.746  25.899  1.00 22.48 ? 157 ARG A N   1 
ATOM   1042 C CA  . ARG A 1 157 ? -0.681  -1.567  27.052  1.00 21.16 ? 157 ARG A CA  1 
ATOM   1043 C C   . ARG A 1 157 ? -0.295  -0.655  28.249  1.00 23.26 ? 157 ARG A C   1 
ATOM   1044 O O   . ARG A 1 157 ? -0.695  -0.926  29.375  1.00 28.54 ? 157 ARG A O   1 
ATOM   1045 C CB  . ARG A 1 157 ? 0.470   -2.494  26.728  1.00 19.44 ? 157 ARG A CB  1 
ATOM   1046 C CG  . ARG A 1 157 ? 0.017   -3.532  25.654  1.00 18.37 ? 157 ARG A CG  1 
ATOM   1047 C CD  . ARG A 1 157 ? 1.280   -4.270  25.236  1.00 19.30 ? 157 ARG A CD  1 
ATOM   1048 N NE  . ARG A 1 157 ? 0.807   -5.371  24.365  1.00 21.09 ? 157 ARG A NE  1 
ATOM   1049 C CZ  . ARG A 1 157 ? 1.575   -6.308  23.854  1.00 21.33 ? 157 ARG A CZ  1 
ATOM   1050 N NH1 . ARG A 1 157 ? 2.863   -6.364  24.149  1.00 19.00 ? 157 ARG A NH1 1 
ATOM   1051 N NH2 . ARG A 1 157 ? 1.004   -7.249  23.117  1.00 22.14 ? 157 ARG A NH2 1 
ATOM   1052 N N   . ASP A 1 158 ? 0.532   0.336   27.983  1.00 25.27 ? 158 ASP A N   1 
ATOM   1053 C CA  . ASP A 1 158 ? 0.984   1.321   29.028  1.00 33.06 ? 158 ASP A CA  1 
ATOM   1054 C C   . ASP A 1 158 ? -0.195  1.952   29.736  1.00 36.62 ? 158 ASP A C   1 
ATOM   1055 O O   . ASP A 1 158 ? -0.217  2.042   30.969  1.00 39.30 ? 158 ASP A O   1 
ATOM   1056 C CB  . ASP A 1 158 ? 1.852   2.388   28.392  1.00 30.94 ? 158 ASP A CB  1 
ATOM   1057 C CG  . ASP A 1 158 ? 3.225   1.885   28.135  1.00 40.33 ? 158 ASP A CG  1 
ATOM   1058 O OD1 . ASP A 1 158 ? 3.484   0.727   28.569  1.00 43.62 ? 158 ASP A OD1 1 
ATOM   1059 O OD2 . ASP A 1 158 ? 4.027   2.599   27.472  1.00 43.41 ? 158 ASP A OD2 1 
ATOM   1060 N N   . ARG A 1 159 ? -1.196  2.329   28.963  1.00 31.36 ? 159 ARG A N   1 
ATOM   1061 C CA  . ARG A 1 159 ? -2.411  2.868   29.538  1.00 38.75 ? 159 ARG A CA  1 
ATOM   1062 C C   . ARG A 1 159 ? -3.361  1.839   30.212  1.00 38.28 ? 159 ARG A C   1 
ATOM   1063 O O   . ARG A 1 159 ? -4.384  2.198   30.771  1.00 39.57 ? 159 ARG A O   1 
ATOM   1064 C CB  . ARG A 1 159 ? -3.064  3.792   28.514  1.00 40.93 ? 159 ARG A CB  1 
ATOM   1065 C CG  . ARG A 1 159 ? -4.365  3.320   27.920  1.00 45.95 ? 159 ARG A CG  1 
ATOM   1066 C CD  . ARG A 1 159 ? -4.902  4.457   27.047  1.00 51.36 ? 159 ARG A CD  1 
ATOM   1067 N NE  . ARG A 1 159 ? -4.107  4.541   25.827  1.00 57.46 ? 159 ARG A NE  1 
ATOM   1068 C CZ  . ARG A 1 159 ? -3.229  5.500   25.533  1.00 65.15 ? 159 ARG A CZ  1 
ATOM   1069 N NH1 . ARG A 1 159 ? -3.048  6.518   26.363  1.00 72.81 ? 159 ARG A NH1 1 
ATOM   1070 N NH2 . ARG A 1 159 ? -2.543  5.446   24.379  1.00 65.16 ? 159 ARG A NH2 1 
ATOM   1071 N N   . GLY A 1 160 ? -3.013  0.558   30.196  1.00 35.96 ? 160 GLY A N   1 
ATOM   1072 C CA  . GLY A 1 160 ? -3.867  -0.443  30.811  1.00 33.79 ? 160 GLY A CA  1 
ATOM   1073 C C   . GLY A 1 160 ? -5.046  -0.922  29.988  1.00 30.98 ? 160 GLY A C   1 
ATOM   1074 O O   . GLY A 1 160 ? -5.855  -1.665  30.507  1.00 31.50 ? 160 GLY A O   1 
ATOM   1075 N N   . ALA A 1 161 ? -5.120  -0.520  28.710  1.00 32.48 ? 161 ALA A N   1 
ATOM   1076 C CA  . ALA A 1 161 ? -6.212  -0.886  27.793  1.00 35.79 ? 161 ALA A CA  1 
ATOM   1077 C C   . ALA A 1 161 ? -6.015  -2.178  27.026  1.00 33.54 ? 161 ALA A C   1 
ATOM   1078 O O   . ALA A 1 161 ? -6.973  -2.737  26.570  1.00 35.25 ? 161 ALA A O   1 
ATOM   1079 C CB  . ALA A 1 161 ? -6.496  0.243   26.794  1.00 36.46 ? 161 ALA A CB  1 
ATOM   1080 N N   . ALA A 1 162 ? -4.777  -2.645  26.865  1.00 31.48 ? 162 ALA A N   1 
ATOM   1081 C CA  . ALA A 1 162 ? -4.499  -3.955  26.203  1.00 30.84 ? 162 ALA A CA  1 
ATOM   1082 C C   . ALA A 1 162 ? -3.599  -4.818  27.109  1.00 26.88 ? 162 ALA A C   1 
ATOM   1083 O O   . ALA A 1 162 ? -2.749  -4.279  27.799  1.00 24.63 ? 162 ALA A O   1 
ATOM   1084 C CB  . ALA A 1 162 ? -3.820  -3.716  24.851  1.00 23.53 ? 162 ALA A CB  1 
ATOM   1085 N N   . PRO A 1 163 ? -3.744  -6.145  27.073  1.00 28.61 ? 163 PRO A N   1 
ATOM   1086 C CA  . PRO A 1 163 ? -2.886  -6.961  28.001  1.00 28.12 ? 163 PRO A CA  1 
ATOM   1087 C C   . PRO A 1 163 ? -1.479  -7.209  27.382  1.00 28.34 ? 163 PRO A C   1 
ATOM   1088 O O   . PRO A 1 163 ? -1.333  -7.163  26.164  1.00 27.17 ? 163 PRO A O   1 
ATOM   1089 C CB  . PRO A 1 163 ? -3.683  -8.287  28.124  1.00 24.43 ? 163 PRO A CB  1 
ATOM   1090 C CG  . PRO A 1 163 ? -4.371  -8.411  26.774  1.00 30.23 ? 163 PRO A CG  1 
ATOM   1091 C CD  . PRO A 1 163 ? -4.688  -6.996  26.296  1.00 27.38 ? 163 PRO A CD  1 
ATOM   1092 N N   . ARG A 1 164 ? -0.467  -7.440  28.205  1.00 23.84 ? 164 ARG A N   1 
ATOM   1093 C CA  . ARG A 1 164 ? 0.865   -7.743  27.754  1.00 28.49 ? 164 ARG A CA  1 
ATOM   1094 C C   . ARG A 1 164 ? 0.909   -9.221  27.304  1.00 26.70 ? 164 ARG A C   1 
ATOM   1095 O O   . ARG A 1 164 ? 1.233   -10.127 28.057  1.00 25.58 ? 164 ARG A O   1 
ATOM   1096 C CB  . ARG A 1 164 ? 1.934   -7.375  28.859  1.00 30.98 ? 164 ARG A CB  1 
ATOM   1097 C CG  . ARG A 1 164 ? 1.863   -5.867  29.245  1.00 40.31 ? 164 ARG A CG  1 
ATOM   1098 C CD  . ARG A 1 164 ? 3.079   -5.281  29.987  1.00 41.92 ? 164 ARG A CD  1 
ATOM   1099 N NE  . ARG A 1 164 ? 2.952   -3.811  30.172  1.00 48.24 ? 164 ARG A NE  1 
ATOM   1100 C CZ  . ARG A 1 164 ? 3.323   -2.860  29.278  1.00 45.07 ? 164 ARG A CZ  1 
ATOM   1101 N NH1 . ARG A 1 164 ? 3.839   -3.158  28.093  1.00 46.90 ? 164 ARG A NH1 1 
ATOM   1102 N NH2 . ARG A 1 164 ? 3.164   -1.578  29.545  1.00 43.97 ? 164 ARG A NH2 1 
ATOM   1103 N N   . THR A 1 165 ? 0.546   -9.479  26.062  1.00 23.33 ? 165 THR A N   1 
ATOM   1104 C CA  . THR A 1 165 ? 0.542   -10.832 25.535  1.00 23.89 ? 165 THR A CA  1 
ATOM   1105 C C   . THR A 1 165 ? 1.812   -11.070 24.735  1.00 27.46 ? 165 THR A C   1 
ATOM   1106 O O   . THR A 1 165 ? 2.882   -11.115 25.325  1.00 29.34 ? 165 THR A O   1 
ATOM   1107 C CB  . THR A 1 165 ? -0.751  -11.092 24.716  1.00 21.95 ? 165 THR A CB  1 
ATOM   1108 O OG1 . THR A 1 165 ? -0.904  -10.025 23.811  1.00 20.13 ? 165 THR A OG1 1 
ATOM   1109 C CG2 . THR A 1 165 ? -1.988  -11.141 25.662  1.00 23.13 ? 165 THR A CG2 1 
ATOM   1110 N N   . LEU A 1 166 ? 1.738   -11.137 23.410  1.00 21.05 ? 166 LEU A N   1 
ATOM   1111 C CA  . LEU A 1 166 ? 2.906   -11.292 22.571  1.00 22.71 ? 166 LEU A CA  1 
ATOM   1112 C C   . LEU A 1 166 ? 3.757   -10.020 22.631  1.00 22.30 ? 166 LEU A C   1 
ATOM   1113 O O   . LEU A 1 166 ? 3.221   -8.953  22.840  1.00 24.29 ? 166 LEU A O   1 
ATOM   1114 C CB  . LEU A 1 166 ? 2.486   -11.358 21.062  1.00 20.14 ? 166 LEU A CB  1 
ATOM   1115 C CG  . LEU A 1 166 ? 1.709   -12.600 20.644  1.00 22.55 ? 166 LEU A CG  1 
ATOM   1116 C CD1 . LEU A 1 166 ? 1.438   -12.392 19.170  1.00 19.81 ? 166 LEU A CD1 1 
ATOM   1117 C CD2 . LEU A 1 166 ? 2.486   -13.870 20.989  1.00 24.88 ? 166 LEU A CD2 1 
ATOM   1118 N N   . PRO A 1 167 ? 5.058   -10.145 22.351  1.00 21.95 ? 167 PRO A N   1 
ATOM   1119 C CA  . PRO A 1 167 ? 5.896   -8.970  21.981  1.00 22.70 ? 167 PRO A CA  1 
ATOM   1120 C C   . PRO A 1 167 ? 5.200   -8.129  20.874  1.00 21.85 ? 167 PRO A C   1 
ATOM   1121 O O   . PRO A 1 167 ? 4.735   -8.661  19.856  1.00 19.07 ? 167 PRO A O   1 
ATOM   1122 C CB  . PRO A 1 167 ? 7.135   -9.604  21.400  1.00 21.68 ? 167 PRO A CB  1 
ATOM   1123 C CG  . PRO A 1 167 ? 7.237   -10.964 22.118  1.00 22.77 ? 167 PRO A CG  1 
ATOM   1124 C CD  . PRO A 1 167 ? 5.817   -11.416 22.288  1.00 21.53 ? 167 PRO A CD  1 
ATOM   1125 N N   . ALA A 1 168 ? 5.030   -6.853  21.176  1.00 20.27 ? 168 ALA A N   1 
ATOM   1126 C CA  . ALA A 1 168 ? 4.184   -5.936  20.392  1.00 21.19 ? 168 ALA A CA  1 
ATOM   1127 C C   . ALA A 1 168 ? 4.678   -5.824  18.943  1.00 19.42 ? 168 ALA A C   1 
ATOM   1128 O O   . ALA A 1 168 ? 3.902   -5.735  17.936  1.00 17.53 ? 168 ALA A O   1 
ATOM   1129 C CB  . ALA A 1 168 ? 4.184   -4.580  21.075  1.00 20.32 ? 168 ALA A CB  1 
ATOM   1130 N N   . HIS A 1 169 ? 5.979   -5.878  18.794  1.00 17.22 ? 169 HIS A N   1 
ATOM   1131 C CA  . HIS A 1 169 ? 6.544   -5.684  17.513  1.00 19.84 ? 169 HIS A CA  1 
ATOM   1132 C C   . HIS A 1 169 ? 6.322   -6.911  16.650  1.00 20.11 ? 169 HIS A C   1 
ATOM   1133 O O   . HIS A 1 169 ? 6.030   -6.771  15.438  1.00 17.67 ? 169 HIS A O   1 
ATOM   1134 C CB  . HIS A 1 169 ? 8.026   -5.290  17.617  1.00 18.72 ? 169 HIS A CB  1 
ATOM   1135 C CG  . HIS A 1 169 ? 8.604   -4.810  16.304  1.00 18.86 ? 169 HIS A CG  1 
ATOM   1136 N ND1 . HIS A 1 169 ? 9.122   -5.671  15.373  1.00 20.79 ? 169 HIS A ND1 1 
ATOM   1137 C CD2 . HIS A 1 169 ? 8.658   -3.515  15.744  1.00 17.55 ? 169 HIS A CD2 1 
ATOM   1138 C CE1 . HIS A 1 169 ? 9.517   -4.959  14.263  1.00 18.60 ? 169 HIS A CE1 1 
ATOM   1139 N NE2 . HIS A 1 169 ? 9.253   -3.607  14.520  1.00 20.80 ? 169 HIS A NE2 1 
ATOM   1140 N N   . GLU A 1 170 ? 6.349   -8.102  17.263  1.00 15.63 ? 170 GLU A N   1 
ATOM   1141 C CA  . GLU A 1 170 ? 6.083   -9.305  16.482  1.00 18.33 ? 170 GLU A CA  1 
ATOM   1142 C C   . GLU A 1 170 ? 4.568   -9.412  16.126  1.00 16.62 ? 170 GLU A C   1 
ATOM   1143 O O   . GLU A 1 170 ? 4.197   -9.871  14.993  1.00 15.04 ? 170 GLU A O   1 
ATOM   1144 C CB  . GLU A 1 170 ? 6.573   -10.577 17.251  1.00 18.52 ? 170 GLU A CB  1 
ATOM   1145 C CG  . GLU A 1 170 ? 8.114   -10.594 17.428  1.00 20.05 ? 170 GLU A CG  1 
ATOM   1146 C CD  . GLU A 1 170 ? 8.630   -11.606 18.489  1.00 23.62 ? 170 GLU A CD  1 
ATOM   1147 O OE1 . GLU A 1 170 ? 7.798   -12.434 18.989  1.00 21.70 ? 170 GLU A OE1 1 
ATOM   1148 O OE2 . GLU A 1 170 ? 9.875   -11.539 18.837  1.00 23.86 ? 170 GLU A OE2 1 
ATOM   1149 N N   . LEU A 1 171 ? 3.744   -9.098  17.098  1.00 15.90 ? 171 LEU A N   1 
ATOM   1150 C CA  . LEU A 1 171 ? 2.275   -8.971  16.846  1.00 17.20 ? 171 LEU A CA  1 
ATOM   1151 C C   . LEU A 1 171 ? 2.011   -7.988  15.676  1.00 14.43 ? 171 LEU A C   1 
ATOM   1152 O O   . LEU A 1 171 ? 1.311   -8.311  14.676  1.00 12.41 ? 171 LEU A O   1 
ATOM   1153 C CB  . LEU A 1 171 ? 1.512   -8.561  18.105  1.00 17.21 ? 171 LEU A CB  1 
ATOM   1154 C CG  . LEU A 1 171 ? -0.012  -8.386  17.897  1.00 17.66 ? 171 LEU A CG  1 
ATOM   1155 C CD1 . LEU A 1 171 ? -0.658  -9.672  17.341  1.00 16.77 ? 171 LEU A CD1 1 
ATOM   1156 C CD2 . LEU A 1 171 ? -0.633  -7.961  19.203  1.00 18.73 ? 171 LEU A CD2 1 
ATOM   1157 N N   . ALA A 1 172 ? 2.524   -6.772  15.840  1.00 15.69 ? 172 ALA A N   1 
ATOM   1158 C CA  . ALA A 1 172 ? 2.451   -5.783  14.722  1.00 14.79 ? 172 ALA A CA  1 
ATOM   1159 C C   . ALA A 1 172 ? 2.921   -6.357  13.381  1.00 13.81 ? 172 ALA A C   1 
ATOM   1160 O O   . ALA A 1 172 ? 2.297   -6.063  12.334  1.00 13.32 ? 172 ALA A O   1 
ATOM   1161 C CB  . ALA A 1 172 ? 3.251   -4.519  15.082  1.00 13.78 ? 172 ALA A CB  1 
ATOM   1162 N N   . THR A 1 173 ? 4.072   -7.077  13.328  1.00 13.76 ? 173 THR A N   1 
ATOM   1163 C CA  . THR A 1 173 ? 4.530   -7.623  12.083  1.00 13.85 ? 173 THR A CA  1 
ATOM   1164 C C   . THR A 1 173 ? 3.499   -8.587  11.367  1.00 13.95 ? 173 THR A C   1 
ATOM   1165 O O   . THR A 1 173 ? 3.191   -8.411  10.200  1.00 13.96 ? 173 THR A O   1 
ATOM   1166 C CB  . THR A 1 173 ? 5.889   -8.380  12.296  1.00 16.29 ? 173 THR A CB  1 
ATOM   1167 O OG1 . THR A 1 173 ? 6.806   -7.396  12.825  1.00 14.93 ? 173 THR A OG1 1 
ATOM   1168 C CG2 . THR A 1 173 ? 6.402   -8.838  11.020  1.00 17.55 ? 173 THR A CG2 1 
ATOM   1169 N N   . ALA A 1 174 ? 3.003   -9.559  12.086  1.00 13.12 ? 174 ALA A N   1 
ATOM   1170 C CA  . ALA A 1 174 ? 2.093   -10.556 11.501  1.00 12.44 ? 174 ALA A CA  1 
ATOM   1171 C C   . ALA A 1 174 ? 0.827   -9.856  11.068  1.00 12.80 ? 174 ALA A C   1 
ATOM   1172 O O   . ALA A 1 174 ? 0.252   -10.254 10.031  1.00 12.20 ? 174 ALA A O   1 
ATOM   1173 C CB  . ALA A 1 174 ? 1.760   -11.614 12.603  1.00 11.40 ? 174 ALA A CB  1 
ATOM   1174 N N   . LEU A 1 175 ? 0.337   -8.856  11.859  1.00 13.08 ? 175 LEU A N   1 
ATOM   1175 C CA  . LEU A 1 175 ? -0.962  -8.177  11.530  1.00 12.70 ? 175 LEU A CA  1 
ATOM   1176 C C   . LEU A 1 175 ? -0.802  -7.315  10.292  1.00 15.45 ? 175 LEU A C   1 
ATOM   1177 O O   . LEU A 1 175 ? -1.694  -7.266  9.484   1.00 14.75 ? 175 LEU A O   1 
ATOM   1178 C CB  . LEU A 1 175 ? -1.490  -7.283  12.721  1.00 14.98 ? 175 LEU A CB  1 
ATOM   1179 C CG  . LEU A 1 175 ? -2.021  -8.114  13.967  1.00 12.98 ? 175 LEU A CG  1 
ATOM   1180 C CD1 . LEU A 1 175 ? -2.371  -7.086  15.031  1.00 13.37 ? 175 LEU A CD1 1 
ATOM   1181 C CD2 . LEU A 1 175 ? -3.275  -9.000  13.687  1.00 12.45 ? 175 LEU A CD2 1 
ATOM   1182 N N   . ASN A 1 176 ? 0.322   -6.610  10.151  1.00 12.86 ? 176 ASN A N   1 
ATOM   1183 C CA  . ASN A 1 176 ? 0.591   -5.898  8.915   1.00 13.81 ? 176 ASN A CA  1 
ATOM   1184 C C   . ASN A 1 176 ? 0.805   -6.813  7.714   1.00 14.49 ? 176 ASN A C   1 
ATOM   1185 O O   . ASN A 1 176 ? 0.321   -6.462  6.638   1.00 14.12 ? 176 ASN A O   1 
ATOM   1186 C CB  . ASN A 1 176 ? 1.847   -4.970  9.108   1.00 14.21 ? 176 ASN A CB  1 
ATOM   1187 C CG  . ASN A 1 176 ? 1.482   -3.649  9.780   1.00 15.73 ? 176 ASN A CG  1 
ATOM   1188 O OD1 . ASN A 1 176 ? 1.178   -2.689  9.080   1.00 17.26 ? 176 ASN A OD1 1 
ATOM   1189 N ND2 . ASN A 1 176 ? 1.413   -3.614  11.125  1.00 14.87 ? 176 ASN A ND2 1 
ATOM   1190 N N   . LEU A 1 177 ? 1.507   -7.955  7.887   1.00 13.75 ? 177 LEU A N   1 
ATOM   1191 C CA  . LEU A 1 177 ? 1.628   -8.980  6.764   1.00 13.65 ? 177 LEU A CA  1 
ATOM   1192 C C   . LEU A 1 177 ? 0.238   -9.543  6.365   1.00 14.35 ? 177 LEU A C   1 
ATOM   1193 O O   . LEU A 1 177 ? -0.043  -9.707  5.150   1.00 17.09 ? 177 LEU A O   1 
ATOM   1194 C CB  . LEU A 1 177 ? 2.600   -10.124 7.129   1.00 13.88 ? 177 LEU A CB  1 
ATOM   1195 C CG  . LEU A 1 177 ? 4.060   -9.521  7.098   1.00 14.05 ? 177 LEU A CG  1 
ATOM   1196 C CD1 . LEU A 1 177 ? 4.924   -10.613 7.706   1.00 17.28 ? 177 LEU A CD1 1 
ATOM   1197 C CD2 . LEU A 1 177 ? 4.615   -9.018  5.771   1.00 14.73 ? 177 LEU A CD2 1 
ATOM   1198 N N   . MET A 1 178 ? -0.591  -9.830  7.348   1.00 14.40 ? 178 MET A N   1 
ATOM   1199 C CA  . MET A 1 178 ? -1.908  -10.324 7.049   1.00 15.61 ? 178 MET A CA  1 
ATOM   1200 C C   . MET A 1 178 ? -2.625  -9.280  6.165   1.00 15.97 ? 178 MET A C   1 
ATOM   1201 O O   . MET A 1 178 ? -3.250  -9.646  5.130   1.00 13.43 ? 178 MET A O   1 
ATOM   1202 C CB  . MET A 1 178 ? -2.712  -10.475 8.311   1.00 13.71 ? 178 MET A CB  1 
ATOM   1203 C CG  . MET A 1 178 ? -4.240  -10.777 7.999   1.00 15.18 ? 178 MET A CG  1 
ATOM   1204 S SD  . MET A 1 178 ? -5.250  -11.083 9.446   1.00 18.45 ? 178 MET A SD  1 
ATOM   1205 C CE  . MET A 1 178 ? -5.146  -9.506  10.397  1.00 14.05 ? 178 MET A CE  1 
ATOM   1206 N N   . ASN A 1 179 ? -2.603  -8.018  6.589   1.00 14.42 ? 179 ASN A N   1 
ATOM   1207 C CA  . ASN A 1 179 ? -3.296  -6.964  5.772   1.00 17.03 ? 179 ASN A CA  1 
ATOM   1208 C C   . ASN A 1 179 ? -2.730  -6.808  4.370   1.00 17.95 ? 179 ASN A C   1 
ATOM   1209 O O   . ASN A 1 179 ? -3.523  -6.640  3.428   1.00 15.96 ? 179 ASN A O   1 
ATOM   1210 C CB  . ASN A 1 179 ? -3.303  -5.551  6.464   1.00 17.52 ? 179 ASN A CB  1 
ATOM   1211 C CG  . ASN A 1 179 ? -4.175  -5.535  7.702   1.00 19.93 ? 179 ASN A CG  1 
ATOM   1212 O OD1 . ASN A 1 179 ? -4.594  -6.600  8.214   1.00 19.68 ? 179 ASN A OD1 1 
ATOM   1213 N ND2 . ASN A 1 179 ? -4.450  -4.347  8.210   1.00 16.83 ? 179 ASN A ND2 1 
ATOM   1214 N N   . GLU A 1 180 ? -1.399  -6.855  4.228   1.00 14.45 ? 180 GLU A N   1 
ATOM   1215 C CA  . GLU A 1 180 ? -0.818  -6.758  2.914   1.00 18.13 ? 180 GLU A CA  1 
ATOM   1216 C C   . GLU A 1 180 ? -1.378  -7.896  2.032   1.00 17.65 ? 180 GLU A C   1 
ATOM   1217 O O   . GLU A 1 180 ? -1.887  -7.594  0.895   1.00 15.99 ? 180 GLU A O   1 
ATOM   1218 C CB  . GLU A 1 180 ? 0.704   -6.799  2.959   1.00 18.99 ? 180 GLU A CB  1 
ATOM   1219 C CG  . GLU A 1 180 ? 1.366   -7.078  1.639   1.00 22.00 ? 180 GLU A CG  1 
ATOM   1220 C CD  . GLU A 1 180 ? 2.794   -7.596  1.748   1.00 20.82 ? 180 GLU A CD  1 
ATOM   1221 O OE1 . GLU A 1 180 ? 3.601   -7.012  2.462   1.00 20.23 ? 180 GLU A OE1 1 
ATOM   1222 O OE2 . GLU A 1 180 ? 3.136   -8.577  1.050   1.00 27.75 ? 180 GLU A OE2 1 
ATOM   1223 N N   . ARG A 1 181 ? -1.356  -9.138  2.542   1.00 15.29 ? 181 ARG A N   1 
ATOM   1224 C CA  . ARG A 1 181 ? -1.722  -10.284 1.683   1.00 15.28 ? 181 ARG A CA  1 
ATOM   1225 C C   . ARG A 1 181 ? -3.230  -10.259 1.422   1.00 15.70 ? 181 ARG A C   1 
ATOM   1226 O O   . ARG A 1 181 ? -3.680  -10.590 0.285   1.00 16.49 ? 181 ARG A O   1 
ATOM   1227 C CB  . ARG A 1 181 ? -1.376  -11.577 2.388   1.00 16.74 ? 181 ARG A CB  1 
ATOM   1228 C CG  . ARG A 1 181 ? -1.483  -12.832 1.514   1.00 18.10 ? 181 ARG A CG  1 
ATOM   1229 C CD  . ARG A 1 181 ? -0.548  -12.804 0.299   1.00 23.05 ? 181 ARG A CD  1 
ATOM   1230 N NE  . ARG A 1 181 ? -0.860  -13.989 -0.476  1.00 27.97 ? 181 ARG A NE  1 
ATOM   1231 C CZ  . ARG A 1 181 ? -1.688  -14.033 -1.510  1.00 31.20 ? 181 ARG A CZ  1 
ATOM   1232 N NH1 . ARG A 1 181 ? -2.214  -12.937 -1.994  1.00 31.41 ? 181 ARG A NH1 1 
ATOM   1233 N NH2 . ARG A 1 181 ? -1.950  -15.202 -2.065  1.00 37.24 ? 181 ARG A NH2 1 
ATOM   1234 N N   . THR A 1 182 ? -3.989  -9.925  2.474   1.00 17.13 ? 182 THR A N   1 
ATOM   1235 C CA  . THR A 1 182 ? -5.496  -10.055 2.448   1.00 16.49 ? 182 THR A CA  1 
ATOM   1236 C C   . THR A 1 182 ? -6.031  -8.922  1.576   1.00 18.75 ? 182 THR A C   1 
ATOM   1237 O O   . THR A 1 182 ? -6.798  -9.178  0.681   1.00 17.70 ? 182 THR A O   1 
ATOM   1238 C CB  . THR A 1 182 ? -6.119  -10.107 3.845   1.00 18.24 ? 182 THR A CB  1 
ATOM   1239 O OG1 . THR A 1 182 ? -5.492  -11.214 4.553   1.00 17.76 ? 182 THR A OG1 1 
ATOM   1240 C CG2 . THR A 1 182 ? -7.688  -10.394 3.720   1.00 18.76 ? 182 THR A CG2 1 
ATOM   1241 N N   . LEU A 1 183 ? -5.628  -7.671  1.850   1.00 14.52 ? 183 LEU A N   1 
ATOM   1242 C CA  . LEU A 1 183 ? -6.033  -6.525  0.984   1.00 17.30 ? 183 LEU A CA  1 
ATOM   1243 C C   . LEU A 1 183 ? -5.746  -6.814  -0.445  1.00 18.45 ? 183 LEU A C   1 
ATOM   1244 O O   . LEU A 1 183 ? -6.666  -6.667  -1.293  1.00 17.20 ? 183 LEU A O   1 
ATOM   1245 C CB  . LEU A 1 183 ? -5.392  -5.199  1.400   1.00 16.27 ? 183 LEU A CB  1 
ATOM   1246 C CG  . LEU A 1 183 ? -6.006  -4.651  2.686   1.00 17.17 ? 183 LEU A CG  1 
ATOM   1247 C CD1 . LEU A 1 183 ? -5.087  -3.473  3.006   1.00 23.34 ? 183 LEU A CD1 1 
ATOM   1248 C CD2 . LEU A 1 183 ? -7.501  -4.245  2.619   1.00 20.60 ? 183 LEU A CD2 1 
ATOM   1249 N N   . PHE A 1 184 ? -4.503  -7.267  -0.720  1.00 17.61 ? 184 PHE A N   1 
ATOM   1250 C CA  . PHE A 1 184 ? -4.102  -7.454  -2.090  1.00 22.76 ? 184 PHE A CA  1 
ATOM   1251 C C   . PHE A 1 184 ? -4.786  -8.648  -2.807  1.00 20.82 ? 184 PHE A C   1 
ATOM   1252 O O   . PHE A 1 184 ? -5.184  -8.486  -3.981  1.00 24.21 ? 184 PHE A O   1 
ATOM   1253 C CB  . PHE A 1 184 ? -2.535  -7.377  -2.274  1.00 24.80 ? 184 PHE A CB  1 
ATOM   1254 C CG  . PHE A 1 184 ? -1.914  -6.041  -1.739  1.00 29.22 ? 184 PHE A CG  1 
ATOM   1255 C CD1 . PHE A 1 184 ? -2.726  -4.923  -1.405  1.00 31.76 ? 184 PHE A CD1 1 
ATOM   1256 C CD2 . PHE A 1 184 ? -0.528  -5.907  -1.531  1.00 27.80 ? 184 PHE A CD2 1 
ATOM   1257 C CE1 . PHE A 1 184 ? -2.176  -3.706  -0.896  1.00 35.21 ? 184 PHE A CE1 1 
ATOM   1258 C CE2 . PHE A 1 184 ? 0.012   -4.702  -1.026  1.00 27.31 ? 184 PHE A CE2 1 
ATOM   1259 C CZ  . PHE A 1 184 ? -0.808  -3.612  -0.697  1.00 30.61 ? 184 PHE A CZ  1 
ATOM   1260 N N   . ALA A 1 185 ? -5.006  -9.772  -2.124  1.00 20.57 ? 185 ALA A N   1 
ATOM   1261 C CA  . ALA A 1 185 ? -5.826  -10.864 -2.699  1.00 18.75 ? 185 ALA A CA  1 
ATOM   1262 C C   . ALA A 1 185 ? -7.248  -10.312 -3.052  1.00 19.83 ? 185 ALA A C   1 
ATOM   1263 O O   . ALA A 1 185 ? -7.773  -10.644 -4.167  1.00 21.38 ? 185 ALA A O   1 
ATOM   1264 C CB  . ALA A 1 185 ? -5.940  -11.996 -1.680  1.00 21.19 ? 185 ALA A CB  1 
ATOM   1265 N N   . SER A 1 186 ? -7.851  -9.508  -2.138  1.00 17.31 ? 186 SER A N   1 
ATOM   1266 C CA  . SER A 1 186 ? -9.216  -8.948  -2.345  1.00 18.71 ? 186 SER A CA  1 
ATOM   1267 C C   . SER A 1 186 ? -9.246  -8.048  -3.549  1.00 22.20 ? 186 SER A C   1 
ATOM   1268 O O   . SER A 1 186 ? -10.187 -8.134  -4.379  1.00 22.42 ? 186 SER A O   1 
ATOM   1269 C CB  . SER A 1 186 ? -9.728  -8.162  -1.080  1.00 18.57 ? 186 SER A CB  1 
ATOM   1270 O OG  . SER A 1 186 ? -9.936  -9.146  -0.108  1.00 29.68 ? 186 SER A OG  1 
ATOM   1271 N N   . PHE A 1 187 ? -8.255  -7.157  -3.638  1.00 18.03 ? 187 PHE A N   1 
ATOM   1272 C CA  . PHE A 1 187 ? -8.234  -6.216  -4.765  1.00 21.54 ? 187 PHE A CA  1 
ATOM   1273 C C   . PHE A 1 187 ? -8.015  -6.907  -6.097  1.00 27.52 ? 187 PHE A C   1 
ATOM   1274 O O   . PHE A 1 187 ? -8.575  -6.442  -7.100  1.00 24.13 ? 187 PHE A O   1 
ATOM   1275 C CB  . PHE A 1 187 ? -7.111  -5.187  -4.643  1.00 20.10 ? 187 PHE A CB  1 
ATOM   1276 C CG  . PHE A 1 187 ? -7.299  -4.248  -3.471  1.00 20.51 ? 187 PHE A CG  1 
ATOM   1277 C CD1 . PHE A 1 187 ? -8.582  -4.035  -2.909  1.00 21.63 ? 187 PHE A CD1 1 
ATOM   1278 C CD2 . PHE A 1 187 ? -6.224  -3.550  -2.974  1.00 22.54 ? 187 PHE A CD2 1 
ATOM   1279 C CE1 . PHE A 1 187 ? -8.740  -3.187  -1.781  1.00 19.82 ? 187 PHE A CE1 1 
ATOM   1280 C CE2 . PHE A 1 187 ? -6.370  -2.714  -1.863  1.00 23.39 ? 187 PHE A CE2 1 
ATOM   1281 C CZ  . PHE A 1 187 ? -7.633  -2.528  -1.282  1.00 20.71 ? 187 PHE A CZ  1 
ATOM   1282 N N   . ALA A 1 188 ? -7.179  -7.949  -6.128  1.00 25.05 ? 188 ALA A N   1 
ATOM   1283 C CA  . ALA A 1 188 ? -6.964  -8.702  -7.400  1.00 29.80 ? 188 ALA A CA  1 
ATOM   1284 C C   . ALA A 1 188 ? -8.067  -9.692  -7.739  1.00 29.86 ? 188 ALA A C   1 
ATOM   1285 O O   . ALA A 1 188 ? -8.051  -10.301 -8.790  1.00 32.24 ? 188 ALA A O   1 
ATOM   1286 C CB  . ALA A 1 188 ? -5.577  -9.361  -7.402  1.00 27.32 ? 188 ALA A CB  1 
ATOM   1287 N N   . GLY A 1 189 ? -9.056  -9.806  -6.881  1.00 30.23 ? 189 GLY A N   1 
ATOM   1288 C CA  . GLY A 1 189 ? -10.059 -10.860 -6.968  1.00 32.05 ? 189 GLY A CA  1 
ATOM   1289 C C   . GLY A 1 189 ? -9.461  -12.265 -7.004  1.00 35.92 ? 189 GLY A C   1 
ATOM   1290 O O   . GLY A 1 189 ? -9.961  -13.106 -7.775  1.00 31.43 ? 189 GLY A O   1 
ATOM   1291 N N   . GLU A 1 190 ? -8.453  -12.563 -6.159  1.00 28.30 ? 190 GLU A N   1 
ATOM   1292 C CA  . GLU A 1 190 ? -7.783  -13.876 -6.206  1.00 27.21 ? 190 GLU A CA  1 
ATOM   1293 C C   . GLU A 1 190 ? -8.715  -14.943 -5.658  1.00 27.21 ? 190 GLU A C   1 
ATOM   1294 O O   . GLU A 1 190 ? -9.627  -14.654 -4.885  1.00 23.85 ? 190 GLU A O   1 
ATOM   1295 C CB  . GLU A 1 190 ? -6.487  -13.950 -5.377  1.00 27.37 ? 190 GLU A CB  1 
ATOM   1296 C CG  . GLU A 1 190 ? -5.353  -13.162 -5.926  1.00 28.24 ? 190 GLU A CG  1 
ATOM   1297 C CD  . GLU A 1 190 ? -4.116  -13.295 -5.072  1.00 33.81 ? 190 GLU A CD  1 
ATOM   1298 O OE1 . GLU A 1 190 ? -4.048  -14.165 -4.157  1.00 40.24 ? 190 GLU A OE1 1 
ATOM   1299 O OE2 . GLU A 1 190 ? -3.186  -12.543 -5.340  1.00 40.37 ? 190 GLU A OE2 1 
ATOM   1300 N N   . GLN A 1 191 ? -8.456  -16.182 -6.058  1.00 27.91 ? 191 GLN A N   1 
ATOM   1301 C CA  . GLN A 1 191 ? -9.178  -17.331 -5.524  1.00 30.12 ? 191 GLN A CA  1 
ATOM   1302 C C   . GLN A 1 191 ? -8.160  -18.069 -4.670  1.00 27.77 ? 191 GLN A C   1 
ATOM   1303 O O   . GLN A 1 191 ? -7.174  -18.601 -5.195  1.00 29.22 ? 191 GLN A O   1 
ATOM   1304 C CB  . GLN A 1 191 ? -9.630  -18.160 -6.712  1.00 35.34 ? 191 GLN A CB  1 
ATOM   1305 C CG  . GLN A 1 191 ? -10.403 -19.392 -6.385  1.00 47.71 ? 191 GLN A CG  1 
ATOM   1306 C CD  . GLN A 1 191 ? -11.845 -19.042 -6.221  1.00 57.43 ? 191 GLN A CD  1 
ATOM   1307 O OE1 . GLN A 1 191 ? -12.220 -18.425 -5.228  1.00 59.14 ? 191 GLN A OE1 1 
ATOM   1308 N NE2 . GLN A 1 191 ? -12.657 -19.378 -7.211  1.00 56.06 ? 191 GLN A NE2 1 
ATOM   1309 N N   . PRO A 1 192 ? -8.301  -18.034 -3.332  1.00 25.79 ? 192 PRO A N   1 
ATOM   1310 C CA  . PRO A 1 192 ? -9.319  -17.483 -2.438  1.00 23.39 ? 192 PRO A CA  1 
ATOM   1311 C C   . PRO A 1 192 ? -9.019  -16.033 -2.013  1.00 20.92 ? 192 PRO A C   1 
ATOM   1312 O O   . PRO A 1 192 ? -7.840  -15.572 -1.978  1.00 21.97 ? 192 PRO A O   1 
ATOM   1313 C CB  . PRO A 1 192 ? -9.175  -18.390 -1.212  1.00 23.32 ? 192 PRO A CB  1 
ATOM   1314 C CG  . PRO A 1 192 ? -7.676  -18.615 -1.120  1.00 23.52 ? 192 PRO A CG  1 
ATOM   1315 C CD  . PRO A 1 192 ? -7.241  -18.771 -2.578  1.00 24.59 ? 192 PRO A CD  1 
ATOM   1316 N N   . SER A 1 193 ? -10.061 -15.323 -1.601  1.00 20.17 ? 193 SER A N   1 
ATOM   1317 C CA  . SER A 1 193 ? -9.875  -13.996 -1.079  1.00 18.59 ? 193 SER A CA  1 
ATOM   1318 C C   . SER A 1 193 ? -11.125 -13.614 -0.332  1.00 18.94 ? 193 SER A C   1 
ATOM   1319 O O   . SER A 1 193 ? -12.141 -14.233 -0.533  1.00 19.95 ? 193 SER A O   1 
ATOM   1320 C CB  . SER A 1 193 ? -9.602  -12.997 -2.206  1.00 20.74 ? 193 SER A CB  1 
ATOM   1321 O OG  . SER A 1 193 ? -10.706 -12.964 -3.111  1.00 20.50 ? 193 SER A OG  1 
ATOM   1322 N N   . VAL A 1 194 ? -11.040 -12.625 0.530   1.00 18.31 ? 194 VAL A N   1 
ATOM   1323 C CA  . VAL A 1 194 ? -12.259 -12.055 1.227   1.00 16.02 ? 194 VAL A CA  1 
ATOM   1324 C C   . VAL A 1 194 ? -12.817 -11.091 0.183   1.00 16.12 ? 194 VAL A C   1 
ATOM   1325 O O   . VAL A 1 194 ? -12.065 -10.313 -0.390  1.00 14.88 ? 194 VAL A O   1 
ATOM   1326 C CB  . VAL A 1 194 ? -11.817 -11.294 2.479   1.00 16.83 ? 194 VAL A CB  1 
ATOM   1327 C CG1 . VAL A 1 194 ? -13.024 -10.796 3.247   1.00 16.31 ? 194 VAL A CG1 1 
ATOM   1328 C CG2 . VAL A 1 194 ? -11.102 -12.297 3.388   1.00 19.10 ? 194 VAL A CG2 1 
ATOM   1329 N N   . PRO A 1 195 ? -14.114 -11.100 -0.025  1.00 16.22 ? 195 PRO A N   1 
ATOM   1330 C CA  . PRO A 1 195 ? -14.678 -10.108 -0.949  1.00 18.86 ? 195 PRO A CA  1 
ATOM   1331 C C   . PRO A 1 195 ? -14.327 -8.695  -0.424  1.00 18.56 ? 195 PRO A C   1 
ATOM   1332 O O   . PRO A 1 195 ? -14.338 -8.409  0.820   1.00 15.94 ? 195 PRO A O   1 
ATOM   1333 C CB  . PRO A 1 195 ? -16.206 -10.276 -0.744  1.00 19.97 ? 195 PRO A CB  1 
ATOM   1334 C CG  . PRO A 1 195 ? -16.381 -11.667 -0.224  1.00 21.29 ? 195 PRO A CG  1 
ATOM   1335 C CD  . PRO A 1 195 ? -15.147 -12.001 0.578   1.00 18.10 ? 195 PRO A CD  1 
ATOM   1336 N N   . GLU A 1 196 ? -14.129 -7.804  -1.359  1.00 17.60 ? 196 GLU A N   1 
ATOM   1337 C CA  . GLU A 1 196 ? -13.697 -6.454  -1.044  1.00 19.90 ? 196 GLU A CA  1 
ATOM   1338 C C   . GLU A 1 196 ? -14.670 -5.667  -0.162  1.00 18.21 ? 196 GLU A C   1 
ATOM   1339 O O   . GLU A 1 196 ? -14.229 -4.903  0.746   1.00 17.53 ? 196 GLU A O   1 
ATOM   1340 C CB  . GLU A 1 196 ? -13.397 -5.789  -2.366  1.00 24.63 ? 196 GLU A CB  1 
ATOM   1341 C CG  . GLU A 1 196 ? -12.841 -4.404  -2.203  1.00 32.63 ? 196 GLU A CG  1 
ATOM   1342 C CD  . GLU A 1 196 ? -12.575 -3.716  -3.534  1.00 36.49 ? 196 GLU A CD  1 
ATOM   1343 O OE1 . GLU A 1 196 ? -12.143 -4.392  -4.511  1.00 42.79 ? 196 GLU A OE1 1 
ATOM   1344 O OE2 . GLU A 1 196 ? -12.747 -2.491  -3.544  1.00 47.02 ? 196 GLU A OE2 1 
ATOM   1345 N N   . ALA A 1 197 ? -15.983 -5.954  -0.235  1.00 15.97 ? 197 ALA A N   1 
ATOM   1346 C CA  . ALA A 1 197 ? -16.945 -5.286  0.659   1.00 17.65 ? 197 ALA A CA  1 
ATOM   1347 C C   . ALA A 1 197 ? -16.944 -5.896  2.054   1.00 17.90 ? 197 ALA A C   1 
ATOM   1348 O O   . ALA A 1 197 ? -17.630 -5.370  2.924   1.00 17.74 ? 197 ALA A O   1 
ATOM   1349 C CB  . ALA A 1 197 ? -18.351 -5.315  0.060   1.00 17.29 ? 197 ALA A CB  1 
ATOM   1350 N N   . ARG A 1 198 ? -16.158 -6.976  2.289   1.00 14.67 ? 198 ARG A N   1 
ATOM   1351 C CA  . ARG A 1 198 ? -16.059 -7.600  3.657   1.00 13.63 ? 198 ARG A CA  1 
ATOM   1352 C C   . ARG A 1 198 ? -14.666 -7.549  4.256   1.00 13.76 ? 198 ARG A C   1 
ATOM   1353 O O   . ARG A 1 198 ? -14.468 -7.929  5.437   1.00 14.51 ? 198 ARG A O   1 
ATOM   1354 C CB  . ARG A 1 198 ? -16.507 -9.054  3.630   1.00 18.56 ? 198 ARG A CB  1 
ATOM   1355 C CG  . ARG A 1 198 ? -18.002 -9.183  3.290   1.00 20.38 ? 198 ARG A CG  1 
ATOM   1356 C CD  . ARG A 1 198 ? -18.920 -8.751  4.432   1.00 20.47 ? 198 ARG A CD  1 
ATOM   1357 N NE  . ARG A 1 198 ? -18.433 -9.356  5.692   1.00 26.44 ? 198 ARG A NE  1 
ATOM   1358 C CZ  . ARG A 1 198 ? -18.527 -8.762  6.879   1.00 28.51 ? 198 ARG A CZ  1 
ATOM   1359 N NH1 . ARG A 1 198 ? -19.167 -7.628  6.938   1.00 27.88 ? 198 ARG A NH1 1 
ATOM   1360 N NH2 . ARG A 1 198 ? -18.055 -9.294  8.022   1.00 28.14 ? 198 ARG A NH2 1 
ATOM   1361 N N   . VAL A 1 199 ? -13.691 -7.118  3.487   1.00 13.25 ? 199 VAL A N   1 
ATOM   1362 C CA  . VAL A 1 199 ? -12.275 -7.295  3.999   1.00 15.70 ? 199 VAL A CA  1 
ATOM   1363 C C   . VAL A 1 199 ? -11.967 -6.305  5.180   1.00 16.14 ? 199 VAL A C   1 
ATOM   1364 O O   . VAL A 1 199 ? -11.297 -6.662  6.159   1.00 17.16 ? 199 VAL A O   1 
ATOM   1365 C CB  . VAL A 1 199 ? -11.321 -7.322  2.809   1.00 17.67 ? 199 VAL A CB  1 
ATOM   1366 C CG1 . VAL A 1 199 ? -11.272 -5.990  2.148   1.00 16.62 ? 199 VAL A CG1 1 
ATOM   1367 C CG2 . VAL A 1 199 ? -9.897  -7.765  3.249   1.00 16.99 ? 199 VAL A CG2 1 
ATOM   1368 N N   . LEU A 1 200 ? -12.491 -5.065  5.103   1.00 16.24 ? 200 LEU A N   1 
ATOM   1369 C CA  . LEU A 1 200 ? -12.252 -4.116  6.260   1.00 20.25 ? 200 LEU A CA  1 
ATOM   1370 C C   . LEU A 1 200 ? -12.779 -4.670  7.599   1.00 20.58 ? 200 LEU A C   1 
ATOM   1371 O O   . LEU A 1 200 ? -11.984 -4.813  8.561   1.00 22.83 ? 200 LEU A O   1 
ATOM   1372 C CB  . LEU A 1 200 ? -12.771 -2.706  5.927   1.00 21.22 ? 200 LEU A CB  1 
ATOM   1373 C CG  . LEU A 1 200 ? -12.356 -1.569  6.849   1.00 21.47 ? 200 LEU A CG  1 
ATOM   1374 C CD1 . LEU A 1 200 ? -10.838 -1.447  6.866   1.00 22.45 ? 200 LEU A CD1 1 
ATOM   1375 C CD2 . LEU A 1 200 ? -13.075 -0.343  6.243   1.00 23.30 ? 200 LEU A CD2 1 
ATOM   1376 N N   . ASP A 1 201 ? -14.051 -5.075  7.663   1.00 18.66 ? 201 ASP A N   1 
ATOM   1377 C CA  . ASP A 1 201 ? -14.614 -5.698  8.857   1.00 19.02 ? 201 ASP A CA  1 
ATOM   1378 C C   . ASP A 1 201 ? -13.808 -6.910  9.318   1.00 15.86 ? 201 ASP A C   1 
ATOM   1379 O O   . ASP A 1 201 ? -13.619 -7.173  10.530  1.00 16.94 ? 201 ASP A O   1 
ATOM   1380 C CB  . ASP A 1 201 ? -16.056 -6.193  8.678   1.00 24.47 ? 201 ASP A CB  1 
ATOM   1381 C CG  . ASP A 1 201 ? -17.108 -5.080  8.661   1.00 30.86 ? 201 ASP A CG  1 
ATOM   1382 O OD1 . ASP A 1 201 ? -16.815 -3.913  8.989   1.00 27.37 ? 201 ASP A OD1 1 
ATOM   1383 O OD2 . ASP A 1 201 ? -18.285 -5.425  8.381   1.00 38.24 ? 201 ASP A OD2 1 
ATOM   1384 N N   . THR A 1 202 ? -13.437 -7.751  8.353   1.00 16.13 ? 202 THR A N   1 
ATOM   1385 C CA  . THR A 1 202 ? -12.694 -8.942  8.646   1.00 15.56 ? 202 THR A CA  1 
ATOM   1386 C C   . THR A 1 202 ? -11.399 -8.643  9.391   1.00 13.85 ? 202 THR A C   1 
ATOM   1387 O O   . THR A 1 202 ? -11.079 -9.230  10.464  1.00 13.95 ? 202 THR A O   1 
ATOM   1388 C CB  . THR A 1 202 ? -12.448 -9.741  7.307   1.00 18.70 ? 202 THR A CB  1 
ATOM   1389 O OG1 . THR A 1 202 ? -13.747 -10.117 6.798   1.00 18.33 ? 202 THR A OG1 1 
ATOM   1390 C CG2 . THR A 1 202 ? -11.686 -11.043 7.603   1.00 17.82 ? 202 THR A CG2 1 
ATOM   1391 N N   . LEU A 1 203 ? -10.622 -7.775  8.804   1.00 13.39 ? 203 LEU A N   1 
ATOM   1392 C CA  . LEU A 1 203 ? -9.316  -7.406  9.385   1.00 16.47 ? 203 LEU A CA  1 
ATOM   1393 C C   . LEU A 1 203 ? -9.425  -6.645  10.658  1.00 14.56 ? 203 LEU A C   1 
ATOM   1394 O O   . LEU A 1 203 ? -8.689  -6.957  11.672  1.00 16.12 ? 203 LEU A O   1 
ATOM   1395 C CB  . LEU A 1 203 ? -8.520  -6.582  8.395   1.00 14.07 ? 203 LEU A CB  1 
ATOM   1396 C CG  . LEU A 1 203 ? -8.191  -7.319  7.050   1.00 17.64 ? 203 LEU A CG  1 
ATOM   1397 C CD1 . LEU A 1 203 ? -7.644  -6.316  6.046   1.00 15.90 ? 203 LEU A CD1 1 
ATOM   1398 C CD2 . LEU A 1 203 ? -7.226  -8.559  7.086   1.00 15.64 ? 203 LEU A CD2 1 
ATOM   1399 N N   . VAL A 1 204 ? -10.436 -5.810  10.775  1.00 14.11 ? 204 VAL A N   1 
ATOM   1400 C CA  . VAL A 1 204 ? -10.546 -5.021  12.062  1.00 14.61 ? 204 VAL A CA  1 
ATOM   1401 C C   . VAL A 1 204 ? -10.850 -6.049  13.185  1.00 14.68 ? 204 VAL A C   1 
ATOM   1402 O O   . VAL A 1 204 ? -10.312 -5.986  14.282  1.00 14.92 ? 204 VAL A O   1 
ATOM   1403 C CB  . VAL A 1 204 ? -11.675 -3.980  12.001  1.00 16.03 ? 204 VAL A CB  1 
ATOM   1404 C CG1 . VAL A 1 204 ? -11.970 -3.424  13.411  1.00 16.17 ? 204 VAL A CG1 1 
ATOM   1405 C CG2 . VAL A 1 204 ? -11.291 -2.822  11.034  1.00 17.67 ? 204 VAL A CG2 1 
ATOM   1406 N N   . HIS A 1 205 ? -11.670 -7.045  12.896  1.00 15.25 ? 205 HIS A N   1 
ATOM   1407 C CA  . HIS A 1 205 ? -11.991 -8.002  13.945  1.00 14.89 ? 205 HIS A CA  1 
ATOM   1408 C C   . HIS A 1 205 ? -10.735 -8.732  14.392  1.00 14.62 ? 205 HIS A C   1 
ATOM   1409 O O   . HIS A 1 205 ? -10.545 -8.872  15.626  1.00 16.59 ? 205 HIS A O   1 
ATOM   1410 C CB  . HIS A 1 205 ? -12.983 -9.030  13.431  1.00 16.51 ? 205 HIS A CB  1 
ATOM   1411 C CG  . HIS A 1 205 ? -13.129 -10.274 14.340  1.00 17.62 ? 205 HIS A CG  1 
ATOM   1412 N ND1 . HIS A 1 205 ? -14.024 -10.346 15.338  1.00 18.90 ? 205 HIS A ND1 1 
ATOM   1413 C CD2 . HIS A 1 205 ? -12.417 -11.489 14.359  1.00 17.33 ? 205 HIS A CD2 1 
ATOM   1414 C CE1 . HIS A 1 205 ? -13.861 -11.520 16.038  1.00 18.35 ? 205 HIS A CE1 1 
ATOM   1415 N NE2 . HIS A 1 205 ? -12.920 -12.245 15.397  1.00 17.47 ? 205 HIS A NE2 1 
ATOM   1416 N N   . ILE A 1 206 ? -9.897  -9.160  13.416  1.00 14.71 ? 206 ILE A N   1 
ATOM   1417 C CA  . ILE A 1 206 ? -8.647  -9.910  13.739  1.00 13.54 ? 206 ILE A CA  1 
ATOM   1418 C C   . ILE A 1 206 ? -7.735  -9.011  14.586  1.00 15.70 ? 206 ILE A C   1 
ATOM   1419 O O   . ILE A 1 206 ? -7.224  -9.440  15.649  1.00 15.91 ? 206 ILE A O   1 
ATOM   1420 C CB  . ILE A 1 206 ? -8.001  -10.515 12.494  1.00 13.46 ? 206 ILE A CB  1 
ATOM   1421 C CG1 . ILE A 1 206 ? -9.014  -11.540 12.008  1.00 14.41 ? 206 ILE A CG1 1 
ATOM   1422 C CG2 . ILE A 1 206 ? -6.669  -11.234 12.849  1.00 11.68 ? 206 ILE A CG2 1 
ATOM   1423 C CD1 . ILE A 1 206 ? -8.767  -11.959 10.564  1.00 15.50 ? 206 ILE A CD1 1 
ATOM   1424 N N   . TRP A 1 207 ? -7.562  -7.778  14.134  1.00 14.86 ? 207 TRP A N   1 
ATOM   1425 C CA  . TRP A 1 207 ? -6.743  -6.781  14.896  1.00 16.17 ? 207 TRP A CA  1 
ATOM   1426 C C   . TRP A 1 207 ? -7.225  -6.557  16.313  1.00 17.87 ? 207 TRP A C   1 
ATOM   1427 O O   . TRP A 1 207 ? -6.423  -6.702  17.291  1.00 16.71 ? 207 TRP A O   1 
ATOM   1428 C CB  . TRP A 1 207 ? -6.687  -5.469  14.124  1.00 15.83 ? 207 TRP A CB  1 
ATOM   1429 C CG  . TRP A 1 207 ? -5.748  -5.477  12.967  1.00 14.59 ? 207 TRP A CG  1 
ATOM   1430 C CD1 . TRP A 1 207 ? -5.782  -6.290  11.788  1.00 14.01 ? 207 TRP A CD1 1 
ATOM   1431 C CD2 . TRP A 1 207 ? -4.592  -4.608  12.776  1.00 16.58 ? 207 TRP A CD2 1 
ATOM   1432 N NE1 . TRP A 1 207 ? -4.747  -5.998  11.017  1.00 15.42 ? 207 TRP A NE1 1 
ATOM   1433 C CE2 . TRP A 1 207 ? -3.982  -5.014  11.539  1.00 16.71 ? 207 TRP A CE2 1 
ATOM   1434 C CE3 . TRP A 1 207 ? -3.967  -3.596  13.552  1.00 15.93 ? 207 TRP A CE3 1 
ATOM   1435 C CZ2 . TRP A 1 207 ? -2.834  -4.375  11.025  1.00 16.33 ? 207 TRP A CZ2 1 
ATOM   1436 C CZ3 . TRP A 1 207 ? -2.789  -2.985  13.027  1.00 15.61 ? 207 TRP A CZ3 1 
ATOM   1437 C CH2 . TRP A 1 207 ? -2.238  -3.380  11.822  1.00 15.28 ? 207 TRP A CH2 1 
ATOM   1438 N N   . VAL A 1 208 ? -8.532  -6.254  16.486  1.00 16.40 ? 208 VAL A N   1 
ATOM   1439 C CA  . VAL A 1 208 ? -9.016  -5.866  17.804  1.00 19.99 ? 208 VAL A CA  1 
ATOM   1440 C C   . VAL A 1 208 ? -9.003  -7.057  18.757  1.00 17.36 ? 208 VAL A C   1 
ATOM   1441 O O   . VAL A 1 208 ? -8.552  -6.950  19.912  1.00 18.99 ? 208 VAL A O   1 
ATOM   1442 C CB  . VAL A 1 208 ? -10.425 -5.224  17.676  1.00 19.97 ? 208 VAL A CB  1 
ATOM   1443 C CG1 . VAL A 1 208 ? -11.047 -5.065  19.064  1.00 28.30 ? 208 VAL A CG1 1 
ATOM   1444 C CG2 . VAL A 1 208 ? -10.187 -3.891  16.915  1.00 20.57 ? 208 VAL A CG2 1 
ATOM   1445 N N   . THR A 1 209 ? -9.365  -8.237  18.256  1.00 16.39 ? 209 THR A N   1 
ATOM   1446 C CA  . THR A 1 209 ? -9.328  -9.376  19.193  1.00 18.02 ? 209 THR A CA  1 
ATOM   1447 C C   . THR A 1 209 ? -7.909  -9.797  19.495  1.00 18.56 ? 209 THR A C   1 
ATOM   1448 O O   . THR A 1 209 ? -7.620  -10.179 20.664  1.00 18.10 ? 209 THR A O   1 
ATOM   1449 C CB  . THR A 1 209 ? -10.044 -10.614 18.685  1.00 18.51 ? 209 THR A CB  1 
ATOM   1450 O OG1 . THR A 1 209 ? -9.503  -10.943 17.391  1.00 16.67 ? 209 THR A OG1 1 
ATOM   1451 C CG2 . THR A 1 209 ? -11.557 -10.337 18.607  1.00 15.29 ? 209 THR A CG2 1 
ATOM   1452 N N   . SER A 1 210 ? -6.996  -9.629  18.526  1.00 17.50 ? 210 SER A N   1 
ATOM   1453 C CA  . SER A 1 210 ? -5.619  -10.048 18.816  1.00 16.86 ? 210 SER A CA  1 
ATOM   1454 C C   . SER A 1 210 ? -4.850  -9.025  19.651  1.00 17.74 ? 210 SER A C   1 
ATOM   1455 O O   . SER A 1 210 ? -4.000  -9.408  20.520  1.00 17.72 ? 210 SER A O   1 
ATOM   1456 C CB  . SER A 1 210 ? -4.883  -10.462 17.603  1.00 15.49 ? 210 SER A CB  1 
ATOM   1457 O OG  . SER A 1 210 ? -4.450  -9.364  16.790  1.00 17.60 ? 210 SER A OG  1 
ATOM   1458 N N   . ILE A 1 211 ? -5.179  -7.766  19.473  1.00 18.28 ? 211 ILE A N   1 
ATOM   1459 C CA  . ILE A 1 211 ? -4.543  -6.700  20.333  1.00 20.40 ? 211 ILE A CA  1 
ATOM   1460 C C   . ILE A 1 211 ? -5.092  -6.732  21.771  1.00 20.34 ? 211 ILE A C   1 
ATOM   1461 O O   . ILE A 1 211 ? -4.323  -6.546  22.734  1.00 20.04 ? 211 ILE A O   1 
ATOM   1462 C CB  . ILE A 1 211 ? -4.531  -5.329  19.642  1.00 19.75 ? 211 ILE A CB  1 
ATOM   1463 C CG1 . ILE A 1 211 ? -3.670  -5.469  18.367  1.00 17.87 ? 211 ILE A CG1 1 
ATOM   1464 C CG2 . ILE A 1 211 ? -4.038  -4.153  20.587  1.00 19.00 ? 211 ILE A CG2 1 
ATOM   1465 C CD1 . ILE A 1 211 ? -3.810  -4.331  17.338  1.00 19.05 ? 211 ILE A CD1 1 
ATOM   1466 N N   . TYR A 1 212 ? -6.417  -6.827  21.923  1.00 19.69 ? 212 TYR A N   1 
ATOM   1467 C CA  . TYR A 1 212 ? -7.039  -6.567  23.213  1.00 22.82 ? 212 TYR A CA  1 
ATOM   1468 C C   . TYR A 1 212 ? -7.350  -7.886  23.913  1.00 23.40 ? 212 TYR A C   1 
ATOM   1469 O O   . TYR A 1 212 ? -7.702  -7.901  25.095  1.00 20.02 ? 212 TYR A O   1 
ATOM   1470 C CB  . TYR A 1 212 ? -8.327  -5.695  23.056  1.00 21.25 ? 212 TYR A CB  1 
ATOM   1471 C CG  . TYR A 1 212 ? -7.928  -4.344  22.580  1.00 21.79 ? 212 TYR A CG  1 
ATOM   1472 C CD1 . TYR A 1 212 ? -7.380  -3.386  23.473  1.00 23.31 ? 212 TYR A CD1 1 
ATOM   1473 C CD2 . TYR A 1 212 ? -8.058  -3.995  21.242  1.00 21.92 ? 212 TYR A CD2 1 
ATOM   1474 C CE1 . TYR A 1 212 ? -6.923  -2.183  22.990  1.00 20.64 ? 212 TYR A CE1 1 
ATOM   1475 C CE2 . TYR A 1 212 ? -7.634  -2.785  20.768  1.00 21.45 ? 212 TYR A CE2 1 
ATOM   1476 C CZ  . TYR A 1 212 ? -7.080  -1.902  21.648  1.00 21.61 ? 212 TYR A CZ  1 
ATOM   1477 O OH  . TYR A 1 212 ? -6.646  -0.721  21.133  1.00 23.49 ? 212 TYR A OH  1 
ATOM   1478 N N   . GLY A 1 213 ? -7.297  -9.025  23.194  1.00 23.02 ? 213 GLY A N   1 
ATOM   1479 C CA  . GLY A 1 213 ? -7.789  -10.321 23.790  1.00 21.14 ? 213 GLY A CA  1 
ATOM   1480 C C   . GLY A 1 213 ? -6.716  -10.968 24.675  1.00 28.55 ? 213 GLY A C   1 
ATOM   1481 O O   . GLY A 1 213 ? -5.523  -10.895 24.351  1.00 28.18 ? 213 GLY A O   1 
ATOM   1482 N N   . GLU A 1 214 ? -7.114  -11.530 25.829  1.00 36.08 ? 214 GLU A N   1 
ATOM   1483 C CA  . GLU A 1 214 ? -6.109  -11.976 26.854  1.00 43.08 ? 214 GLU A CA  1 
ATOM   1484 C C   . GLU A 1 214 ? -5.672  -13.384 26.541  1.00 40.65 ? 214 GLU A C   1 
ATOM   1485 O O   . GLU A 1 214 ? -6.454  -14.137 25.940  1.00 45.54 ? 214 GLU A O   1 
ATOM   1486 C CB  . GLU A 1 214 ? -6.610  -11.819 28.312  1.00 42.84 ? 214 GLU A CB  1 
ATOM   1487 C CG  . GLU A 1 214 ? -5.491  -11.487 29.324  1.00 46.68 ? 214 GLU A CG  1 
HETATM 1488 O O1  . 6C9 B 2 .   ? -3.290  -2.496  6.494   1.00 30.00 ? 301 6C9 A O1  1 
HETATM 1489 C C5  . 6C9 B 2 .   ? -2.116  -2.200  6.645   1.00 29.87 ? 301 6C9 A C5  1 
HETATM 1490 N N1  . 6C9 B 2 .   ? -1.227  -2.409  5.679   1.00 29.56 ? 301 6C9 A N1  1 
HETATM 1491 C C9  . 6C9 B 2 .   ? 0.210   -2.306  5.908   1.00 29.86 ? 301 6C9 A C9  1 
HETATM 1492 C C8  . 6C9 B 2 .   ? 0.826   -2.611  4.549   1.00 28.73 ? 301 6C9 A C8  1 
HETATM 1493 C C7  . 6C9 B 2 .   ? -0.303  -2.889  3.570   1.00 27.43 ? 301 6C9 A C7  1 
HETATM 1494 C C6  . 6C9 B 2 .   ? -1.622  -2.757  4.320   1.00 26.03 ? 301 6C9 A C6  1 
HETATM 1495 N N   . 6C9 B 2 .   ? -1.687  -1.656  7.781   1.00 25.61 ? 301 6C9 A N   1 
HETATM 1496 C C4  . 6C9 B 2 .   ? -2.593  -0.969  8.682   1.00 22.83 ? 301 6C9 A C4  1 
HETATM 1497 C C1  . 6C9 B 2 .   ? -1.932  -0.781  10.042  1.00 25.75 ? 301 6C9 A C1  1 
HETATM 1498 C C2  . 6C9 B 2 .   ? -0.764  0.187   9.910   1.00 28.13 ? 301 6C9 A C2  1 
HETATM 1499 O O   . 6C9 B 2 .   ? -1.036  1.334   10.719  1.00 34.89 ? 301 6C9 A O   1 
HETATM 1500 C C3  . 6C9 B 2 .   ? -2.294  1.222   11.389  1.00 27.01 ? 301 6C9 A C3  1 
HETATM 1501 C C   . 6C9 B 2 .   ? -2.911  -0.111  10.992  1.00 29.64 ? 301 6C9 A C   1 
HETATM 1502 O O   . HOH C 3 .   ? 11.183  -9.634  17.882  0.50 22.94 ? 401 HOH A O   1 
HETATM 1503 O O   . HOH C 3 .   ? -5.185  -15.970 -2.750  1.00 25.70 ? 402 HOH A O   1 
HETATM 1504 O O   . HOH C 3 .   ? -13.737 2.925   3.184   1.00 19.70 ? 403 HOH A O   1 
HETATM 1505 O O   . HOH C 3 .   ? -3.633  1.894   -10.393 1.00 22.97 ? 404 HOH A O   1 
HETATM 1506 O O   . HOH C 3 .   ? -15.889 -11.206 7.748   1.00 30.26 ? 405 HOH A O   1 
HETATM 1507 O O   . HOH C 3 .   ? 7.608   0.932   17.554  1.00 21.48 ? 406 HOH A O   1 
HETATM 1508 O O   . HOH C 3 .   ? 11.709  2.226   7.486   1.00 29.32 ? 407 HOH A O   1 
HETATM 1509 O O   . HOH C 3 .   ? 4.308   3.822   22.348  1.00 35.63 ? 408 HOH A O   1 
HETATM 1510 O O   . HOH C 3 .   ? 7.536   -2.512  20.646  1.00 30.63 ? 409 HOH A O   1 
HETATM 1511 O O   . HOH C 3 .   ? 1.311   -9.928  -0.356  1.00 30.29 ? 410 HOH A O   1 
HETATM 1512 O O   . HOH C 3 .   ? 9.924   -6.038  -0.035  1.00 36.33 ? 411 HOH A O   1 
HETATM 1513 O O   . HOH C 3 .   ? -14.390 -3.856  3.239   1.00 18.17 ? 412 HOH A O   1 
HETATM 1514 O O   . HOH C 3 .   ? 13.950  1.793   -3.299  1.00 42.11 ? 413 HOH A O   1 
HETATM 1515 O O   . HOH C 3 .   ? -1.679  -6.434  23.474  1.00 19.23 ? 414 HOH A O   1 
HETATM 1516 O O   . HOH C 3 .   ? 10.691  -12.236 21.374  1.00 36.07 ? 415 HOH A O   1 
HETATM 1517 O O   . HOH C 3 .   ? -15.221 -5.855  12.345  1.00 20.74 ? 416 HOH A O   1 
HETATM 1518 O O   . HOH C 3 .   ? -8.522  -11.389 0.701   1.00 18.49 ? 417 HOH A O   1 
HETATM 1519 O O   . HOH C 3 .   ? 7.070   4.514   12.287  1.00 28.21 ? 418 HOH A O   1 
HETATM 1520 O O   . HOH C 3 .   ? 8.868   14.125  -27.930 1.00 27.19 ? 419 HOH A O   1 
HETATM 1521 O O   . HOH C 3 .   ? 9.721   -2.124  12.134  1.00 23.61 ? 420 HOH A O   1 
HETATM 1522 O O   . HOH C 3 .   ? -15.917 -4.779  5.528   1.00 18.21 ? 421 HOH A O   1 
HETATM 1523 O O   . HOH C 3 .   ? -8.080  1.088   -8.735  1.00 23.97 ? 422 HOH A O   1 
HETATM 1524 O O   . HOH C 3 .   ? 15.950  12.785  -25.199 1.00 20.30 ? 423 HOH A O   1 
HETATM 1525 O O   . HOH C 3 .   ? 5.101   -7.879  -16.112 1.00 44.32 ? 424 HOH A O   1 
HETATM 1526 O O   . HOH C 3 .   ? 5.033   -5.250  -12.635 1.00 33.24 ? 425 HOH A O   1 
HETATM 1527 O O   . HOH C 3 .   ? -17.112 -6.904  -2.775  1.00 18.95 ? 426 HOH A O   1 
HETATM 1528 O O   . HOH C 3 .   ? 6.286   -6.037  23.771  1.00 31.49 ? 427 HOH A O   1 
HETATM 1529 O O   . HOH C 3 .   ? -3.552  -6.683  -5.815  1.00 27.49 ? 428 HOH A O   1 
HETATM 1530 O O   . HOH C 3 .   ? 6.313   5.107   15.153  1.00 41.44 ? 429 HOH A O   1 
HETATM 1531 O O   . HOH C 3 .   ? 10.087  -4.222  10.893  1.00 33.03 ? 430 HOH A O   1 
HETATM 1532 O O   . HOH C 3 .   ? -1.157  -7.760  -5.690  1.00 50.43 ? 431 HOH A O   1 
HETATM 1533 O O   . HOH C 3 .   ? -15.684 -1.510  2.988   1.00 27.44 ? 432 HOH A O   1 
# 
